data_6S0T
#
_entry.id   6S0T
#
_cell.length_a   50.614
_cell.length_b   186.468
_cell.length_c   110.828
_cell.angle_alpha   90.00
_cell.angle_beta   95.74
_cell.angle_gamma   90.00
#
_symmetry.space_group_name_H-M   'P 1 21 1'
#
loop_
_entity.id
_entity.type
_entity.pdbx_description
1 polymer 'Kanamycin B dioxygenase'
2 non-polymer 'NICKEL (II) ION'
3 non-polymer 'SULFATE ION'
4 non-polymer 'IODIDE ION'
5 water water
#
_entity_poly.entity_id   1
_entity_poly.type   'polypeptide(L)'
_entity_poly.pdbx_seq_one_letter_code
;SNAMALAAPPGELTLALTPDDKTLDPASLDRALAILAEHGILVLTGMLRTRLTDQLRTAMLDDLPEVLRQQDVPTNFVPG
HVQQDPPVRESLLFPDVLLNPVVYQITHAVLGADARNAVYSGNMNLPGSHEQPVHLDEPHLWPGISHPPYCLCVDVPLID
FTLENGSTEYWPGSHVLNPDECYDERGCVLPAELERRRAVAPPVRFPIPVGSVVIRDGRLWHRGVPNLSAAPRPLLAMTH
YTEWFDMPPIQLPDTVKSWVDGSDRHTHAHFVAGDVDHLTGDHPFAVR
;
_entity_poly.pdbx_strand_id   A,B,C,D,E,F
#
loop_
_chem_comp.id
_chem_comp.type
_chem_comp.name
_chem_comp.formula
IOD non-polymer 'IODIDE ION' 'I -1'
NI non-polymer 'NICKEL (II) ION' 'Ni 2'
SO4 non-polymer 'SULFATE ION' 'O4 S -2'
#
# COMPACT_ATOMS: atom_id res chain seq x y z
N ALA A 5 -18.62 38.25 15.97
CA ALA A 5 -17.75 38.02 17.18
C ALA A 5 -18.33 36.92 18.05
N LEU A 6 -17.48 36.01 18.54
CA LEU A 6 -17.95 34.92 19.42
C LEU A 6 -18.09 35.40 20.88
N ALA A 7 -19.14 34.94 21.56
CA ALA A 7 -19.39 35.28 22.97
C ALA A 7 -18.96 34.18 23.93
N ALA A 8 -18.58 33.02 23.39
CA ALA A 8 -18.20 31.89 24.25
C ALA A 8 -17.35 30.92 23.44
N PRO A 9 -16.66 30.00 24.12
CA PRO A 9 -15.94 28.99 23.35
C PRO A 9 -16.89 28.19 22.47
N PRO A 10 -16.51 27.91 21.22
CA PRO A 10 -17.43 27.15 20.35
C PRO A 10 -17.68 25.74 20.91
N GLY A 11 -18.93 25.30 20.80
CA GLY A 11 -19.34 23.99 21.32
C GLY A 11 -18.53 22.85 20.77
N GLU A 12 -18.12 22.95 19.51
CA GLU A 12 -17.31 21.91 18.87
CA GLU A 12 -17.31 21.91 18.87
C GLU A 12 -15.88 21.74 19.43
N LEU A 13 -15.40 22.74 20.19
CA LEU A 13 -14.09 22.68 20.84
C LEU A 13 -14.15 22.52 22.36
N THR A 14 -15.34 22.42 22.92
CA THR A 14 -15.51 22.60 24.36
C THR A 14 -16.10 21.38 25.04
N LEU A 15 -15.56 21.08 26.22
CA LEU A 15 -16.11 20.08 27.12
CA LEU A 15 -16.11 20.08 27.12
C LEU A 15 -16.28 20.73 28.48
N ALA A 16 -17.47 20.58 29.07
CA ALA A 16 -17.80 21.25 30.32
C ALA A 16 -17.67 20.29 31.48
N LEU A 17 -16.95 20.72 32.50
CA LEU A 17 -16.74 19.93 33.71
C LEU A 17 -17.07 20.74 34.93
N THR A 18 -16.92 20.12 36.09
CA THR A 18 -16.90 20.78 37.41
C THR A 18 -15.51 20.47 38.04
N PRO A 19 -15.07 21.27 39.06
CA PRO A 19 -13.80 20.92 39.74
C PRO A 19 -13.81 19.58 40.52
N ASP A 20 -15.00 19.01 40.81
CA ASP A 20 -15.12 17.67 41.41
C ASP A 20 -14.90 16.50 40.43
N ASP A 21 -15.01 16.75 39.14
CA ASP A 21 -14.78 15.70 38.13
C ASP A 21 -13.28 15.39 38.11
N LYS A 22 -12.91 14.16 38.46
CA LYS A 22 -11.53 13.74 38.55
C LYS A 22 -11.12 12.91 37.33
N THR A 23 -12.09 12.37 36.61
CA THR A 23 -11.85 11.67 35.36
C THR A 23 -13.00 11.93 34.42
N LEU A 24 -12.69 11.92 33.14
CA LEU A 24 -13.70 11.88 32.11
C LEU A 24 -14.18 10.46 31.96
N ASP A 25 -15.47 10.30 31.70
CA ASP A 25 -16.03 8.99 31.37
C ASP A 25 -15.51 8.62 29.97
N PRO A 26 -15.62 7.34 29.59
CA PRO A 26 -15.13 6.91 28.28
C PRO A 26 -15.63 7.72 27.08
N ALA A 27 -16.91 8.06 27.04
CA ALA A 27 -17.47 8.83 25.91
C ALA A 27 -16.92 10.26 25.84
N SER A 28 -16.76 10.90 27.00
CA SER A 28 -16.16 12.24 27.08
C SER A 28 -14.67 12.25 26.72
N LEU A 29 -13.95 11.24 27.21
CA LEU A 29 -12.54 11.11 26.84
C LEU A 29 -12.39 10.93 25.33
N ASP A 30 -13.22 10.08 24.74
CA ASP A 30 -13.20 9.88 23.28
C ASP A 30 -13.44 11.17 22.52
N ARG A 31 -14.41 11.95 22.99
CA ARG A 31 -14.72 13.25 22.40
CA ARG A 31 -14.72 13.25 22.40
C ARG A 31 -13.55 14.23 22.55
N ALA A 32 -12.96 14.29 23.76
CA ALA A 32 -11.77 15.11 24.00
C ALA A 32 -10.67 14.82 22.99
N LEU A 33 -10.38 13.54 22.82
CA LEU A 33 -9.36 13.11 21.87
C LEU A 33 -9.72 13.41 20.41
N ALA A 34 -11.00 13.22 20.04
CA ALA A 34 -11.42 13.53 18.66
C ALA A 34 -11.26 15.02 18.34
N ILE A 35 -11.57 15.86 19.33
CA ILE A 35 -11.40 17.31 19.19
C ILE A 35 -9.94 17.67 18.99
N LEU A 36 -9.06 17.12 19.83
CA LEU A 36 -7.63 17.38 19.71
C LEU A 36 -7.03 16.93 18.40
N ALA A 37 -7.45 15.76 17.92
CA ALA A 37 -6.93 15.25 16.66
C ALA A 37 -7.41 16.09 15.48
N GLU A 38 -8.70 16.44 15.46
CA GLU A 38 -9.26 17.18 14.35
C GLU A 38 -8.89 18.67 14.39
N HIS A 39 -9.16 19.31 15.51
CA HIS A 39 -9.02 20.76 15.63
C HIS A 39 -7.70 21.23 16.27
N GLY A 40 -7.08 20.39 17.08
CA GLY A 40 -5.79 20.75 17.71
C GLY A 40 -5.91 21.61 18.95
N ILE A 41 -7.14 21.86 19.38
CA ILE A 41 -7.41 22.71 20.53
C ILE A 41 -8.71 22.26 21.19
N LEU A 42 -8.66 22.16 22.52
CA LEU A 42 -9.75 21.69 23.34
C LEU A 42 -9.86 22.63 24.52
N VAL A 43 -11.07 23.13 24.75
CA VAL A 43 -11.35 24.00 25.88
C VAL A 43 -12.16 23.24 26.94
N LEU A 44 -11.63 23.17 28.14
CA LEU A 44 -12.26 22.49 29.26
C LEU A 44 -12.74 23.53 30.26
N THR A 45 -14.05 23.70 30.38
CA THR A 45 -14.60 24.69 31.31
C THR A 45 -14.85 24.07 32.69
N GLY A 46 -14.80 24.93 33.70
CA GLY A 46 -15.12 24.55 35.08
C GLY A 46 -14.15 23.58 35.73
N MET A 47 -12.87 23.69 35.38
CA MET A 47 -11.84 22.77 35.89
C MET A 47 -11.25 23.16 37.23
N LEU A 48 -11.03 24.46 37.44
CA LEU A 48 -10.25 24.92 38.59
C LEU A 48 -11.07 25.83 39.49
N ARG A 49 -10.96 25.61 40.78
CA ARG A 49 -11.64 26.40 41.80
C ARG A 49 -11.10 27.84 41.85
N THR A 50 -11.98 28.77 42.17
CA THR A 50 -11.68 30.18 42.35
C THR A 50 -10.56 30.40 43.35
N ARG A 51 -10.55 29.62 44.42
CA ARG A 51 -9.52 29.73 45.46
CA ARG A 51 -9.52 29.72 45.47
C ARG A 51 -8.12 29.59 44.87
N LEU A 52 -7.95 28.69 43.91
CA LEU A 52 -6.65 28.49 43.29
C LEU A 52 -6.32 29.57 42.29
N THR A 53 -7.24 29.86 41.38
CA THR A 53 -6.97 30.87 40.36
C THR A 53 -6.79 32.26 40.96
N ASP A 54 -7.57 32.61 42.00
CA ASP A 54 -7.37 33.87 42.72
C ASP A 54 -5.93 33.99 43.24
N GLN A 55 -5.44 32.94 43.88
CA GLN A 55 -4.11 32.97 44.49
C GLN A 55 -3.01 33.12 43.42
N LEU A 56 -3.17 32.40 42.32
CA LEU A 56 -2.20 32.44 41.24
C LEU A 56 -2.22 33.80 40.52
N ARG A 57 -3.42 34.32 40.28
CA ARG A 57 -3.56 35.63 39.65
C ARG A 57 -2.89 36.71 40.53
N THR A 58 -3.18 36.67 41.82
CA THR A 58 -2.63 37.64 42.77
C THR A 58 -1.11 37.56 42.80
N ALA A 59 -0.56 36.34 42.86
CA ALA A 59 0.89 36.18 42.89
C ALA A 59 1.57 36.72 41.63
N MET A 60 0.98 36.47 40.46
CA MET A 60 1.57 36.95 39.21
C MET A 60 1.48 38.48 39.06
N LEU A 61 0.35 39.06 39.40
CA LEU A 61 0.22 40.52 39.42
C LEU A 61 1.14 41.18 40.45
N ASP A 62 1.30 40.56 41.61
CA ASP A 62 2.28 41.06 42.60
C ASP A 62 3.72 41.00 42.12
N ASP A 63 4.05 40.00 41.27
CA ASP A 63 5.42 39.85 40.72
C ASP A 63 5.69 40.76 39.53
N LEU A 64 4.65 41.25 38.87
CA LEU A 64 4.81 42.01 37.64
C LEU A 64 5.73 43.23 37.80
N PRO A 65 5.63 44.00 38.90
CA PRO A 65 6.56 45.12 39.04
C PRO A 65 8.03 44.73 38.97
N GLU A 66 8.40 43.66 39.66
CA GLU A 66 9.79 43.16 39.59
C GLU A 66 10.17 42.79 38.17
N VAL A 67 9.27 42.15 37.44
CA VAL A 67 9.52 41.78 36.03
C VAL A 67 9.73 43.02 35.18
N LEU A 68 8.93 44.06 35.38
CA LEU A 68 9.04 45.27 34.55
C LEU A 68 10.26 46.12 34.86
N ARG A 69 10.83 45.95 36.05
CA ARG A 69 12.05 46.64 36.47
C ARG A 69 13.33 46.06 35.89
N GLN A 70 13.30 44.90 35.27
CA GLN A 70 14.52 44.29 34.72
CA GLN A 70 14.52 44.29 34.72
C GLN A 70 15.03 45.14 33.55
N GLN A 71 16.33 44.96 33.26
CA GLN A 71 17.05 45.78 32.26
C GLN A 71 16.44 45.62 30.87
N ASP A 72 16.30 44.38 30.44
CA ASP A 72 15.59 44.02 29.21
CA ASP A 72 15.59 44.02 29.21
C ASP A 72 14.41 43.12 29.60
N VAL A 73 13.22 43.67 29.48
CA VAL A 73 12.03 42.91 29.82
C VAL A 73 11.81 41.89 28.70
N PRO A 74 11.92 40.60 29.01
CA PRO A 74 11.78 39.59 27.97
C PRO A 74 10.34 39.51 27.43
N THR A 75 10.22 39.55 26.10
CA THR A 75 8.94 39.54 25.44
C THR A 75 8.84 38.46 24.39
N ASN A 76 7.63 38.00 24.11
CA ASN A 76 7.38 37.04 23.04
C ASN A 76 7.07 37.81 21.76
N PHE A 77 8.08 37.93 20.88
CA PHE A 77 7.98 38.52 19.53
C PHE A 77 7.87 40.03 19.44
N VAL A 78 6.90 40.62 20.16
CA VAL A 78 6.61 42.05 20.02
C VAL A 78 6.28 42.67 21.39
N PRO A 79 6.31 44.02 21.49
CA PRO A 79 6.06 44.67 22.76
C PRO A 79 4.75 44.28 23.43
N GLY A 80 4.84 44.10 24.75
CA GLY A 80 3.66 43.93 25.60
C GLY A 80 3.28 42.50 25.91
N HIS A 81 3.97 41.53 25.28
CA HIS A 81 3.73 40.12 25.57
C HIS A 81 4.89 39.63 26.39
N VAL A 82 4.80 39.78 27.70
CA VAL A 82 5.91 39.60 28.60
C VAL A 82 5.97 38.14 29.05
N GLN A 83 7.17 37.57 29.03
CA GLN A 83 7.41 36.23 29.56
CA GLN A 83 7.40 36.22 29.57
C GLN A 83 7.50 36.37 31.07
N GLN A 84 6.71 35.61 31.81
CA GLN A 84 6.75 35.68 33.27
C GLN A 84 6.40 34.32 33.88
N ASP A 85 7.32 33.79 34.66
CA ASP A 85 7.09 32.53 35.35
C ASP A 85 6.27 32.75 36.62
N PRO A 86 5.29 31.90 36.88
CA PRO A 86 4.63 31.94 38.19
C PRO A 86 5.57 31.45 39.31
N PRO A 87 5.27 31.82 40.56
CA PRO A 87 6.16 31.39 41.63
C PRO A 87 6.14 29.88 41.83
N VAL A 88 7.28 29.36 42.27
CA VAL A 88 7.39 27.97 42.65
C VAL A 88 7.66 27.91 44.16
N ARG A 89 6.98 28.76 44.92
CA ARG A 89 6.88 28.62 46.36
C ARG A 89 5.87 27.54 46.67
N GLU A 90 6.17 26.77 47.71
CA GLU A 90 5.35 25.62 48.14
C GLU A 90 3.86 25.99 48.30
N SER A 91 3.59 27.14 48.90
CA SER A 91 2.23 27.61 49.12
C SER A 91 1.46 27.95 47.83
N LEU A 92 2.15 28.06 46.70
CA LEU A 92 1.52 28.36 45.41
C LEU A 92 1.66 27.24 44.36
N LEU A 93 2.09 26.07 44.81
CA LEU A 93 2.18 24.90 43.95
C LEU A 93 1.04 23.94 44.33
N PHE A 94 0.07 23.79 43.44
CA PHE A 94 -1.16 23.10 43.73
C PHE A 94 -1.27 21.84 42.90
N PRO A 95 -1.52 20.67 43.54
CA PRO A 95 -1.71 19.43 42.78
C PRO A 95 -2.74 19.50 41.66
N ASP A 96 -3.85 20.21 41.89
CA ASP A 96 -4.87 20.34 40.86
C ASP A 96 -4.48 21.19 39.66
N VAL A 97 -3.41 21.97 39.78
CA VAL A 97 -2.84 22.73 38.67
C VAL A 97 -1.70 21.97 37.97
N LEU A 98 -0.69 21.54 38.74
CA LEU A 98 0.49 20.87 38.16
C LEU A 98 0.22 19.45 37.72
N LEU A 99 -0.65 18.76 38.47
CA LEU A 99 -0.93 17.34 38.27
C LEU A 99 -2.42 17.09 38.16
N ASN A 100 -3.07 17.87 37.30
CA ASN A 100 -4.52 17.80 37.19
C ASN A 100 -4.91 16.45 36.62
N PRO A 101 -5.80 15.72 37.32
CA PRO A 101 -6.13 14.37 36.84
C PRO A 101 -6.81 14.29 35.47
N VAL A 102 -7.67 15.24 35.14
CA VAL A 102 -8.30 15.27 33.82
C VAL A 102 -7.29 15.61 32.73
N VAL A 103 -6.45 16.62 32.96
CA VAL A 103 -5.41 16.97 32.00
C VAL A 103 -4.52 15.75 31.69
N TYR A 104 -4.02 15.09 32.74
CA TYR A 104 -3.15 13.93 32.53
C TYR A 104 -3.87 12.72 31.93
N GLN A 105 -5.16 12.56 32.20
CA GLN A 105 -5.93 11.51 31.52
C GLN A 105 -5.86 11.72 30.00
N ILE A 106 -6.03 12.97 29.58
CA ILE A 106 -5.97 13.32 28.17
C ILE A 106 -4.54 13.17 27.63
N THR A 107 -3.56 13.75 28.31
CA THR A 107 -2.19 13.71 27.79
C THR A 107 -1.62 12.27 27.80
N HIS A 108 -1.94 11.46 28.82
CA HIS A 108 -1.59 10.05 28.78
C HIS A 108 -2.16 9.34 27.55
N ALA A 109 -3.43 9.60 27.24
CA ALA A 109 -4.08 8.94 26.10
C ALA A 109 -3.52 9.39 24.75
N VAL A 110 -3.08 10.65 24.65
CA VAL A 110 -2.50 11.14 23.40
C VAL A 110 -1.00 10.82 23.30
N LEU A 111 -0.25 11.11 24.35
CA LEU A 111 1.21 11.06 24.30
C LEU A 111 1.84 9.82 24.93
N GLY A 112 1.09 9.06 25.71
CA GLY A 112 1.60 7.87 26.38
C GLY A 112 1.72 8.08 27.88
N ALA A 113 1.80 6.97 28.60
CA ALA A 113 1.81 6.96 30.06
C ALA A 113 3.04 7.62 30.66
N ASP A 114 4.13 7.69 29.90
CA ASP A 114 5.37 8.32 30.36
C ASP A 114 5.52 9.75 29.86
N ALA A 115 4.45 10.34 29.30
CA ALA A 115 4.46 11.76 29.00
C ALA A 115 4.73 12.56 30.28
N ARG A 116 5.37 13.72 30.15
CA ARG A 116 5.74 14.50 31.32
C ARG A 116 5.61 16.00 31.08
N ASN A 117 5.20 16.71 32.12
CA ASN A 117 5.20 18.15 32.10
C ASN A 117 6.63 18.62 32.24
N ALA A 118 7.06 19.54 31.36
CA ALA A 118 8.39 20.13 31.45
C ALA A 118 8.42 21.65 31.38
N VAL A 119 7.28 22.31 31.50
CA VAL A 119 7.20 23.77 31.49
C VAL A 119 6.27 24.21 32.62
N TYR A 120 6.69 25.22 33.36
CA TYR A 120 5.83 25.87 34.34
C TYR A 120 6.13 27.35 34.21
N SER A 121 5.41 27.99 33.29
CA SER A 121 5.74 29.33 32.86
C SER A 121 4.48 30.16 32.69
N GLY A 122 4.61 31.29 32.00
CA GLY A 122 3.47 32.17 31.81
C GLY A 122 3.73 33.29 30.82
N ASN A 123 2.62 33.89 30.39
CA ASN A 123 2.55 34.95 29.33
C ASN A 123 1.70 36.07 29.98
N MET A 124 2.33 37.20 30.33
CA MET A 124 1.62 38.39 30.80
C MET A 124 1.39 39.37 29.63
N ASN A 125 0.14 39.49 29.20
CA ASN A 125 -0.19 40.35 28.06
C ASN A 125 -0.61 41.73 28.61
N LEU A 126 0.25 42.74 28.41
CA LEU A 126 0.02 44.08 29.00
C LEU A 126 -0.92 44.95 28.18
N PRO A 127 -1.63 45.90 28.84
CA PRO A 127 -2.38 46.91 28.13
C PRO A 127 -1.54 47.62 27.06
N GLY A 128 -2.08 47.72 25.84
CA GLY A 128 -1.38 48.38 24.73
C GLY A 128 -0.38 47.51 23.99
N SER A 129 -0.41 46.21 24.24
CA SER A 129 0.47 45.27 23.56
C SER A 129 0.18 45.22 22.06
N HIS A 130 1.17 44.75 21.32
CA HIS A 130 1.09 44.67 19.87
C HIS A 130 0.58 43.31 19.40
N GLU A 131 0.37 43.18 18.11
CA GLU A 131 -0.02 41.91 17.49
CA GLU A 131 -0.03 41.91 17.49
C GLU A 131 1.21 41.02 17.26
N GLN A 132 1.18 39.77 17.73
CA GLN A 132 2.24 38.82 17.44
C GLN A 132 2.08 38.29 16.03
N PRO A 133 3.16 37.86 15.39
CA PRO A 133 3.00 37.08 14.15
C PRO A 133 2.38 35.71 14.45
N VAL A 134 1.65 35.16 13.50
CA VAL A 134 1.16 33.80 13.62
C VAL A 134 2.35 32.83 13.66
N HIS A 135 2.36 31.97 14.67
CA HIS A 135 3.46 31.05 14.89
C HIS A 135 2.97 29.77 15.56
N LEU A 136 3.86 28.79 15.63
CA LEU A 136 3.67 27.63 16.52
C LEU A 136 4.67 27.76 17.65
N ASP A 137 4.27 27.32 18.84
CA ASP A 137 5.16 27.35 20.00
C ASP A 137 6.20 26.23 19.94
N GLU A 138 5.84 25.10 19.34
CA GLU A 138 6.75 23.97 19.21
C GLU A 138 6.71 23.49 17.78
N PRO A 139 7.88 23.21 17.19
CA PRO A 139 7.94 22.87 15.78
C PRO A 139 7.60 21.41 15.49
N HIS A 140 7.33 21.14 14.22
CA HIS A 140 7.33 19.77 13.72
C HIS A 140 8.78 19.30 13.74
N LEU A 141 8.99 17.99 13.87
CA LEU A 141 10.31 17.45 14.11
C LEU A 141 11.19 17.30 12.88
N TRP A 142 10.56 17.17 11.70
CA TRP A 142 11.25 17.26 10.43
C TRP A 142 10.40 18.05 9.47
N PRO A 143 11.04 18.80 8.55
CA PRO A 143 10.24 19.56 7.57
C PRO A 143 9.60 18.64 6.54
N GLY A 144 8.39 18.97 6.13
CA GLY A 144 7.70 18.23 5.04
C GLY A 144 7.14 16.87 5.41
N ILE A 145 7.11 16.54 6.71
CA ILE A 145 6.72 15.23 7.20
C ILE A 145 5.49 15.37 8.08
N SER A 146 4.53 14.47 7.87
CA SER A 146 3.36 14.37 8.72
CA SER A 146 3.35 14.37 8.71
C SER A 146 3.64 13.39 9.85
N HIS A 147 3.56 13.83 11.09
CA HIS A 147 3.73 12.91 12.22
C HIS A 147 2.78 13.24 13.35
N PRO A 148 2.59 12.29 14.29
CA PRO A 148 1.66 12.57 15.37
C PRO A 148 2.21 13.59 16.37
N PRO A 149 1.34 14.03 17.31
CA PRO A 149 1.80 14.99 18.31
C PRO A 149 2.90 14.42 19.22
N TYR A 150 3.82 15.27 19.63
CA TYR A 150 4.77 14.94 20.67
C TYR A 150 4.66 15.88 21.87
N CYS A 151 3.79 16.88 21.79
CA CYS A 151 3.62 17.79 22.92
C CYS A 151 2.25 18.45 22.92
N LEU A 152 1.75 18.70 24.13
CA LEU A 152 0.47 19.37 24.33
C LEU A 152 0.66 20.53 25.30
N CYS A 153 0.31 21.73 24.86
CA CYS A 153 0.32 22.93 25.70
C CYS A 153 -0.93 22.88 26.58
N VAL A 154 -0.75 23.24 27.85
CA VAL A 154 -1.83 23.24 28.84
C VAL A 154 -1.84 24.68 29.39
N ASP A 155 -2.83 25.46 28.95
CA ASP A 155 -2.89 26.88 29.22
C ASP A 155 -4.00 27.16 30.22
N VAL A 156 -3.67 27.96 31.25
CA VAL A 156 -4.56 28.26 32.34
C VAL A 156 -4.75 29.78 32.43
N PRO A 157 -5.87 30.29 31.90
CA PRO A 157 -6.11 31.73 32.08
C PRO A 157 -6.34 32.06 33.55
N LEU A 158 -5.77 33.15 34.02
CA LEU A 158 -5.88 33.50 35.42
C LEU A 158 -6.84 34.65 35.70
N ILE A 159 -7.42 35.22 34.64
CA ILE A 159 -8.61 36.06 34.69
C ILE A 159 -9.49 35.61 33.53
N ASP A 160 -10.73 36.11 33.49
CA ASP A 160 -11.59 35.91 32.32
C ASP A 160 -10.90 36.52 31.10
N PHE A 161 -10.72 35.73 30.06
CA PHE A 161 -10.12 36.19 28.83
C PHE A 161 -11.28 36.64 27.95
N THR A 162 -11.13 37.81 27.35
CA THR A 162 -12.19 38.42 26.53
C THR A 162 -11.59 38.81 25.19
N LEU A 163 -12.44 39.16 24.24
CA LEU A 163 -11.98 39.70 22.96
C LEU A 163 -11.27 41.02 23.15
N GLU A 164 -11.63 41.77 24.17
CA GLU A 164 -10.97 43.03 24.48
C GLU A 164 -9.57 42.88 25.11
N ASN A 165 -9.40 41.94 26.03
CA ASN A 165 -8.14 41.84 26.83
C ASN A 165 -7.08 40.85 26.32
N GLY A 166 -7.25 40.36 25.10
CA GLY A 166 -6.22 39.57 24.43
C GLY A 166 -6.39 38.07 24.48
N SER A 167 -7.63 37.60 24.44
CA SER A 167 -7.87 36.18 24.19
C SER A 167 -7.16 35.81 22.89
N THR A 168 -6.46 34.68 22.91
CA THR A 168 -5.56 34.30 21.81
C THR A 168 -6.29 33.90 20.54
N GLU A 169 -5.76 34.29 19.38
CA GLU A 169 -6.28 33.83 18.10
C GLU A 169 -5.74 32.42 17.80
N TYR A 170 -6.65 31.48 17.54
CA TYR A 170 -6.27 30.10 17.24
C TYR A 170 -6.68 29.74 15.81
N TRP A 171 -5.84 28.95 15.14
CA TRP A 171 -6.12 28.45 13.80
C TRP A 171 -6.46 26.94 13.90
N PRO A 172 -7.78 26.61 13.99
CA PRO A 172 -8.16 25.21 14.14
C PRO A 172 -7.68 24.34 13.00
N GLY A 173 -7.20 23.15 13.33
CA GLY A 173 -6.77 22.17 12.35
C GLY A 173 -5.37 22.41 11.82
N SER A 174 -4.70 23.47 12.26
CA SER A 174 -3.42 23.86 11.69
C SER A 174 -2.25 23.02 12.19
N HIS A 175 -2.47 22.28 13.27
CA HIS A 175 -1.45 21.48 13.91
C HIS A 175 -0.85 20.36 13.07
N VAL A 176 -1.59 19.90 12.07
CA VAL A 176 -1.11 18.85 11.16
C VAL A 176 -0.41 19.40 9.93
N LEU A 177 -0.35 20.71 9.75
CA LEU A 177 0.16 21.25 8.49
C LEU A 177 1.66 21.41 8.58
N ASN A 178 2.39 20.82 7.63
CA ASN A 178 3.83 20.88 7.62
C ASN A 178 4.40 20.74 6.25
N PRO A 179 3.98 21.58 5.29
CA PRO A 179 4.60 21.52 3.96
C PRO A 179 6.00 22.15 4.01
N ASP A 180 6.80 21.91 2.99
CA ASP A 180 8.12 22.51 2.87
C ASP A 180 8.07 24.04 2.83
N GLU A 181 9.11 24.66 3.37
CA GLU A 181 9.25 26.12 3.40
CA GLU A 181 9.25 26.12 3.40
C GLU A 181 8.06 26.82 4.09
N CYS A 182 7.52 26.21 5.14
CA CYS A 182 6.36 26.74 5.84
C CYS A 182 6.68 27.58 7.07
N TYR A 183 7.77 27.26 7.75
CA TYR A 183 8.14 27.88 9.02
C TYR A 183 9.50 28.51 8.94
N ASP A 184 9.67 29.69 9.52
CA ASP A 184 11.00 30.28 9.62
C ASP A 184 11.64 29.77 10.92
N GLU A 185 12.86 30.23 11.19
CA GLU A 185 13.64 29.79 12.34
C GLU A 185 12.99 30.11 13.71
N ARG A 186 12.10 31.09 13.76
CA ARG A 186 11.41 31.46 15.01
CA ARG A 186 11.41 31.46 15.01
C ARG A 186 10.08 30.73 15.19
N GLY A 187 9.74 29.82 14.28
CA GLY A 187 8.44 29.16 14.29
C GLY A 187 7.28 29.97 13.70
N CYS A 188 7.58 31.07 13.01
CA CYS A 188 6.52 31.88 12.39
C CYS A 188 6.12 31.29 11.06
N VAL A 189 4.83 31.39 10.74
CA VAL A 189 4.28 30.75 9.55
C VAL A 189 4.47 31.70 8.38
N LEU A 190 4.96 31.17 7.26
CA LEU A 190 5.23 31.95 6.07
C LEU A 190 3.90 32.53 5.53
N PRO A 191 3.93 33.81 5.07
CA PRO A 191 2.69 34.46 4.67
C PRO A 191 1.88 33.76 3.61
N ALA A 192 2.53 33.14 2.62
CA ALA A 192 1.80 32.42 1.58
C ALA A 192 0.98 31.26 2.17
N GLU A 193 1.57 30.52 3.13
CA GLU A 193 0.86 29.41 3.73
C GLU A 193 -0.29 29.87 4.63
N LEU A 194 -0.07 30.98 5.33
CA LEU A 194 -1.09 31.57 6.17
CA LEU A 194 -1.09 31.57 6.17
C LEU A 194 -2.34 31.90 5.37
N GLU A 195 -2.13 32.59 4.24
CA GLU A 195 -3.24 33.03 3.41
C GLU A 195 -3.95 31.90 2.68
N ARG A 196 -3.21 30.89 2.26
CA ARG A 196 -3.85 29.67 1.72
C ARG A 196 -4.71 29.00 2.77
N ARG A 197 -4.20 28.89 3.99
CA ARG A 197 -4.95 28.27 5.05
C ARG A 197 -6.20 29.09 5.42
N ARG A 198 -6.07 30.41 5.44
CA ARG A 198 -7.17 31.30 5.82
C ARG A 198 -8.41 31.08 4.95
N ALA A 199 -8.19 30.86 3.67
CA ALA A 199 -9.29 30.64 2.72
C ALA A 199 -10.08 29.37 2.99
N VAL A 200 -9.44 28.39 3.60
CA VAL A 200 -10.01 27.06 3.85
C VAL A 200 -10.53 26.93 5.29
N ALA A 201 -9.81 27.49 6.27
CA ALA A 201 -10.14 27.30 7.68
C ALA A 201 -9.66 28.54 8.43
N PRO A 202 -10.47 29.61 8.42
CA PRO A 202 -10.03 30.84 9.03
C PRO A 202 -9.87 30.74 10.55
N PRO A 203 -9.04 31.62 11.14
CA PRO A 203 -8.83 31.53 12.57
C PRO A 203 -10.06 31.97 13.36
N VAL A 204 -10.08 31.62 14.64
CA VAL A 204 -11.15 32.03 15.55
C VAL A 204 -10.57 32.63 16.81
N ARG A 205 -11.38 33.42 17.49
CA ARG A 205 -11.00 34.01 18.76
C ARG A 205 -12.24 34.11 19.63
N PHE A 206 -12.13 33.78 20.91
CA PHE A 206 -13.32 33.72 21.78
C PHE A 206 -13.00 33.94 23.24
N PRO A 207 -13.99 34.42 24.02
CA PRO A 207 -13.79 34.49 25.45
C PRO A 207 -13.59 33.12 26.09
N ILE A 208 -12.77 33.09 27.14
CA ILE A 208 -12.55 31.89 27.93
C ILE A 208 -12.59 32.30 29.39
N PRO A 209 -13.52 31.74 30.17
CA PRO A 209 -13.58 32.14 31.59
C PRO A 209 -12.47 31.56 32.45
N VAL A 210 -12.05 32.32 33.46
CA VAL A 210 -11.12 31.81 34.49
C VAL A 210 -11.77 30.58 35.11
N GLY A 211 -10.96 29.58 35.41
CA GLY A 211 -11.46 28.26 35.83
C GLY A 211 -11.32 27.24 34.70
N SER A 212 -11.20 27.71 33.45
CA SER A 212 -11.01 26.84 32.31
C SER A 212 -9.54 26.45 32.12
N VAL A 213 -9.35 25.38 31.37
CA VAL A 213 -8.01 24.93 30.94
C VAL A 213 -8.10 24.69 29.43
N VAL A 214 -7.14 25.22 28.69
CA VAL A 214 -7.06 24.98 27.25
C VAL A 214 -5.93 23.98 27.01
N ILE A 215 -6.24 22.88 26.34
CA ILE A 215 -5.24 21.91 25.92
C ILE A 215 -5.13 22.03 24.42
N ARG A 216 -3.90 22.19 23.92
CA ARG A 216 -3.72 22.24 22.48
C ARG A 216 -2.43 21.59 22.01
N ASP A 217 -2.44 21.11 20.78
CA ASP A 217 -1.25 20.62 20.14
C ASP A 217 -0.21 21.74 20.15
N GLY A 218 1.01 21.43 20.55
CA GLY A 218 2.08 22.42 20.59
C GLY A 218 2.41 23.02 19.24
N ARG A 219 2.00 22.31 18.17
CA ARG A 219 2.22 22.79 16.80
C ARG A 219 1.08 23.64 16.24
N LEU A 220 0.06 23.92 17.04
CA LEU A 220 -1.09 24.71 16.59
C LEU A 220 -0.67 26.15 16.26
N TRP A 221 -1.07 26.64 15.10
CA TRP A 221 -0.82 28.03 14.73
C TRP A 221 -1.72 28.92 15.60
N HIS A 222 -1.15 30.01 16.08
CA HIS A 222 -1.88 30.95 16.91
C HIS A 222 -1.10 32.24 16.97
N ARG A 223 -1.74 33.27 17.52
CA ARG A 223 -1.06 34.53 17.80
CA ARG A 223 -1.05 34.52 17.82
C ARG A 223 -1.69 35.22 19.00
N GLY A 224 -0.82 35.76 19.87
CA GLY A 224 -1.28 36.70 20.88
C GLY A 224 -1.64 37.98 20.18
N VAL A 225 -2.61 38.70 20.74
CA VAL A 225 -3.13 39.90 20.14
C VAL A 225 -3.20 41.03 21.17
N PRO A 226 -3.50 42.27 20.72
CA PRO A 226 -3.51 43.38 21.66
C PRO A 226 -4.50 43.24 22.82
N ASN A 227 -4.01 43.56 24.02
CA ASN A 227 -4.83 43.72 25.20
C ASN A 227 -5.24 45.20 25.20
N LEU A 228 -6.51 45.42 24.94
CA LEU A 228 -7.07 46.76 24.91
C LEU A 228 -7.82 47.15 26.20
N SER A 229 -7.66 46.37 27.27
CA SER A 229 -8.19 46.70 28.60
C SER A 229 -7.16 47.47 29.39
N ALA A 230 -7.53 47.92 30.58
CA ALA A 230 -6.63 48.61 31.51
C ALA A 230 -5.85 47.69 32.47
N ALA A 231 -6.03 46.38 32.34
CA ALA A 231 -5.45 45.42 33.28
C ALA A 231 -4.61 44.39 32.55
N PRO A 232 -3.42 44.04 33.11
CA PRO A 232 -2.62 42.95 32.56
C PRO A 232 -3.40 41.62 32.54
N ARG A 233 -3.16 40.79 31.53
CA ARG A 233 -3.91 39.55 31.29
C ARG A 233 -2.93 38.38 31.51
N PRO A 234 -2.96 37.76 32.72
CA PRO A 234 -2.01 36.69 32.98
C PRO A 234 -2.50 35.32 32.50
N LEU A 235 -1.58 34.58 31.90
CA LEU A 235 -1.77 33.18 31.53
C LEU A 235 -0.69 32.37 32.20
N LEU A 236 -1.08 31.26 32.83
CA LEU A 236 -0.11 30.28 33.33
C LEU A 236 -0.03 29.19 32.27
N ALA A 237 1.18 28.73 31.97
CA ALA A 237 1.40 27.81 30.84
C ALA A 237 2.26 26.62 31.23
N MET A 238 1.80 25.44 30.85
CA MET A 238 2.54 24.21 31.04
C MET A 238 2.59 23.53 29.68
N THR A 239 3.51 22.59 29.52
CA THR A 239 3.61 21.80 28.29
C THR A 239 4.04 20.38 28.59
N HIS A 240 3.21 19.43 28.18
CA HIS A 240 3.48 18.02 28.34
C HIS A 240 4.16 17.53 27.08
N TYR A 241 5.22 16.73 27.26
CA TYR A 241 5.98 16.15 26.14
C TYR A 241 6.08 14.65 26.27
N THR A 242 6.23 13.98 25.13
CA THR A 242 6.63 12.56 25.12
C THR A 242 7.94 12.45 25.89
N GLU A 243 8.16 11.31 26.52
CA GLU A 243 9.32 11.12 27.38
C GLU A 243 10.66 11.28 26.67
N TRP A 244 10.67 10.99 25.37
CA TRP A 244 11.90 11.06 24.58
C TRP A 244 12.29 12.45 24.06
N PHE A 245 11.47 13.45 24.27
CA PHE A 245 11.79 14.79 23.78
C PHE A 245 12.61 15.53 24.85
N ASP A 246 13.79 15.99 24.47
CA ASP A 246 14.72 16.60 25.42
C ASP A 246 14.27 18.00 25.85
N MET A 247 14.13 18.19 27.16
CA MET A 247 13.83 19.49 27.76
C MET A 247 14.62 19.64 29.06
N PRO A 248 14.97 20.89 29.41
CA PRO A 248 15.53 21.10 30.75
C PRO A 248 14.47 20.88 31.82
N PRO A 249 14.89 20.45 33.02
CA PRO A 249 13.91 20.21 34.07
C PRO A 249 13.34 21.52 34.63
N ILE A 250 12.15 21.44 35.20
CA ILE A 250 11.56 22.53 35.97
C ILE A 250 12.24 22.51 37.35
N GLN A 251 12.73 23.65 37.80
CA GLN A 251 13.33 23.77 39.14
C GLN A 251 12.22 23.94 40.18
N LEU A 252 12.14 23.00 41.12
CA LEU A 252 11.13 23.06 42.18
C LEU A 252 11.78 22.92 43.56
N PRO A 253 11.17 23.51 44.60
CA PRO A 253 11.72 23.32 45.96
C PRO A 253 11.46 21.88 46.40
N ASP A 254 12.39 21.32 47.18
CA ASP A 254 12.23 19.93 47.60
C ASP A 254 11.09 19.70 48.62
N THR A 255 10.51 20.78 49.14
CA THR A 255 9.29 20.68 49.94
C THR A 255 8.04 20.18 49.18
N VAL A 256 8.06 20.13 47.83
CA VAL A 256 6.97 19.49 47.07
C VAL A 256 7.35 18.12 46.49
N LYS A 257 8.56 17.66 46.78
CA LYS A 257 9.04 16.41 46.19
C LYS A 257 8.17 15.21 46.56
N SER A 258 7.70 15.19 47.80
CA SER A 258 6.88 14.10 48.30
C SER A 258 5.66 13.80 47.44
N TRP A 259 4.98 14.83 46.92
CA TRP A 259 3.80 14.60 46.06
C TRP A 259 4.06 14.73 44.55
N VAL A 260 5.07 15.51 44.15
CA VAL A 260 5.40 15.63 42.73
C VAL A 260 6.09 14.36 42.23
N ASP A 261 7.17 13.98 42.92
CA ASP A 261 7.96 12.82 42.54
C ASP A 261 7.22 11.54 42.96
N GLY A 262 7.24 10.53 42.10
CA GLY A 262 6.52 9.28 42.39
C GLY A 262 5.01 9.27 42.11
N SER A 263 4.43 10.39 41.66
CA SER A 263 3.09 10.39 41.07
C SER A 263 3.20 9.72 39.71
N ASP A 264 2.13 9.04 39.27
CA ASP A 264 2.07 8.54 37.87
C ASP A 264 1.73 9.65 36.85
N ARG A 265 1.58 10.88 37.33
CA ARG A 265 1.47 12.06 36.48
C ARG A 265 2.84 12.73 36.54
N HIS A 266 3.63 12.49 35.50
CA HIS A 266 5.05 12.77 35.58
C HIS A 266 5.37 14.24 35.32
N THR A 267 6.40 14.70 36.01
CA THR A 267 6.96 16.01 35.83
C THR A 267 8.47 15.82 35.68
N HIS A 268 9.06 16.51 34.70
CA HIS A 268 10.51 16.52 34.55
C HIS A 268 11.02 17.64 35.46
N ALA A 269 11.39 17.27 36.68
CA ALA A 269 11.69 18.23 37.74
C ALA A 269 13.07 18.00 38.32
N HIS A 270 13.68 19.08 38.77
CA HIS A 270 14.87 19.03 39.60
C HIS A 270 14.53 19.70 40.94
N PHE A 271 14.72 18.97 42.03
CA PHE A 271 14.32 19.45 43.35
C PHE A 271 15.49 20.07 44.10
N VAL A 272 15.29 21.28 44.60
CA VAL A 272 16.35 22.08 45.18
C VAL A 272 16.09 22.28 46.67
N ALA A 273 17.16 22.35 47.46
CA ALA A 273 17.05 22.59 48.89
C ALA A 273 16.59 23.97 49.32
N GLY A 274 16.94 25.04 48.63
CA GLY A 274 16.45 26.36 49.03
C GLY A 274 15.03 26.63 48.52
N ASP A 275 14.69 27.91 48.56
CA ASP A 275 13.65 28.48 47.67
C ASP A 275 14.27 28.72 46.29
N VAL A 276 13.46 28.56 45.26
CA VAL A 276 13.88 28.81 43.88
C VAL A 276 13.47 30.24 43.52
N ASP A 277 14.38 30.98 42.91
CA ASP A 277 14.07 32.26 42.28
C ASP A 277 13.50 32.02 40.86
N HIS A 278 12.19 31.98 40.76
CA HIS A 278 11.44 31.90 39.48
C HIS A 278 11.64 33.06 38.50
N LEU A 279 11.91 34.28 39.01
CA LEU A 279 11.98 35.48 38.16
C LEU A 279 13.29 35.71 37.38
N THR A 280 14.45 35.48 38.01
CA THR A 280 15.76 35.62 37.36
C THR A 280 16.23 34.30 36.75
N MET B 4 57.59 -28.35 -6.06
CA MET B 4 57.40 -27.67 -7.39
C MET B 4 55.92 -27.55 -7.84
N ALA B 5 55.12 -28.60 -7.66
CA ALA B 5 53.73 -28.62 -8.20
C ALA B 5 52.77 -27.85 -7.29
N LEU B 6 51.94 -27.00 -7.89
CA LEU B 6 50.95 -26.23 -7.12
C LEU B 6 49.71 -27.08 -6.84
N ALA B 7 49.13 -26.92 -5.66
CA ALA B 7 47.89 -27.61 -5.24
C ALA B 7 46.67 -26.71 -5.33
N ALA B 8 46.87 -25.42 -5.61
CA ALA B 8 45.74 -24.47 -5.64
C ALA B 8 46.15 -23.24 -6.42
N PRO B 9 45.17 -22.42 -6.81
CA PRO B 9 45.54 -21.19 -7.48
C PRO B 9 46.42 -20.32 -6.58
N PRO B 10 47.48 -19.72 -7.12
CA PRO B 10 48.33 -18.89 -6.26
C PRO B 10 47.57 -17.68 -5.69
N GLY B 11 47.86 -17.36 -4.43
CA GLY B 11 47.19 -16.29 -3.71
C GLY B 11 47.28 -14.95 -4.43
N GLU B 12 48.40 -14.70 -5.07
CA GLU B 12 48.61 -13.43 -5.79
C GLU B 12 47.76 -13.25 -7.04
N LEU B 13 47.17 -14.33 -7.54
CA LEU B 13 46.23 -14.28 -8.68
C LEU B 13 44.76 -14.47 -8.31
N THR B 14 44.46 -14.66 -7.04
CA THR B 14 43.17 -15.21 -6.64
C THR B 14 42.37 -14.28 -5.74
N LEU B 15 41.10 -14.22 -6.01
CA LEU B 15 40.13 -13.55 -5.13
CA LEU B 15 40.13 -13.55 -5.13
C LEU B 15 39.03 -14.55 -4.83
N ALA B 16 38.71 -14.73 -3.55
CA ALA B 16 37.73 -15.73 -3.14
C ALA B 16 36.40 -15.10 -2.90
N LEU B 17 35.37 -15.66 -3.53
CA LEU B 17 34.01 -15.13 -3.44
C LEU B 17 33.08 -16.25 -3.00
N THR B 18 31.81 -15.88 -2.88
CA THR B 18 30.70 -16.81 -2.76
C THR B 18 29.74 -16.53 -3.96
N PRO B 19 28.85 -17.49 -4.30
CA PRO B 19 27.85 -17.20 -5.35
C PRO B 19 26.84 -16.06 -5.07
N ASP B 20 26.72 -15.67 -3.81
CA ASP B 20 25.84 -14.56 -3.37
C ASP B 20 26.48 -13.18 -3.52
N ASP B 21 27.81 -13.12 -3.71
CA ASP B 21 28.49 -11.86 -3.95
C ASP B 21 28.06 -11.24 -5.28
N LYS B 22 27.45 -10.06 -5.21
CA LYS B 22 26.95 -9.40 -6.41
CA LYS B 22 26.96 -9.39 -6.41
C LYS B 22 27.88 -8.30 -6.92
N THR B 23 28.57 -7.59 -6.03
CA THR B 23 29.56 -6.61 -6.49
C THR B 23 30.68 -6.58 -5.46
N LEU B 24 31.88 -6.32 -5.94
CA LEU B 24 33.05 -6.20 -5.11
C LEU B 24 33.03 -4.79 -4.49
N ASP B 25 33.47 -4.70 -3.24
CA ASP B 25 33.67 -3.42 -2.60
C ASP B 25 34.87 -2.73 -3.28
N PRO B 26 35.01 -1.41 -3.07
CA PRO B 26 36.09 -0.70 -3.79
C PRO B 26 37.48 -1.25 -3.60
N ALA B 27 37.87 -1.66 -2.40
CA ALA B 27 39.21 -2.23 -2.18
C ALA B 27 39.44 -3.55 -2.89
N SER B 28 38.42 -4.42 -2.90
CA SER B 28 38.48 -5.70 -3.63
C SER B 28 38.53 -5.51 -5.14
N LEU B 29 37.70 -4.57 -5.64
CA LEU B 29 37.74 -4.26 -7.06
C LEU B 29 39.10 -3.74 -7.48
N ASP B 30 39.68 -2.85 -6.68
CA ASP B 30 41.04 -2.32 -6.93
C ASP B 30 42.05 -3.43 -7.01
N ARG B 31 41.98 -4.39 -6.07
CA ARG B 31 42.88 -5.53 -6.07
C ARG B 31 42.67 -6.42 -7.35
N ALA B 32 41.40 -6.69 -7.68
CA ALA B 32 41.10 -7.42 -8.90
C ALA B 32 41.77 -6.78 -10.14
N LEU B 33 41.60 -5.49 -10.27
CA LEU B 33 42.20 -4.71 -11.36
C LEU B 33 43.72 -4.67 -11.33
N ALA B 34 44.32 -4.57 -10.14
CA ALA B 34 45.79 -4.58 -10.03
C ALA B 34 46.36 -5.93 -10.49
N ILE B 35 45.66 -7.01 -10.15
CA ILE B 35 46.06 -8.34 -10.59
C ILE B 35 46.00 -8.47 -12.10
N LEU B 36 44.89 -8.03 -12.69
CA LEU B 36 44.75 -8.08 -14.15
C LEU B 36 45.77 -7.25 -14.89
N ALA B 37 46.07 -6.06 -14.38
CA ALA B 37 47.05 -5.19 -15.04
C ALA B 37 48.45 -5.79 -14.93
N GLU B 38 48.82 -6.28 -13.75
CA GLU B 38 50.17 -6.79 -13.54
C GLU B 38 50.37 -8.17 -14.15
N HIS B 39 49.49 -9.11 -13.78
CA HIS B 39 49.65 -10.50 -14.15
C HIS B 39 48.86 -10.95 -15.38
N GLY B 40 47.78 -10.26 -15.70
CA GLY B 40 46.98 -10.60 -16.89
C GLY B 40 46.02 -11.74 -16.72
N ILE B 41 45.93 -12.23 -15.49
CA ILE B 41 45.07 -13.37 -15.14
C ILE B 41 44.63 -13.24 -13.70
N LEU B 42 43.33 -13.47 -13.50
CA LEU B 42 42.67 -13.33 -12.21
C LEU B 42 41.78 -14.54 -12.06
N VAL B 43 41.93 -15.24 -10.94
CA VAL B 43 41.12 -16.41 -10.65
C VAL B 43 40.14 -16.06 -9.54
N LEU B 44 38.86 -16.24 -9.83
CA LEU B 44 37.79 -15.93 -8.90
C LEU B 44 37.17 -17.25 -8.45
N THR B 45 37.38 -17.62 -7.20
CA THR B 45 36.86 -18.87 -6.67
C THR B 45 35.48 -18.70 -6.06
N GLY B 46 34.69 -19.76 -6.07
CA GLY B 46 33.37 -19.77 -5.44
C GLY B 46 32.33 -18.89 -6.10
N MET B 47 32.38 -18.71 -7.40
CA MET B 47 31.48 -17.81 -8.13
C MET B 47 30.16 -18.46 -8.53
N LEU B 48 30.18 -19.72 -8.96
CA LEU B 48 29.03 -20.35 -9.59
C LEU B 48 28.56 -21.57 -8.81
N ARG B 49 27.25 -21.68 -8.62
CA ARG B 49 26.66 -22.80 -7.90
CA ARG B 49 26.65 -22.80 -7.91
C ARG B 49 26.80 -24.11 -8.68
N THR B 50 26.91 -25.19 -7.93
CA THR B 50 26.99 -26.55 -8.44
C THR B 50 25.84 -26.89 -9.40
N ARG B 51 24.64 -26.40 -9.09
CA ARG B 51 23.47 -26.64 -9.92
C ARG B 51 23.70 -26.18 -11.37
N LEU B 52 24.37 -25.06 -11.54
CA LEU B 52 24.64 -24.51 -12.86
C LEU B 52 25.76 -25.26 -13.55
N THR B 53 26.89 -25.42 -12.86
CA THR B 53 28.04 -26.08 -13.48
C THR B 53 27.75 -27.57 -13.80
N ASP B 54 27.00 -28.25 -12.94
CA ASP B 54 26.57 -29.64 -13.22
C ASP B 54 25.77 -29.71 -14.53
N GLN B 55 24.81 -28.80 -14.69
CA GLN B 55 23.97 -28.82 -15.88
C GLN B 55 24.76 -28.53 -17.15
N LEU B 56 25.69 -27.59 -17.08
CA LEU B 56 26.51 -27.22 -18.23
C LEU B 56 27.47 -28.35 -18.58
N ARG B 57 28.09 -28.96 -17.56
CA ARG B 57 28.99 -30.08 -17.77
C ARG B 57 28.26 -31.24 -18.47
N THR B 58 27.08 -31.56 -17.94
CA THR B 58 26.27 -32.65 -18.47
C THR B 58 25.85 -32.38 -19.91
N ALA B 59 25.42 -31.16 -20.20
CA ALA B 59 25.00 -30.80 -21.57
C ALA B 59 26.17 -30.91 -22.56
N MET B 60 27.37 -30.46 -22.16
CA MET B 60 28.53 -30.54 -23.05
C MET B 60 29.00 -31.97 -23.30
N LEU B 61 29.05 -32.79 -22.24
CA LEU B 61 29.38 -34.20 -22.39
C LEU B 61 28.34 -34.94 -23.24
N ASP B 62 27.05 -34.62 -23.05
CA ASP B 62 25.99 -35.18 -23.89
C ASP B 62 26.11 -34.79 -25.38
N ASP B 63 26.62 -33.58 -25.67
CA ASP B 63 26.79 -33.11 -27.04
C ASP B 63 28.04 -33.60 -27.73
N LEU B 64 29.00 -34.09 -26.95
CA LEU B 64 30.29 -34.47 -27.51
C LEU B 64 30.20 -35.49 -28.65
N PRO B 65 29.32 -36.50 -28.55
CA PRO B 65 29.20 -37.41 -29.68
C PRO B 65 28.89 -36.76 -31.02
N GLU B 66 27.97 -35.81 -31.03
CA GLU B 66 27.65 -35.06 -32.25
C GLU B 66 28.86 -34.31 -32.78
N VAL B 67 29.62 -33.71 -31.87
CA VAL B 67 30.85 -33.01 -32.27
C VAL B 67 31.87 -33.98 -32.90
N LEU B 68 32.04 -35.14 -32.29
CA LEU B 68 33.05 -36.10 -32.75
C LEU B 68 32.68 -36.82 -34.03
N ARG B 69 31.38 -36.82 -34.37
CA ARG B 69 30.93 -37.46 -35.62
C ARG B 69 31.11 -36.61 -36.86
N GLN B 70 31.46 -35.34 -36.70
CA GLN B 70 31.69 -34.47 -37.86
C GLN B 70 32.88 -34.97 -38.70
N GLN B 71 32.87 -34.56 -39.97
CA GLN B 71 33.83 -35.06 -40.99
C GLN B 71 35.26 -34.67 -40.60
N ASP B 72 35.45 -33.38 -40.32
CA ASP B 72 36.66 -32.84 -39.74
C ASP B 72 36.32 -32.26 -38.37
N VAL B 73 36.81 -32.94 -37.33
CA VAL B 73 36.56 -32.50 -35.97
C VAL B 73 37.43 -31.26 -35.74
N PRO B 74 36.79 -30.10 -35.51
CA PRO B 74 37.55 -28.89 -35.30
C PRO B 74 38.36 -28.95 -33.99
N THR B 75 39.64 -28.63 -34.08
CA THR B 75 40.53 -28.69 -32.93
C THR B 75 41.30 -27.41 -32.80
N ASN B 76 41.72 -27.12 -31.58
CA ASN B 76 42.62 -25.97 -31.34
C ASN B 76 44.05 -26.53 -31.38
N PHE B 77 44.70 -26.30 -32.54
CA PHE B 77 46.12 -26.55 -32.81
C PHE B 77 46.53 -28.01 -32.99
N VAL B 78 46.16 -28.88 -32.04
CA VAL B 78 46.65 -30.25 -32.02
C VAL B 78 45.57 -31.24 -31.60
N PRO B 79 45.78 -32.53 -31.86
CA PRO B 79 44.75 -33.52 -31.52
C PRO B 79 44.34 -33.51 -30.05
N GLY B 80 43.04 -33.66 -29.85
CA GLY B 80 42.45 -33.86 -28.54
C GLY B 80 41.94 -32.58 -27.88
N HIS B 81 42.18 -31.43 -28.45
CA HIS B 81 41.68 -30.15 -27.96
C HIS B 81 40.57 -29.72 -28.90
N VAL B 82 39.35 -30.18 -28.59
CA VAL B 82 38.24 -30.03 -29.50
C VAL B 82 37.53 -28.70 -29.23
N GLN B 83 37.20 -27.96 -30.28
CA GLN B 83 36.38 -26.75 -30.17
C GLN B 83 34.94 -27.22 -30.05
N GLN B 84 34.25 -26.76 -29.03
CA GLN B 84 32.83 -27.15 -28.85
C GLN B 84 32.07 -26.03 -28.20
N ASP B 85 31.05 -25.55 -28.88
CA ASP B 85 30.17 -24.52 -28.31
C ASP B 85 29.15 -25.20 -27.38
N PRO B 86 28.90 -24.62 -26.20
CA PRO B 86 27.83 -25.11 -25.36
C PRO B 86 26.45 -24.81 -25.97
N PRO B 87 25.41 -25.52 -25.53
CA PRO B 87 24.11 -25.24 -26.09
C PRO B 87 23.62 -23.85 -25.74
N VAL B 88 22.82 -23.31 -26.65
CA VAL B 88 22.12 -22.06 -26.46
C VAL B 88 20.61 -22.36 -26.43
N ARG B 89 20.25 -23.45 -25.78
CA ARG B 89 18.86 -23.71 -25.39
C ARG B 89 18.56 -22.87 -24.18
N GLU B 90 17.33 -22.36 -24.13
CA GLU B 90 16.87 -21.46 -23.07
C GLU B 90 17.11 -22.04 -21.66
N SER B 91 16.85 -23.33 -21.49
CA SER B 91 17.04 -24.01 -20.20
C SER B 91 18.49 -24.13 -19.77
N LEU B 92 19.45 -23.85 -20.67
CA LEU B 92 20.89 -23.90 -20.32
C LEU B 92 21.60 -22.54 -20.46
N LEU B 93 20.82 -21.47 -20.59
CA LEU B 93 21.35 -20.13 -20.62
C LEU B 93 20.99 -19.43 -19.31
N PHE B 94 22.01 -19.18 -18.50
CA PHE B 94 21.81 -18.72 -17.13
C PHE B 94 22.35 -17.31 -16.97
N PRO B 95 21.54 -16.37 -16.43
CA PRO B 95 22.03 -15.01 -16.20
C PRO B 95 23.33 -14.94 -15.39
N ASP B 96 23.50 -15.80 -14.40
CA ASP B 96 24.73 -15.80 -13.60
C ASP B 96 25.98 -16.27 -14.32
N VAL B 97 25.81 -16.93 -15.48
CA VAL B 97 26.91 -17.29 -16.35
C VAL B 97 27.15 -16.26 -17.46
N LEU B 98 26.12 -15.91 -18.23
CA LEU B 98 26.26 -14.97 -19.35
C LEU B 98 26.43 -13.53 -18.93
N LEU B 99 25.76 -13.16 -17.84
CA LEU B 99 25.67 -11.77 -17.36
C LEU B 99 26.04 -11.68 -15.90
N ASN B 100 27.16 -12.28 -15.54
CA ASN B 100 27.54 -12.37 -14.13
C ASN B 100 27.86 -10.96 -13.64
N PRO B 101 27.23 -10.52 -12.55
CA PRO B 101 27.45 -9.15 -12.10
C PRO B 101 28.91 -8.82 -11.67
N VAL B 102 29.61 -9.75 -11.05
CA VAL B 102 31.00 -9.52 -10.66
C VAL B 102 31.91 -9.46 -11.90
N VAL B 103 31.73 -10.40 -12.83
CA VAL B 103 32.50 -10.40 -14.06
C VAL B 103 32.34 -9.05 -14.78
N TYR B 104 31.10 -8.61 -14.98
CA TYR B 104 30.86 -7.34 -15.67
C TYR B 104 31.34 -6.12 -14.88
N GLN B 105 31.32 -6.17 -13.55
CA GLN B 105 31.90 -5.08 -12.77
C GLN B 105 33.38 -4.92 -13.12
N ILE B 106 34.08 -6.02 -13.22
CA ILE B 106 35.50 -6.02 -13.59
C ILE B 106 35.69 -5.58 -15.04
N THR B 107 34.96 -6.19 -15.98
CA THR B 107 35.14 -5.86 -17.40
C THR B 107 34.72 -4.40 -17.69
N HIS B 108 33.64 -3.92 -17.07
CA HIS B 108 33.29 -2.50 -17.18
C HIS B 108 34.44 -1.59 -16.72
N ALA B 109 35.07 -1.93 -15.61
CA ALA B 109 36.16 -1.09 -15.07
C ALA B 109 37.41 -1.13 -15.93
N VAL B 110 37.68 -2.26 -16.59
CA VAL B 110 38.84 -2.37 -17.46
C VAL B 110 38.56 -1.83 -18.86
N LEU B 111 37.45 -2.29 -19.46
CA LEU B 111 37.16 -2.04 -20.87
C LEU B 111 36.18 -0.93 -21.17
N GLY B 112 35.43 -0.48 -20.17
CA GLY B 112 34.45 0.59 -20.33
C GLY B 112 33.03 0.06 -20.19
N ALA B 113 32.10 0.97 -19.94
CA ALA B 113 30.71 0.60 -19.67
C ALA B 113 29.99 -0.02 -20.85
N ASP B 114 30.48 0.22 -22.06
CA ASP B 114 29.92 -0.36 -23.29
C ASP B 114 30.66 -1.61 -23.76
N ALA B 115 31.54 -2.16 -22.92
CA ALA B 115 32.15 -3.45 -23.24
C ALA B 115 31.07 -4.49 -23.41
N ARG B 116 31.31 -5.49 -24.27
CA ARG B 116 30.27 -6.48 -24.58
C ARG B 116 30.86 -7.87 -24.76
N ASN B 117 30.10 -8.87 -24.31
CA ASN B 117 30.42 -10.25 -24.55
C ASN B 117 30.10 -10.56 -26.01
N ALA B 118 31.04 -11.16 -26.72
CA ALA B 118 30.82 -11.58 -28.10
C ALA B 118 31.22 -13.03 -28.41
N VAL B 119 31.49 -13.84 -27.38
CA VAL B 119 31.83 -15.25 -27.57
C VAL B 119 31.06 -16.07 -26.55
N TYR B 120 30.47 -17.18 -27.00
CA TYR B 120 29.88 -18.16 -26.10
C TYR B 120 30.28 -19.52 -26.67
N SER B 121 31.45 -19.99 -26.24
CA SER B 121 32.10 -21.13 -26.85
C SER B 121 32.69 -22.04 -25.79
N GLY B 122 33.59 -22.92 -26.19
CA GLY B 122 34.18 -23.88 -25.28
C GLY B 122 35.30 -24.71 -25.88
N ASN B 123 36.06 -25.35 -24.99
CA ASN B 123 37.31 -26.11 -25.29
C ASN B 123 37.12 -27.47 -24.57
N MET B 124 36.90 -28.56 -25.30
CA MET B 124 36.80 -29.89 -24.73
C MET B 124 38.14 -30.64 -24.86
N ASN B 125 38.84 -30.81 -23.75
CA ASN B 125 40.18 -31.44 -23.77
C ASN B 125 40.01 -32.94 -23.48
N LEU B 126 40.23 -33.76 -24.51
CA LEU B 126 40.01 -35.22 -24.41
C LEU B 126 41.17 -35.98 -23.78
N PRO B 127 40.89 -37.12 -23.13
CA PRO B 127 41.96 -38.03 -22.69
C PRO B 127 42.94 -38.35 -23.81
N GLY B 128 44.23 -38.23 -23.53
CA GLY B 128 45.30 -38.52 -24.51
C GLY B 128 45.61 -37.38 -25.45
N SER B 129 45.09 -36.19 -25.18
CA SER B 129 45.36 -35.04 -26.03
C SER B 129 46.83 -34.65 -25.99
N HIS B 130 47.24 -33.89 -27.00
CA HIS B 130 48.62 -33.46 -27.16
C HIS B 130 48.88 -32.09 -26.52
N GLU B 131 50.13 -31.64 -26.52
CA GLU B 131 50.48 -30.30 -26.03
C GLU B 131 50.20 -29.25 -27.10
N GLN B 132 49.48 -28.19 -26.76
CA GLN B 132 49.33 -27.05 -27.68
C GLN B 132 50.60 -26.22 -27.64
N PRO B 133 50.89 -25.49 -28.74
CA PRO B 133 51.94 -24.49 -28.66
C PRO B 133 51.49 -23.32 -27.77
N VAL B 134 52.46 -22.67 -27.10
CA VAL B 134 52.15 -21.44 -26.41
C VAL B 134 51.68 -20.38 -27.41
N HIS B 135 50.54 -19.77 -27.11
CA HIS B 135 49.89 -18.80 -27.99
C HIS B 135 49.11 -17.76 -27.20
N LEU B 136 48.67 -16.73 -27.92
CA LEU B 136 47.65 -15.81 -27.41
C LEU B 136 46.39 -16.08 -28.19
N ASP B 137 45.23 -15.99 -27.55
CA ASP B 137 43.95 -16.18 -28.22
C ASP B 137 43.59 -14.96 -29.07
N GLU B 138 44.00 -13.77 -28.64
CA GLU B 138 43.70 -12.54 -29.36
C GLU B 138 44.98 -11.74 -29.49
N PRO B 139 45.24 -11.17 -30.67
CA PRO B 139 46.50 -10.49 -30.91
C PRO B 139 46.53 -9.05 -30.38
N HIS B 140 47.72 -8.49 -30.33
CA HIS B 140 47.91 -7.06 -30.17
C HIS B 140 47.43 -6.41 -31.47
N LEU B 141 46.97 -5.17 -31.40
CA LEU B 141 46.34 -4.49 -32.51
C LEU B 141 47.31 -3.87 -33.51
N TRP B 142 48.52 -3.55 -33.07
CA TRP B 142 49.58 -3.16 -33.98
C TRP B 142 50.89 -3.82 -33.54
N PRO B 143 51.75 -4.17 -34.50
CA PRO B 143 53.03 -4.78 -34.10
C PRO B 143 53.97 -3.79 -33.46
N GLY B 144 54.70 -4.23 -32.41
CA GLY B 144 55.73 -3.36 -31.82
C GLY B 144 55.21 -2.20 -30.94
N ILE B 145 53.92 -2.22 -30.61
CA ILE B 145 53.26 -1.16 -29.90
C ILE B 145 52.71 -1.72 -28.58
N SER B 146 52.92 -0.95 -27.51
CA SER B 146 52.32 -1.22 -26.22
CA SER B 146 52.33 -1.21 -26.22
C SER B 146 50.99 -0.50 -26.12
N HIS B 147 49.90 -1.24 -25.91
CA HIS B 147 48.60 -0.59 -25.72
C HIS B 147 47.77 -1.29 -24.66
N PRO B 148 46.73 -0.63 -24.15
CA PRO B 148 45.95 -1.28 -23.11
C PRO B 148 45.10 -2.44 -23.64
N PRO B 149 44.47 -3.19 -22.72
CA PRO B 149 43.62 -4.28 -23.12
C PRO B 149 42.40 -3.82 -23.93
N TYR B 150 42.01 -4.63 -24.89
CA TYR B 150 40.75 -4.46 -25.58
C TYR B 150 39.84 -5.65 -25.45
N CYS B 151 40.29 -6.72 -24.78
CA CYS B 151 39.44 -7.88 -24.56
C CYS B 151 39.88 -8.69 -23.37
N LEU B 152 38.88 -9.28 -22.70
CA LEU B 152 39.10 -10.13 -21.54
C LEU B 152 38.37 -11.44 -21.74
N CYS B 153 39.13 -12.56 -21.73
CA CYS B 153 38.57 -13.88 -21.77
C CYS B 153 37.99 -14.21 -20.40
N VAL B 154 36.82 -14.84 -20.38
CA VAL B 154 36.09 -15.22 -19.17
C VAL B 154 35.90 -16.75 -19.31
N ASP B 155 36.68 -17.51 -18.55
CA ASP B 155 36.78 -18.95 -18.71
C ASP B 155 36.13 -19.63 -17.51
N VAL B 156 35.28 -20.61 -17.77
CA VAL B 156 34.49 -21.28 -16.77
C VAL B 156 34.77 -22.79 -16.82
N PRO B 157 35.62 -23.29 -15.92
CA PRO B 157 35.82 -24.75 -15.90
C PRO B 157 34.56 -25.46 -15.47
N LEU B 158 34.22 -26.56 -16.12
CA LEU B 158 32.99 -27.26 -15.82
C LEU B 158 33.20 -28.56 -15.06
N ILE B 159 34.47 -28.90 -14.79
CA ILE B 159 34.81 -29.86 -13.72
C ILE B 159 36.01 -29.27 -12.99
N ASP B 160 36.41 -29.90 -11.87
CA ASP B 160 37.67 -29.54 -11.23
C ASP B 160 38.81 -29.74 -12.21
N PHE B 161 39.59 -28.68 -12.45
CA PHE B 161 40.74 -28.76 -13.33
C PHE B 161 41.91 -29.13 -12.45
N THR B 162 42.71 -30.09 -12.87
CA THR B 162 43.83 -30.61 -12.11
C THR B 162 45.07 -30.59 -12.98
N LEU B 163 46.24 -30.79 -12.37
CA LEU B 163 47.48 -30.92 -13.13
C LEU B 163 47.43 -32.14 -14.04
N GLU B 164 46.71 -33.17 -13.64
CA GLU B 164 46.56 -34.38 -14.44
C GLU B 164 45.64 -34.20 -15.67
N ASN B 165 44.50 -33.49 -15.52
CA ASN B 165 43.46 -33.47 -16.57
C ASN B 165 43.50 -32.28 -17.52
N GLY B 166 44.60 -31.51 -17.49
CA GLY B 166 44.82 -30.46 -18.44
C GLY B 166 44.50 -29.05 -18.03
N SER B 167 44.71 -28.75 -16.75
CA SER B 167 44.66 -27.35 -16.32
C SER B 167 45.67 -26.57 -17.16
N THR B 168 45.25 -25.41 -17.64
CA THR B 168 46.00 -24.64 -18.61
C THR B 168 47.29 -24.03 -18.05
N GLU B 169 48.35 -24.04 -18.85
CA GLU B 169 49.57 -23.32 -18.50
C GLU B 169 49.44 -21.84 -18.84
N TYR B 170 49.66 -20.98 -17.86
CA TYR B 170 49.57 -19.53 -18.03
C TYR B 170 50.93 -18.88 -17.83
N TRP B 171 51.23 -17.85 -18.63
CA TRP B 171 52.45 -17.07 -18.52
C TRP B 171 52.14 -15.68 -17.92
N PRO B 172 52.25 -15.54 -16.59
CA PRO B 172 51.88 -14.27 -15.95
C PRO B 172 52.67 -13.09 -16.49
N GLY B 173 51.98 -11.99 -16.71
CA GLY B 173 52.60 -10.74 -17.15
C GLY B 173 52.86 -10.66 -18.64
N SER B 174 52.54 -11.73 -19.38
CA SER B 174 52.90 -11.84 -20.78
C SER B 174 52.00 -11.01 -21.69
N HIS B 175 50.84 -10.59 -21.17
CA HIS B 175 49.86 -9.83 -21.92
C HIS B 175 50.31 -8.49 -22.45
N VAL B 176 51.33 -7.90 -21.82
CA VAL B 176 51.89 -6.62 -22.25
C VAL B 176 53.05 -6.75 -23.23
N LEU B 177 53.49 -7.96 -23.54
CA LEU B 177 54.68 -8.12 -24.36
C LEU B 177 54.27 -8.10 -25.81
N ASN B 178 54.91 -7.28 -26.62
CA ASN B 178 54.60 -7.23 -28.06
C ASN B 178 55.83 -6.90 -28.92
N PRO B 179 56.87 -7.74 -28.78
CA PRO B 179 58.07 -7.44 -29.51
C PRO B 179 57.93 -7.88 -30.96
N ASP B 180 58.82 -7.37 -31.81
CA ASP B 180 58.77 -7.72 -33.24
C ASP B 180 59.18 -9.19 -33.41
N GLU B 181 58.68 -9.82 -34.46
CA GLU B 181 58.99 -11.22 -34.81
C GLU B 181 58.63 -12.18 -33.66
N CYS B 182 57.57 -11.90 -32.92
CA CYS B 182 57.21 -12.71 -31.75
C CYS B 182 56.07 -13.67 -32.08
N TYR B 183 55.12 -13.23 -32.90
CA TYR B 183 53.86 -13.97 -33.08
C TYR B 183 53.68 -14.34 -34.52
N ASP B 184 53.37 -15.62 -34.75
CA ASP B 184 53.14 -16.07 -36.12
C ASP B 184 51.68 -15.83 -36.46
N GLU B 185 51.26 -16.22 -37.66
CA GLU B 185 49.89 -15.97 -38.12
C GLU B 185 48.79 -16.65 -37.31
N ARG B 186 49.14 -17.72 -36.57
CA ARG B 186 48.17 -18.41 -35.70
C ARG B 186 48.17 -17.90 -34.26
N GLY B 187 48.90 -16.85 -33.98
CA GLY B 187 49.05 -16.32 -32.63
C GLY B 187 50.05 -17.06 -31.74
N CYS B 188 50.87 -17.93 -32.32
CA CYS B 188 51.84 -18.71 -31.53
C CYS B 188 53.10 -17.90 -31.27
N VAL B 189 53.64 -18.07 -30.07
CA VAL B 189 54.79 -17.33 -29.59
C VAL B 189 56.04 -18.08 -30.05
N LEU B 190 56.97 -17.32 -30.63
CA LEU B 190 58.24 -17.88 -31.05
C LEU B 190 59.02 -18.52 -29.90
N PRO B 191 59.64 -19.69 -30.13
CA PRO B 191 60.38 -20.34 -29.04
C PRO B 191 61.49 -19.51 -28.41
N ALA B 192 62.20 -18.72 -29.19
CA ALA B 192 63.21 -17.81 -28.64
C ALA B 192 62.62 -16.81 -27.64
N GLU B 193 61.45 -16.27 -27.94
CA GLU B 193 60.78 -15.32 -27.04
C GLU B 193 60.26 -15.99 -25.78
N LEU B 194 59.82 -17.22 -25.91
CA LEU B 194 59.36 -18.02 -24.77
C LEU B 194 60.51 -18.20 -23.78
N GLU B 195 61.67 -18.58 -24.25
CA GLU B 195 62.85 -18.82 -23.43
C GLU B 195 63.40 -17.52 -22.77
N ARG B 196 63.40 -16.40 -23.51
CA ARG B 196 63.75 -15.13 -22.93
C ARG B 196 62.77 -14.74 -21.79
N ARG B 197 61.48 -14.95 -22.04
CA ARG B 197 60.49 -14.62 -21.05
C ARG B 197 60.59 -15.54 -19.82
N ARG B 198 60.85 -16.81 -20.06
CA ARG B 198 60.89 -17.81 -18.97
C ARG B 198 61.92 -17.46 -17.92
N ALA B 199 63.04 -16.90 -18.34
CA ALA B 199 64.11 -16.46 -17.41
C ALA B 199 63.67 -15.37 -16.43
N VAL B 200 62.72 -14.55 -16.86
CA VAL B 200 62.22 -13.42 -16.06
C VAL B 200 60.92 -13.78 -15.30
N ALA B 201 60.01 -14.49 -15.95
CA ALA B 201 58.70 -14.77 -15.40
C ALA B 201 58.20 -16.10 -15.94
N PRO B 202 58.62 -17.19 -15.28
CA PRO B 202 58.28 -18.52 -15.79
C PRO B 202 56.76 -18.80 -15.70
N PRO B 203 56.24 -19.72 -16.51
CA PRO B 203 54.83 -20.01 -16.46
C PRO B 203 54.40 -20.71 -15.19
N VAL B 204 53.09 -20.71 -14.93
CA VAL B 204 52.50 -21.44 -13.82
C VAL B 204 51.35 -22.30 -14.32
N ARG B 205 51.08 -23.35 -13.57
CA ARG B 205 50.00 -24.25 -13.86
C ARG B 205 49.48 -24.76 -12.52
N PHE B 206 48.16 -24.75 -12.35
CA PHE B 206 47.57 -25.06 -11.05
C PHE B 206 46.16 -25.60 -11.16
N PRO B 207 45.72 -26.36 -10.15
CA PRO B 207 44.33 -26.74 -10.11
C PRO B 207 43.40 -25.56 -9.96
N ILE B 208 42.21 -25.69 -10.56
CA ILE B 208 41.17 -24.69 -10.47
C ILE B 208 39.87 -25.45 -10.21
N PRO B 209 39.23 -25.20 -9.05
CA PRO B 209 37.98 -25.94 -8.79
C PRO B 209 36.79 -25.47 -9.62
N VAL B 210 35.90 -26.40 -9.96
CA VAL B 210 34.64 -26.05 -10.61
C VAL B 210 33.90 -25.09 -9.66
N GLY B 211 33.22 -24.11 -10.24
CA GLY B 211 32.68 -23.00 -9.48
C GLY B 211 33.47 -21.73 -9.68
N SER B 212 34.73 -21.86 -10.10
CA SER B 212 35.59 -20.71 -10.34
C SER B 212 35.34 -20.09 -11.72
N VAL B 213 35.78 -18.85 -11.86
CA VAL B 213 35.83 -18.14 -13.14
C VAL B 213 37.20 -17.55 -13.26
N VAL B 214 37.83 -17.74 -14.42
CA VAL B 214 39.12 -17.14 -14.72
C VAL B 214 38.88 -15.98 -15.67
N ILE B 215 39.35 -14.79 -15.28
CA ILE B 215 39.31 -13.64 -16.18
C ILE B 215 40.75 -13.38 -16.58
N ARG B 216 41.00 -13.26 -17.88
CA ARG B 216 42.33 -12.92 -18.31
C ARG B 216 42.38 -12.07 -19.56
N ASP B 217 43.45 -11.30 -19.69
CA ASP B 217 43.72 -10.55 -20.87
C ASP B 217 43.73 -11.49 -22.07
N GLY B 218 43.03 -11.14 -23.12
CA GLY B 218 43.00 -11.99 -24.32
C GLY B 218 44.36 -12.18 -24.97
N ARG B 219 45.31 -11.31 -24.65
CA ARG B 219 46.66 -11.40 -25.16
C ARG B 219 47.62 -12.23 -24.29
N LEU B 220 47.11 -12.82 -23.21
CA LEU B 220 47.95 -13.60 -22.31
C LEU B 220 48.48 -14.85 -23.00
N TRP B 221 49.77 -15.11 -22.89
CA TRP B 221 50.36 -16.33 -23.42
C TRP B 221 49.90 -17.51 -22.54
N HIS B 222 49.52 -18.60 -23.16
CA HIS B 222 49.09 -19.78 -22.48
C HIS B 222 49.11 -20.98 -23.44
N ARG B 223 48.93 -22.16 -22.89
CA ARG B 223 48.74 -23.36 -23.71
C ARG B 223 47.93 -24.40 -22.99
N GLY B 224 47.03 -25.04 -23.73
CA GLY B 224 46.39 -26.26 -23.27
C GLY B 224 47.43 -27.37 -23.28
N VAL B 225 47.29 -28.32 -22.38
CA VAL B 225 48.24 -29.41 -22.21
C VAL B 225 47.53 -30.76 -22.15
N PRO B 226 48.27 -31.87 -22.17
CA PRO B 226 47.62 -33.17 -22.20
C PRO B 226 46.69 -33.46 -21.02
N ASN B 227 45.54 -34.00 -21.34
CA ASN B 227 44.61 -34.55 -20.35
C ASN B 227 44.99 -36.00 -20.19
N LEU B 228 45.60 -36.32 -19.05
CA LEU B 228 46.04 -37.67 -18.74
C LEU B 228 45.07 -38.40 -17.80
N SER B 229 43.85 -37.89 -17.62
CA SER B 229 42.78 -38.57 -16.88
C SER B 229 41.96 -39.41 -17.83
N ALA B 230 41.00 -40.16 -17.28
CA ALA B 230 40.05 -40.95 -18.05
C ALA B 230 38.80 -40.24 -18.58
N ALA B 231 38.66 -38.96 -18.27
CA ALA B 231 37.42 -38.21 -18.51
C ALA B 231 37.72 -36.93 -19.30
N PRO B 232 36.84 -36.57 -20.26
CA PRO B 232 36.97 -35.28 -20.95
C PRO B 232 36.90 -34.09 -19.98
N ARG B 233 37.66 -33.03 -20.25
CA ARG B 233 37.76 -31.83 -19.43
C ARG B 233 37.10 -30.65 -20.16
N PRO B 234 35.85 -30.36 -19.83
CA PRO B 234 35.16 -29.26 -20.54
C PRO B 234 35.42 -27.89 -19.91
N LEU B 235 35.65 -26.91 -20.78
CA LEU B 235 35.73 -25.49 -20.43
C LEU B 235 34.67 -24.74 -21.23
N LEU B 236 33.93 -23.87 -20.56
CA LEU B 236 33.05 -22.92 -21.25
C LEU B 236 33.80 -21.59 -21.33
N ALA B 237 33.73 -20.92 -22.47
CA ALA B 237 34.55 -19.72 -22.72
C ALA B 237 33.74 -18.56 -23.28
N MET B 238 33.92 -17.39 -22.70
CA MET B 238 33.32 -16.16 -23.18
C MET B 238 34.45 -15.16 -23.36
N THR B 239 34.19 -14.10 -24.12
CA THR B 239 35.19 -13.03 -24.30
C THR B 239 34.50 -11.68 -24.42
N HIS B 240 34.85 -10.78 -23.53
CA HIS B 240 34.34 -9.43 -23.52
C HIS B 240 35.31 -8.56 -24.32
N TYR B 241 34.75 -7.70 -25.17
CA TYR B 241 35.53 -6.77 -25.99
C TYR B 241 35.07 -5.34 -25.79
N THR B 242 35.99 -4.40 -25.99
CA THR B 242 35.61 -2.99 -26.13
C THR B 242 34.57 -2.89 -27.24
N GLU B 243 33.67 -1.92 -27.14
CA GLU B 243 32.55 -1.82 -28.08
CA GLU B 243 32.55 -1.82 -28.08
C GLU B 243 32.99 -1.61 -29.52
N TRP B 244 34.16 -1.00 -29.71
CA TRP B 244 34.65 -0.72 -31.06
C TRP B 244 35.35 -1.88 -31.78
N PHE B 245 35.55 -3.02 -31.12
CA PHE B 245 36.23 -4.14 -31.75
C PHE B 245 35.19 -5.00 -32.49
N ASP B 246 35.40 -5.18 -33.80
CA ASP B 246 34.45 -5.86 -34.66
C ASP B 246 34.43 -7.37 -34.41
N MET B 247 33.25 -7.90 -34.09
CA MET B 247 33.04 -9.33 -33.91
C MET B 247 31.68 -9.71 -34.49
N PRO B 248 31.55 -10.95 -35.00
CA PRO B 248 30.21 -11.42 -35.33
C PRO B 248 29.37 -11.63 -34.07
N PRO B 249 28.04 -11.47 -34.19
CA PRO B 249 27.20 -11.65 -33.02
C PRO B 249 27.08 -13.11 -32.60
N ILE B 250 26.79 -13.33 -31.32
CA ILE B 250 26.42 -14.63 -30.81
C ILE B 250 24.96 -14.90 -31.21
N GLN B 251 24.70 -16.06 -31.81
CA GLN B 251 23.33 -16.46 -32.16
CA GLN B 251 23.33 -16.46 -32.15
C GLN B 251 22.62 -17.03 -30.93
N LEU B 252 21.53 -16.40 -30.50
CA LEU B 252 20.77 -16.84 -29.33
C LEU B 252 19.29 -16.97 -29.65
N PRO B 253 18.57 -17.88 -28.96
CA PRO B 253 17.15 -17.99 -29.18
C PRO B 253 16.42 -16.74 -28.70
N ASP B 254 15.37 -16.34 -29.38
CA ASP B 254 14.63 -15.13 -28.98
C ASP B 254 13.86 -15.28 -27.66
N THR B 255 13.73 -16.50 -27.15
CA THR B 255 13.20 -16.75 -25.82
C THR B 255 14.06 -16.20 -24.66
N VAL B 256 15.33 -15.81 -24.90
CA VAL B 256 16.13 -15.14 -23.88
C VAL B 256 16.30 -13.63 -24.15
N LYS B 257 15.66 -13.12 -25.20
CA LYS B 257 15.84 -11.72 -25.56
C LYS B 257 15.41 -10.76 -24.45
N SER B 258 14.34 -11.09 -23.76
CA SER B 258 13.78 -10.23 -22.72
C SER B 258 14.80 -9.89 -21.64
N TRP B 259 15.65 -10.82 -21.23
CA TRP B 259 16.67 -10.53 -20.20
C TRP B 259 18.08 -10.26 -20.73
N VAL B 260 18.43 -10.79 -21.91
CA VAL B 260 19.75 -10.50 -22.50
C VAL B 260 19.78 -9.08 -23.06
N ASP B 261 18.82 -8.77 -23.91
CA ASP B 261 18.75 -7.45 -24.54
C ASP B 261 18.21 -6.43 -23.54
N GLY B 262 18.79 -5.23 -23.55
CA GLY B 262 18.43 -4.18 -22.58
C GLY B 262 19.01 -4.28 -21.18
N SER B 263 19.81 -5.33 -20.88
CA SER B 263 20.62 -5.33 -19.65
C SER B 263 21.74 -4.32 -19.85
N ASP B 264 22.24 -3.71 -18.77
CA ASP B 264 23.48 -2.89 -18.86
CA ASP B 264 23.47 -2.90 -18.82
C ASP B 264 24.77 -3.74 -18.91
N ARG B 265 24.61 -5.07 -18.91
CA ARG B 265 25.70 -6.00 -19.13
C ARG B 265 25.50 -6.48 -20.56
N HIS B 266 26.27 -5.89 -21.47
CA HIS B 266 25.96 -5.98 -22.89
C HIS B 266 26.47 -7.28 -23.49
N THR B 267 25.70 -7.77 -24.45
CA THR B 267 26.06 -8.90 -25.26
C THR B 267 25.84 -8.50 -26.73
N HIS B 268 26.79 -8.85 -27.59
CA HIS B 268 26.63 -8.67 -29.02
C HIS B 268 25.90 -9.89 -29.55
N ALA B 269 24.57 -9.81 -29.61
CA ALA B 269 23.72 -10.96 -29.90
C ALA B 269 22.81 -10.75 -31.08
N HIS B 270 22.52 -11.83 -31.79
CA HIS B 270 21.47 -11.88 -32.78
C HIS B 270 20.43 -12.91 -32.33
N PHE B 271 19.17 -12.49 -32.21
CA PHE B 271 18.12 -13.35 -31.66
C PHE B 271 17.32 -14.06 -32.75
N VAL B 272 17.22 -15.37 -32.65
CA VAL B 272 16.69 -16.25 -33.70
C VAL B 272 15.40 -16.90 -33.20
N ALA B 273 14.45 -17.11 -34.13
CA ALA B 273 13.18 -17.79 -33.79
C ALA B 273 13.47 -19.30 -33.75
N GLY B 274 12.91 -20.00 -32.79
CA GLY B 274 13.14 -21.44 -32.67
C GLY B 274 14.50 -21.77 -32.07
N ASP B 275 14.93 -23.02 -32.25
CA ASP B 275 16.19 -23.47 -31.67
C ASP B 275 17.34 -23.03 -32.58
N VAL B 276 18.48 -22.70 -31.96
CA VAL B 276 19.72 -22.43 -32.67
C VAL B 276 20.50 -23.74 -32.75
N ASP B 277 21.07 -24.02 -33.92
CA ASP B 277 22.10 -25.05 -34.09
C ASP B 277 23.47 -24.50 -33.64
N HIS B 278 23.79 -24.77 -32.36
CA HIS B 278 25.04 -24.29 -31.72
C HIS B 278 26.25 -25.02 -32.24
N LEU B 279 26.06 -26.27 -32.70
CA LEU B 279 27.19 -27.11 -33.15
C LEU B 279 27.69 -26.83 -34.57
N THR B 280 26.77 -26.51 -35.47
CA THR B 280 27.16 -26.16 -36.85
C THR B 280 26.62 -24.82 -37.43
N GLY B 281 25.76 -24.10 -36.73
CA GLY B 281 25.24 -22.80 -37.24
C GLY B 281 24.39 -22.83 -38.52
N ASP B 282 23.73 -23.96 -38.76
CA ASP B 282 22.91 -24.17 -39.99
C ASP B 282 21.39 -24.20 -39.79
N HIS B 283 20.95 -23.72 -38.63
CA HIS B 283 19.55 -23.30 -38.44
C HIS B 283 19.17 -22.29 -39.55
N PRO B 284 17.91 -22.37 -40.06
CA PRO B 284 17.52 -21.38 -41.07
C PRO B 284 17.63 -19.93 -40.53
N PHE B 285 17.86 -18.98 -41.46
CA PHE B 285 17.95 -17.54 -41.17
C PHE B 285 19.10 -17.18 -40.23
N ALA B 286 20.18 -17.96 -40.32
CA ALA B 286 21.39 -17.74 -39.52
C ALA B 286 22.05 -16.44 -39.99
N VAL B 287 22.49 -15.61 -39.03
CA VAL B 287 23.10 -14.31 -39.36
C VAL B 287 24.47 -14.49 -40.03
N ALA C 3 3.04 -13.84 17.99
CA ALA C 3 4.30 -13.59 18.78
C ALA C 3 5.14 -14.83 19.12
N MET C 4 4.48 -16.00 19.27
CA MET C 4 5.16 -17.27 19.55
C MET C 4 5.19 -18.24 18.37
N ALA C 5 4.91 -17.78 17.15
CA ALA C 5 5.09 -18.52 15.92
C ALA C 5 6.52 -19.06 15.75
N LEU C 6 6.67 -20.29 15.25
CA LEU C 6 7.99 -20.90 15.11
C LEU C 6 8.71 -20.44 13.83
N ALA C 7 10.01 -20.24 13.94
CA ALA C 7 10.86 -19.86 12.80
C ALA C 7 11.64 -21.04 12.21
N ALA C 8 11.56 -22.20 12.84
CA ALA C 8 12.33 -23.36 12.38
C ALA C 8 11.74 -24.63 12.93
N PRO C 9 12.08 -25.79 12.36
CA PRO C 9 11.60 -27.02 12.97
C PRO C 9 12.09 -27.14 14.42
N PRO C 10 11.22 -27.58 15.34
CA PRO C 10 11.69 -27.69 16.73
C PRO C 10 12.82 -28.72 16.88
N GLY C 11 13.80 -28.38 17.72
CA GLY C 11 14.98 -29.22 17.94
C GLY C 11 14.64 -30.63 18.36
N GLU C 12 13.59 -30.77 19.16
CA GLU C 12 13.16 -32.09 19.63
C GLU C 12 12.58 -33.02 18.55
N LEU C 13 12.24 -32.48 17.39
CA LEU C 13 11.74 -33.26 16.25
C LEU C 13 12.72 -33.36 15.09
N THR C 14 13.91 -32.80 15.23
CA THR C 14 14.78 -32.54 14.08
C THR C 14 16.12 -33.24 14.19
N LEU C 15 16.56 -33.82 13.08
CA LEU C 15 17.92 -34.32 12.93
C LEU C 15 18.52 -33.68 11.69
N ALA C 16 19.70 -33.12 11.83
CA ALA C 16 20.36 -32.39 10.75
C ALA C 16 21.39 -33.25 10.06
N LEU C 17 21.29 -33.33 8.75
CA LEU C 17 22.20 -34.14 7.94
C LEU C 17 22.78 -33.30 6.82
N THR C 18 23.64 -33.92 6.03
CA THR C 18 24.09 -33.42 4.73
C THR C 18 23.66 -34.46 3.66
N PRO C 19 23.60 -34.09 2.36
CA PRO C 19 23.30 -35.10 1.32
C PRO C 19 24.39 -36.21 1.17
N ASP C 20 25.60 -36.00 1.69
CA ASP C 20 26.63 -37.05 1.72
CA ASP C 20 26.65 -37.04 1.71
C ASP C 20 26.47 -38.11 2.80
N ASP C 21 25.66 -37.83 3.82
CA ASP C 21 25.40 -38.81 4.90
C ASP C 21 24.52 -39.92 4.30
N LYS C 22 25.05 -41.13 4.27
CA LYS C 22 24.36 -42.28 3.68
C LYS C 22 23.73 -43.17 4.75
N THR C 23 24.20 -43.06 5.98
CA THR C 23 23.60 -43.76 7.09
C THR C 23 23.75 -42.92 8.34
N LEU C 24 22.80 -43.08 9.25
CA LEU C 24 22.90 -42.53 10.58
C LEU C 24 23.77 -43.44 11.40
N ASP C 25 24.56 -42.86 12.29
CA ASP C 25 25.32 -43.65 13.26
C ASP C 25 24.32 -44.25 14.26
N PRO C 26 24.74 -45.27 15.04
CA PRO C 26 23.79 -45.90 15.97
C PRO C 26 23.07 -44.94 16.93
N ALA C 27 23.78 -43.97 17.50
CA ALA C 27 23.14 -43.02 18.44
C ALA C 27 22.11 -42.12 17.76
N SER C 28 22.39 -41.66 16.55
CA SER C 28 21.46 -40.86 15.74
C SER C 28 20.24 -41.67 15.30
N LEU C 29 20.46 -42.91 14.87
CA LEU C 29 19.35 -43.78 14.51
C LEU C 29 18.44 -44.02 15.72
N ASP C 30 19.03 -44.27 16.89
CA ASP C 30 18.26 -44.43 18.13
C ASP C 30 17.40 -43.22 18.42
N ARG C 31 17.99 -42.03 18.27
CA ARG C 31 17.28 -40.78 18.47
C ARG C 31 16.15 -40.59 17.44
N ALA C 32 16.43 -40.88 16.17
CA ALA C 32 15.41 -40.86 15.13
C ALA C 32 14.20 -41.69 15.50
N LEU C 33 14.46 -42.92 15.93
CA LEU C 33 13.40 -43.83 16.36
C LEU C 33 12.66 -43.36 17.62
N ALA C 34 13.39 -42.80 18.58
CA ALA C 34 12.74 -42.29 19.82
C ALA C 34 11.80 -41.12 19.49
N ILE C 35 12.20 -40.29 18.56
CA ILE C 35 11.37 -39.16 18.10
C ILE C 35 10.09 -39.68 17.43
N LEU C 36 10.24 -40.64 16.52
CA LEU C 36 9.08 -41.22 15.85
C LEU C 36 8.12 -41.91 16.80
N ALA C 37 8.64 -42.64 17.78
CA ALA C 37 7.78 -43.34 18.74
C ALA C 37 7.06 -42.34 19.63
N GLU C 38 7.76 -41.34 20.14
CA GLU C 38 7.17 -40.38 21.07
C GLU C 38 6.27 -39.36 20.36
N HIS C 39 6.82 -38.69 19.36
CA HIS C 39 6.15 -37.57 18.70
C HIS C 39 5.41 -37.93 17.41
N GLY C 40 5.84 -38.99 16.74
CA GLY C 40 5.18 -39.42 15.50
C GLY C 40 5.59 -38.68 14.26
N ILE C 41 6.56 -37.79 14.41
CA ILE C 41 7.05 -36.96 13.30
C ILE C 41 8.51 -36.60 13.52
N LEU C 42 9.28 -36.73 12.45
CA LEU C 42 10.71 -36.52 12.46
C LEU C 42 11.05 -35.68 11.24
N VAL C 43 11.77 -34.60 11.45
CA VAL C 43 12.21 -33.72 10.38
C VAL C 43 13.71 -33.91 10.16
N LEU C 44 14.07 -34.27 8.94
CA LEU C 44 15.45 -34.50 8.55
C LEU C 44 15.88 -33.38 7.63
N THR C 45 16.76 -32.50 8.08
CA THR C 45 17.22 -31.38 7.27
C THR C 45 18.47 -31.76 6.46
N GLY C 46 18.65 -31.08 5.33
CA GLY C 46 19.84 -31.24 4.50
C GLY C 46 20.00 -32.61 3.83
N MET C 47 18.88 -33.23 3.48
CA MET C 47 18.88 -34.59 2.89
C MET C 47 19.10 -34.61 1.37
N LEU C 48 18.49 -33.68 0.66
CA LEU C 48 18.39 -33.76 -0.79
C LEU C 48 19.04 -32.57 -1.48
N ARG C 49 19.81 -32.88 -2.53
CA ARG C 49 20.51 -31.86 -3.29
CA ARG C 49 20.50 -31.86 -3.29
C ARG C 49 19.53 -31.01 -4.08
N THR C 50 19.92 -29.74 -4.27
CA THR C 50 19.19 -28.75 -5.03
C THR C 50 18.89 -29.22 -6.44
N ARG C 51 19.84 -29.93 -7.06
CA ARG C 51 19.65 -30.43 -8.42
C ARG C 51 18.39 -31.29 -8.55
N LEU C 52 18.12 -32.10 -7.52
CA LEU C 52 16.97 -32.98 -7.53
C LEU C 52 15.69 -32.23 -7.24
N THR C 53 15.69 -31.44 -6.16
CA THR C 53 14.48 -30.71 -5.80
C THR C 53 14.08 -29.67 -6.85
N ASP C 54 15.06 -28.99 -7.46
CA ASP C 54 14.78 -28.08 -8.56
C ASP C 54 14.04 -28.78 -9.70
N GLN C 55 14.53 -29.95 -10.10
CA GLN C 55 13.96 -30.66 -11.24
C GLN C 55 12.53 -31.11 -10.93
N LEU C 56 12.32 -31.60 -9.71
CA LEU C 56 11.01 -32.09 -9.31
C LEU C 56 10.02 -30.93 -9.19
N ARG C 57 10.46 -29.82 -8.59
CA ARG C 57 9.62 -28.63 -8.46
C ARG C 57 9.20 -28.13 -9.84
N THR C 58 10.17 -28.03 -10.75
CA THR C 58 9.91 -27.55 -12.11
C THR C 58 8.93 -28.46 -12.83
N ALA C 59 9.13 -29.76 -12.73
CA ALA C 59 8.22 -30.73 -13.39
C ALA C 59 6.79 -30.61 -12.86
N MET C 60 6.62 -30.48 -11.55
CA MET C 60 5.28 -30.38 -10.97
C MET C 60 4.58 -29.06 -11.32
N LEU C 61 5.30 -27.94 -11.27
CA LEU C 61 4.75 -26.65 -11.70
C LEU C 61 4.41 -26.65 -13.20
N ASP C 62 5.25 -27.28 -14.02
CA ASP C 62 4.94 -27.42 -15.45
C ASP C 62 3.70 -28.28 -15.72
N ASP C 63 3.45 -29.29 -14.86
CA ASP C 63 2.27 -30.15 -15.01
C ASP C 63 0.97 -29.54 -14.46
N LEU C 64 1.09 -28.54 -13.60
CA LEU C 64 -0.09 -27.98 -12.93
C LEU C 64 -1.17 -27.52 -13.90
N PRO C 65 -0.82 -26.83 -15.00
CA PRO C 65 -1.88 -26.42 -15.92
C PRO C 65 -2.73 -27.56 -16.45
N GLU C 66 -2.09 -28.68 -16.82
CA GLU C 66 -2.84 -29.85 -17.28
C GLU C 66 -3.77 -30.37 -16.17
N VAL C 67 -3.28 -30.39 -14.93
CA VAL C 67 -4.11 -30.81 -13.80
C VAL C 67 -5.32 -29.90 -13.62
N LEU C 68 -5.13 -28.60 -13.73
CA LEU C 68 -6.23 -27.64 -13.52
C LEU C 68 -7.26 -27.61 -14.64
N ARG C 69 -6.86 -28.08 -15.83
CA ARG C 69 -7.75 -28.16 -16.99
C ARG C 69 -8.69 -29.35 -16.97
N GLN C 70 -8.53 -30.31 -16.06
CA GLN C 70 -9.40 -31.48 -16.03
C GLN C 70 -10.83 -31.06 -15.66
N GLN C 71 -11.78 -31.94 -16.01
CA GLN C 71 -13.20 -31.77 -15.72
C GLN C 71 -13.45 -31.61 -14.23
N ASP C 72 -12.96 -32.56 -13.45
CA ASP C 72 -13.06 -32.53 -11.97
C ASP C 72 -11.66 -32.54 -11.41
N VAL C 73 -11.22 -31.41 -10.90
CA VAL C 73 -9.86 -31.31 -10.35
C VAL C 73 -9.91 -32.01 -9.00
N PRO C 74 -9.19 -33.13 -8.84
CA PRO C 74 -9.22 -33.85 -7.57
C PRO C 74 -8.58 -33.06 -6.44
N THR C 75 -9.29 -32.92 -5.33
N THR C 75 -9.29 -32.91 -5.33
CA THR C 75 -8.79 -32.18 -4.18
CA THR C 75 -8.80 -32.18 -4.17
C THR C 75 -8.83 -33.01 -2.91
C THR C 75 -8.83 -33.01 -2.91
N ASN C 76 -7.96 -32.70 -1.97
CA ASN C 76 -7.97 -33.35 -0.66
C ASN C 76 -8.85 -32.52 0.28
N PHE C 77 -10.09 -32.98 0.48
CA PHE C 77 -11.09 -32.43 1.42
C PHE C 77 -11.72 -31.09 1.02
N VAL C 78 -10.92 -30.08 0.71
CA VAL C 78 -11.41 -28.72 0.50
C VAL C 78 -10.70 -28.03 -0.68
N PRO C 79 -11.29 -26.93 -1.19
CA PRO C 79 -10.67 -26.27 -2.34
C PRO C 79 -9.22 -25.86 -2.13
N GLY C 80 -8.43 -26.04 -3.18
CA GLY C 80 -7.08 -25.54 -3.25
C GLY C 80 -5.99 -26.53 -2.84
N HIS C 81 -6.38 -27.70 -2.34
CA HIS C 81 -5.44 -28.74 -2.00
C HIS C 81 -5.56 -29.81 -3.06
N VAL C 82 -4.78 -29.65 -4.13
CA VAL C 82 -4.95 -30.46 -5.33
C VAL C 82 -4.08 -31.71 -5.21
N GLN C 83 -4.64 -32.87 -5.56
CA GLN C 83 -3.89 -34.12 -5.65
C GLN C 83 -3.14 -34.08 -6.96
N GLN C 84 -1.83 -34.27 -6.93
CA GLN C 84 -1.03 -34.26 -8.15
C GLN C 84 0.14 -35.21 -8.02
N ASP C 85 0.20 -36.20 -8.90
CA ASP C 85 1.31 -37.13 -8.94
C ASP C 85 2.49 -36.52 -9.67
N PRO C 86 3.71 -36.67 -9.13
CA PRO C 86 4.88 -36.27 -9.92
C PRO C 86 5.11 -37.23 -11.09
N PRO C 87 5.88 -36.80 -12.10
CA PRO C 87 6.09 -37.67 -13.24
C PRO C 87 6.87 -38.92 -12.88
N VAL C 88 6.58 -40.00 -13.59
CA VAL C 88 7.37 -41.23 -13.50
C VAL C 88 8.08 -41.46 -14.83
N ARG C 89 8.60 -40.38 -15.41
CA ARG C 89 9.56 -40.45 -16.48
C ARG C 89 10.92 -40.77 -15.89
N GLU C 90 11.68 -41.60 -16.60
CA GLU C 90 12.99 -42.07 -16.18
C GLU C 90 13.92 -40.94 -15.73
N SER C 91 13.94 -39.84 -16.49
CA SER C 91 14.79 -38.68 -16.18
C SER C 91 14.40 -37.95 -14.89
N LEU C 92 13.22 -38.24 -14.34
CA LEU C 92 12.76 -37.60 -13.08
C LEU C 92 12.56 -38.59 -11.92
N LEU C 93 13.06 -39.81 -12.08
CA LEU C 93 13.03 -40.80 -11.03
C LEU C 93 14.45 -40.97 -10.49
N PHE C 94 14.67 -40.52 -9.27
CA PHE C 94 16.02 -40.40 -8.71
C PHE C 94 16.19 -41.37 -7.54
N PRO C 95 17.25 -42.19 -7.56
CA PRO C 95 17.51 -43.10 -6.44
C PRO C 95 17.54 -42.45 -5.07
N ASP C 96 18.11 -41.27 -4.95
CA ASP C 96 18.17 -40.58 -3.65
C ASP C 96 16.82 -40.06 -3.14
N VAL C 97 15.80 -40.02 -4.01
CA VAL C 97 14.44 -39.69 -3.61
C VAL C 97 13.60 -40.95 -3.35
N LEU C 98 13.55 -41.88 -4.31
CA LEU C 98 12.74 -43.11 -4.18
C LEU C 98 13.31 -44.12 -3.21
N LEU C 99 14.65 -44.19 -3.17
CA LEU C 99 15.38 -45.22 -2.41
C LEU C 99 16.44 -44.58 -1.52
N ASN C 100 16.02 -43.56 -0.79
CA ASN C 100 16.98 -42.80 0.02
C ASN C 100 17.53 -43.69 1.12
N PRO C 101 18.85 -43.80 1.22
CA PRO C 101 19.41 -44.73 2.22
C PRO C 101 19.11 -44.40 3.69
N VAL C 102 19.07 -43.11 4.04
CA VAL C 102 18.72 -42.72 5.42
C VAL C 102 17.25 -43.01 5.71
N VAL C 103 16.37 -42.65 4.78
CA VAL C 103 14.93 -42.93 4.95
C VAL C 103 14.71 -44.43 5.19
N TYR C 104 15.28 -45.26 4.33
CA TYR C 104 15.10 -46.71 4.47
C TYR C 104 15.78 -47.30 5.70
N GLN C 105 16.87 -46.70 6.15
CA GLN C 105 17.48 -47.13 7.42
C GLN C 105 16.45 -46.99 8.55
N ILE C 106 15.76 -45.85 8.56
CA ILE C 106 14.74 -45.59 9.56
C ILE C 106 13.54 -46.51 9.38
N THR C 107 13.00 -46.58 8.16
CA THR C 107 11.79 -47.39 7.95
C THR C 107 12.07 -48.90 8.16
N HIS C 108 13.25 -49.39 7.75
CA HIS C 108 13.64 -50.76 8.10
C HIS C 108 13.63 -51.01 9.60
N ALA C 109 14.17 -50.07 10.37
CA ALA C 109 14.26 -50.24 11.83
C ALA C 109 12.89 -50.16 12.51
N VAL C 110 11.96 -49.38 11.96
CA VAL C 110 10.62 -49.29 12.53
C VAL C 110 9.71 -50.42 12.02
N LEU C 111 9.67 -50.61 10.71
CA LEU C 111 8.70 -51.49 10.06
C LEU C 111 9.21 -52.87 9.67
N GLY C 112 10.51 -53.07 9.65
CA GLY C 112 11.13 -54.35 9.27
C GLY C 112 11.83 -54.27 7.94
N ALA C 113 12.71 -55.24 7.70
CA ALA C 113 13.58 -55.24 6.53
C ALA C 113 12.81 -55.40 5.22
N ASP C 114 11.60 -55.97 5.28
CA ASP C 114 10.77 -56.13 4.09
C ASP C 114 9.72 -55.02 3.93
N ALA C 115 9.83 -53.95 4.70
CA ALA C 115 9.00 -52.78 4.48
C ALA C 115 9.19 -52.26 3.04
N ARG C 116 8.15 -51.67 2.48
CA ARG C 116 8.21 -51.25 1.07
C ARG C 116 7.46 -49.94 0.82
N ASN C 117 8.01 -49.13 -0.08
CA ASN C 117 7.33 -47.95 -0.54
C ASN C 117 6.22 -48.37 -1.50
N ALA C 118 5.02 -47.86 -1.30
CA ALA C 118 3.91 -48.13 -2.20
C ALA C 118 3.13 -46.89 -2.68
N VAL C 119 3.67 -45.69 -2.44
CA VAL C 119 3.02 -44.44 -2.89
C VAL C 119 4.10 -43.55 -3.52
N TYR C 120 3.76 -42.97 -4.66
CA TYR C 120 4.60 -41.96 -5.28
C TYR C 120 3.65 -40.89 -5.80
N SER C 121 3.32 -39.94 -4.92
CA SER C 121 2.25 -39.00 -5.17
C SER C 121 2.63 -37.60 -4.74
N GLY C 122 1.63 -36.71 -4.63
CA GLY C 122 1.91 -35.34 -4.23
C GLY C 122 0.67 -34.54 -3.93
N ASN C 123 0.89 -33.38 -3.29
CA ASN C 123 -0.15 -32.47 -2.76
C ASN C 123 0.29 -31.06 -3.27
N MET C 124 -0.44 -30.48 -4.22
CA MET C 124 -0.20 -29.11 -4.67
C MET C 124 -1.15 -28.12 -3.94
N ASN C 125 -0.59 -27.33 -3.04
CA ASN C 125 -1.41 -26.40 -2.26
C ASN C 125 -1.43 -25.02 -2.96
N LEU C 126 -2.58 -24.66 -3.53
CA LEU C 126 -2.69 -23.42 -4.33
C LEU C 126 -2.90 -22.16 -3.50
N PRO C 127 -2.45 -21.00 -4.01
CA PRO C 127 -2.81 -19.71 -3.39
C PRO C 127 -4.31 -19.59 -3.16
N GLY C 128 -4.70 -19.19 -1.95
CA GLY C 128 -6.12 -19.01 -1.58
C GLY C 128 -6.83 -20.30 -1.17
N SER C 129 -6.08 -21.36 -0.94
CA SER C 129 -6.65 -22.63 -0.51
C SER C 129 -7.31 -22.52 0.86
N HIS C 130 -8.19 -23.45 1.16
CA HIS C 130 -8.96 -23.47 2.40
C HIS C 130 -8.26 -24.31 3.47
N GLU C 131 -8.80 -24.29 4.68
CA GLU C 131 -8.33 -25.12 5.79
C GLU C 131 -8.88 -26.56 5.66
N GLN C 132 -8.03 -27.56 5.71
CA GLN C 132 -8.49 -28.96 5.74
C GLN C 132 -8.95 -29.31 7.14
N PRO C 133 -9.85 -30.28 7.28
CA PRO C 133 -10.11 -30.81 8.62
C PRO C 133 -8.91 -31.60 9.13
N VAL C 134 -8.71 -31.63 10.44
CA VAL C 134 -7.69 -32.47 11.02
C VAL C 134 -8.06 -33.94 10.78
N HIS C 135 -7.08 -34.68 10.24
CA HIS C 135 -7.29 -36.07 9.84
C HIS C 135 -5.99 -36.87 9.95
N LEU C 136 -6.12 -38.17 9.81
CA LEU C 136 -4.97 -39.05 9.60
C LEU C 136 -5.03 -39.53 8.16
N ASP C 137 -3.87 -39.68 7.53
CA ASP C 137 -3.80 -40.17 6.16
C ASP C 137 -4.02 -41.67 6.09
N GLU C 138 -3.62 -42.40 7.13
CA GLU C 138 -3.80 -43.84 7.20
C GLU C 138 -4.40 -44.20 8.54
N PRO C 139 -5.41 -45.07 8.54
CA PRO C 139 -6.12 -45.37 9.77
C PRO C 139 -5.40 -46.36 10.68
N HIS C 140 -5.83 -46.42 11.93
CA HIS C 140 -5.52 -47.54 12.79
C HIS C 140 -6.27 -48.75 12.23
N LEU C 141 -5.76 -49.96 12.47
CA LEU C 141 -6.26 -51.15 11.81
C LEU C 141 -7.56 -51.71 12.39
N TRP C 142 -7.83 -51.43 13.66
CA TRP C 142 -9.11 -51.70 14.29
C TRP C 142 -9.38 -50.52 15.23
N PRO C 143 -10.68 -50.19 15.43
CA PRO C 143 -11.01 -49.15 16.39
C PRO C 143 -10.78 -49.62 17.83
N GLY C 144 -10.33 -48.71 18.70
CA GLY C 144 -10.18 -48.99 20.13
C GLY C 144 -9.01 -49.85 20.53
N ILE C 145 -8.09 -50.10 19.61
CA ILE C 145 -6.95 -50.99 19.85
C ILE C 145 -5.67 -50.17 19.71
N SER C 146 -4.76 -50.35 20.66
CA SER C 146 -3.42 -49.79 20.57
CA SER C 146 -3.43 -49.79 20.58
C SER C 146 -2.49 -50.76 19.85
N HIS C 147 -1.90 -50.33 18.74
CA HIS C 147 -0.92 -51.19 18.05
C HIS C 147 0.22 -50.40 17.50
N PRO C 148 1.33 -51.08 17.16
CA PRO C 148 2.48 -50.32 16.62
C PRO C 148 2.24 -49.81 15.22
N PRO C 149 3.16 -48.96 14.71
CA PRO C 149 3.02 -48.44 13.35
C PRO C 149 3.08 -49.55 12.29
N TYR C 150 2.30 -49.39 11.24
CA TYR C 150 2.43 -50.24 10.05
C TYR C 150 2.77 -49.43 8.80
N CYS C 151 2.86 -48.10 8.93
CA CYS C 151 3.22 -47.26 7.81
C CYS C 151 3.84 -45.95 8.23
N LEU C 152 4.76 -45.46 7.39
CA LEU C 152 5.43 -44.18 7.60
C LEU C 152 5.32 -43.34 6.32
N CYS C 153 4.75 -42.16 6.42
CA CYS C 153 4.71 -41.19 5.35
C CYS C 153 6.08 -40.53 5.23
N VAL C 154 6.53 -40.33 3.99
CA VAL C 154 7.81 -39.73 3.68
C VAL C 154 7.49 -38.54 2.77
N ASP C 155 7.55 -37.34 3.33
CA ASP C 155 7.11 -36.13 2.67
C ASP C 155 8.32 -35.28 2.27
N VAL C 156 8.31 -34.82 1.03
CA VAL C 156 9.43 -34.09 0.46
C VAL C 156 8.92 -32.72 -0.05
N PRO C 157 9.16 -31.66 0.74
CA PRO C 157 8.79 -30.33 0.22
C PRO C 157 9.64 -29.96 -0.97
N LEU C 158 9.04 -29.38 -1.99
CA LEU C 158 9.78 -29.05 -3.20
C LEU C 158 10.05 -27.56 -3.35
N ILE C 159 9.58 -26.75 -2.39
CA ILE C 159 10.07 -25.39 -2.17
C ILE C 159 10.20 -25.23 -0.67
N ASP C 160 10.80 -24.12 -0.22
CA ASP C 160 10.80 -23.78 1.20
C ASP C 160 9.34 -23.64 1.67
N PHE C 161 8.97 -24.40 2.70
CA PHE C 161 7.65 -24.32 3.27
C PHE C 161 7.72 -23.29 4.37
N THR C 162 6.76 -22.40 4.42
CA THR C 162 6.72 -21.31 5.39
C THR C 162 5.36 -21.31 6.06
N LEU C 163 5.22 -20.55 7.14
CA LEU C 163 3.93 -20.34 7.79
C LEU C 163 2.96 -19.65 6.86
N GLU C 164 3.45 -18.83 5.96
CA GLU C 164 2.62 -18.16 4.98
C GLU C 164 2.10 -19.07 3.85
N ASN C 165 2.96 -19.96 3.31
CA ASN C 165 2.60 -20.73 2.10
C ASN C 165 2.04 -22.13 2.32
N GLY C 166 1.66 -22.45 3.56
CA GLY C 166 0.94 -23.68 3.86
C GLY C 166 1.75 -24.83 4.38
N SER C 167 2.80 -24.54 5.16
CA SER C 167 3.45 -25.58 5.93
C SER C 167 2.38 -26.29 6.76
N THR C 168 2.43 -27.61 6.77
CA THR C 168 1.38 -28.44 7.37
C THR C 168 1.33 -28.34 8.89
N GLU C 169 0.13 -28.32 9.44
CA GLU C 169 -0.05 -28.41 10.88
C GLU C 169 0.03 -29.84 11.35
N TYR C 170 0.91 -30.12 12.31
CA TYR C 170 1.10 -31.46 12.86
C TYR C 170 0.71 -31.50 14.33
N TRP C 171 0.11 -32.60 14.75
CA TRP C 171 -0.29 -32.82 16.14
C TRP C 171 0.66 -33.86 16.77
N PRO C 172 1.73 -33.39 17.45
CA PRO C 172 2.70 -34.36 18.00
C PRO C 172 2.09 -35.30 18.99
N GLY C 173 2.49 -36.56 18.90
CA GLY C 173 2.07 -37.60 19.85
C GLY C 173 0.70 -38.18 19.51
N SER C 174 0.03 -37.69 18.46
CA SER C 174 -1.34 -38.08 18.18
C SER C 174 -1.45 -39.44 17.51
N HIS C 175 -0.33 -39.96 17.01
CA HIS C 175 -0.29 -41.21 16.26
C HIS C 175 -0.67 -42.46 17.06
N VAL C 176 -0.55 -42.39 18.39
CA VAL C 176 -0.92 -43.49 19.25
C VAL C 176 -2.34 -43.41 19.76
N LEU C 177 -3.09 -42.38 19.41
CA LEU C 177 -4.43 -42.20 20.00
C LEU C 177 -5.44 -42.98 19.16
N ASN C 178 -6.18 -43.87 19.80
CA ASN C 178 -7.17 -44.66 19.12
C ASN C 178 -8.27 -45.12 20.04
N PRO C 179 -8.92 -44.20 20.79
CA PRO C 179 -10.07 -44.63 21.58
C PRO C 179 -11.28 -44.87 20.66
N ASP C 180 -12.31 -45.53 21.18
CA ASP C 180 -13.55 -45.70 20.44
CA ASP C 180 -13.56 -45.70 20.43
C ASP C 180 -14.21 -44.36 20.06
N GLU C 181 -14.92 -44.35 18.94
CA GLU C 181 -15.59 -43.13 18.44
C GLU C 181 -14.64 -41.94 18.27
N CYS C 182 -13.45 -42.21 17.77
CA CYS C 182 -12.44 -41.14 17.52
C CYS C 182 -12.38 -40.66 16.10
N TYR C 183 -12.62 -41.53 15.14
CA TYR C 183 -12.43 -41.20 13.69
C TYR C 183 -13.68 -41.45 12.91
N ASP C 184 -14.01 -40.59 11.95
CA ASP C 184 -15.12 -40.87 11.03
C ASP C 184 -14.57 -41.68 9.86
N GLU C 185 -15.45 -42.03 8.95
CA GLU C 185 -15.13 -42.86 7.80
C GLU C 185 -14.08 -42.26 6.83
N ARG C 186 -13.89 -40.95 6.86
CA ARG C 186 -12.91 -40.28 6.00
C ARG C 186 -11.54 -40.10 6.69
N GLY C 187 -11.39 -40.65 7.90
CA GLY C 187 -10.19 -40.43 8.68
C GLY C 187 -10.08 -39.09 9.40
N CYS C 188 -11.19 -38.33 9.48
CA CYS C 188 -11.19 -37.06 10.21
C CYS C 188 -11.40 -37.31 11.69
N VAL C 189 -10.77 -36.50 12.52
CA VAL C 189 -10.83 -36.67 13.97
C VAL C 189 -12.12 -36.03 14.50
N LEU C 190 -12.84 -36.77 15.34
CA LEU C 190 -14.11 -36.28 15.86
CA LEU C 190 -14.11 -36.28 15.86
C LEU C 190 -13.88 -35.04 16.74
N PRO C 191 -14.77 -34.04 16.65
CA PRO C 191 -14.47 -32.74 17.24
C PRO C 191 -14.16 -32.74 18.72
N ALA C 192 -14.90 -33.53 19.49
CA ALA C 192 -14.65 -33.58 20.95
C ALA C 192 -13.25 -34.10 21.25
N GLU C 193 -12.79 -35.11 20.52
CA GLU C 193 -11.46 -35.67 20.75
C GLU C 193 -10.34 -34.65 20.33
N LEU C 194 -10.60 -33.92 19.25
CA LEU C 194 -9.67 -32.95 18.76
C LEU C 194 -9.42 -31.85 19.80
N GLU C 195 -10.52 -31.34 20.35
CA GLU C 195 -10.44 -30.24 21.30
C GLU C 195 -9.91 -30.67 22.65
N ARG C 196 -10.22 -31.87 23.08
CA ARG C 196 -9.59 -32.45 24.28
C ARG C 196 -8.11 -32.58 24.09
N ARG C 197 -7.66 -33.05 22.93
CA ARG C 197 -6.24 -33.22 22.69
C ARG C 197 -5.55 -31.86 22.63
N ARG C 198 -6.19 -30.85 22.02
CA ARG C 198 -5.59 -29.53 21.90
C ARG C 198 -5.15 -28.94 23.25
N ALA C 199 -5.99 -29.14 24.26
CA ALA C 199 -5.73 -28.60 25.61
C ALA C 199 -4.49 -29.22 26.26
N VAL C 200 -4.16 -30.45 25.88
CA VAL C 200 -3.09 -31.25 26.48
C VAL C 200 -1.79 -31.21 25.66
N ALA C 201 -1.93 -31.22 24.33
CA ALA C 201 -0.74 -31.28 23.45
C ALA C 201 -1.11 -30.57 22.15
N PRO C 202 -1.02 -29.24 22.13
CA PRO C 202 -1.45 -28.49 20.99
C PRO C 202 -0.64 -28.76 19.75
N PRO C 203 -1.25 -28.51 18.56
CA PRO C 203 -0.50 -28.72 17.33
C PRO C 203 0.62 -27.71 17.16
N VAL C 204 1.54 -28.03 16.26
CA VAL C 204 2.64 -27.15 15.89
C VAL C 204 2.69 -26.99 14.38
N ARG C 205 3.26 -25.86 13.96
CA ARG C 205 3.41 -25.56 12.57
C ARG C 205 4.69 -24.76 12.44
N PHE C 206 5.53 -25.11 11.45
CA PHE C 206 6.84 -24.51 11.34
C PHE C 206 7.37 -24.51 9.92
N PRO C 207 8.28 -23.57 9.61
CA PRO C 207 8.94 -23.64 8.31
C PRO C 207 9.79 -24.89 8.16
N ILE C 208 9.86 -25.38 6.94
CA ILE C 208 10.69 -26.52 6.60
C ILE C 208 11.41 -26.18 5.28
N PRO C 209 12.73 -26.13 5.27
CA PRO C 209 13.43 -25.77 4.02
C PRO C 209 13.43 -26.89 2.97
N VAL C 210 13.39 -26.50 1.69
CA VAL C 210 13.56 -27.46 0.61
C VAL C 210 14.93 -28.15 0.81
N GLY C 211 14.99 -29.44 0.52
CA GLY C 211 16.11 -30.29 0.86
C GLY C 211 15.81 -31.19 2.05
N SER C 212 14.80 -30.85 2.83
CA SER C 212 14.40 -31.64 4.00
C SER C 212 13.50 -32.79 3.58
N VAL C 213 13.42 -33.78 4.48
CA VAL C 213 12.45 -34.88 4.37
C VAL C 213 11.76 -35.02 5.70
N VAL C 214 10.43 -35.11 5.67
CA VAL C 214 9.65 -35.35 6.89
C VAL C 214 9.22 -36.82 6.87
N ILE C 215 9.55 -37.54 7.95
CA ILE C 215 9.05 -38.89 8.13
C ILE C 215 8.06 -38.84 9.26
N ARG C 216 6.88 -39.38 9.04
CA ARG C 216 5.89 -39.43 10.12
C ARG C 216 5.04 -40.68 10.09
N ASP C 217 4.56 -41.06 11.27
CA ASP C 217 3.61 -42.13 11.40
C ASP C 217 2.42 -41.79 10.53
N GLY C 218 1.97 -42.75 9.73
CA GLY C 218 0.82 -42.53 8.83
C GLY C 218 -0.45 -42.17 9.59
N ARG C 219 -0.49 -42.50 10.88
CA ARG C 219 -1.65 -42.22 11.72
C ARG C 219 -1.60 -40.87 12.42
N LEU C 220 -0.55 -40.09 12.17
CA LEU C 220 -0.41 -38.78 12.82
C LEU C 220 -1.54 -37.83 12.38
N TRP C 221 -2.14 -37.16 13.35
CA TRP C 221 -3.15 -36.14 13.04
C TRP C 221 -2.42 -34.93 12.45
N HIS C 222 -3.00 -34.36 11.40
CA HIS C 222 -2.46 -33.18 10.76
C HIS C 222 -3.54 -32.55 9.90
N ARG C 223 -3.25 -31.36 9.40
CA ARG C 223 -4.09 -30.74 8.39
C ARG C 223 -3.26 -29.82 7.50
N GLY C 224 -3.61 -29.82 6.22
CA GLY C 224 -3.15 -28.79 5.30
C GLY C 224 -3.89 -27.51 5.63
N VAL C 225 -3.23 -26.39 5.40
CA VAL C 225 -3.78 -25.08 5.76
C VAL C 225 -3.64 -24.12 4.58
N PRO C 226 -4.26 -22.93 4.67
CA PRO C 226 -4.20 -22.00 3.55
C PRO C 226 -2.80 -21.58 3.12
N ASN C 227 -2.59 -21.59 1.81
CA ASN C 227 -1.42 -20.99 1.18
C ASN C 227 -1.78 -19.55 0.89
N LEU C 228 -1.19 -18.66 1.65
CA LEU C 228 -1.44 -17.22 1.52
C LEU C 228 -0.34 -16.50 0.72
N SER C 229 0.53 -17.24 0.03
CA SER C 229 1.52 -16.68 -0.89
C SER C 229 0.94 -16.59 -2.29
N ALA C 230 1.70 -16.03 -3.21
CA ALA C 230 1.33 -15.97 -4.63
C ALA C 230 1.74 -17.17 -5.49
N ALA C 231 2.36 -18.19 -4.88
CA ALA C 231 2.93 -19.31 -5.64
C ALA C 231 2.40 -20.64 -5.11
N PRO C 232 2.08 -21.59 -6.02
CA PRO C 232 1.71 -22.94 -5.60
C PRO C 232 2.82 -23.62 -4.78
N ARG C 233 2.43 -24.43 -3.78
CA ARG C 233 3.34 -25.05 -2.83
C ARG C 233 3.34 -26.57 -3.07
N PRO C 234 4.32 -27.08 -3.83
CA PRO C 234 4.30 -28.52 -4.14
C PRO C 234 4.98 -29.38 -3.08
N LEU C 235 4.31 -30.50 -2.75
CA LEU C 235 4.85 -31.54 -1.88
C LEU C 235 4.87 -32.84 -2.67
N LEU C 236 5.98 -33.58 -2.61
CA LEU C 236 6.06 -34.93 -3.12
C LEU C 236 5.88 -35.86 -1.94
N ALA C 237 5.09 -36.92 -2.10
CA ALA C 237 4.72 -37.81 -0.98
C ALA C 237 4.92 -39.27 -1.32
N MET C 238 5.56 -39.99 -0.39
CA MET C 238 5.70 -41.42 -0.48
C MET C 238 5.19 -42.01 0.83
N THR C 239 4.93 -43.32 0.85
CA THR C 239 4.51 -44.02 2.06
C THR C 239 5.04 -45.42 2.10
N HIS C 240 5.80 -45.73 3.15
CA HIS C 240 6.35 -47.05 3.37
C HIS C 240 5.39 -47.83 4.24
N TYR C 241 5.15 -49.09 3.88
CA TYR C 241 4.28 -50.00 4.62
C TYR C 241 4.98 -51.29 5.00
N THR C 242 4.53 -51.91 6.09
CA THR C 242 4.96 -53.28 6.41
C THR C 242 4.60 -54.15 5.21
N GLU C 243 5.35 -55.23 5.00
CA GLU C 243 5.14 -56.06 3.81
C GLU C 243 3.76 -56.69 3.73
N TRP C 244 3.15 -56.94 4.88
CA TRP C 244 1.83 -57.58 4.92
C TRP C 244 0.62 -56.66 4.68
N PHE C 245 0.83 -55.36 4.55
CA PHE C 245 -0.28 -54.45 4.31
C PHE C 245 -0.51 -54.34 2.79
N ASP C 246 -1.72 -54.66 2.36
CA ASP C 246 -2.04 -54.73 0.94
C ASP C 246 -2.18 -53.34 0.33
N MET C 247 -1.41 -53.09 -0.74
CA MET C 247 -1.52 -51.86 -1.52
C MET C 247 -1.43 -52.15 -3.01
N PRO C 248 -2.04 -51.30 -3.85
CA PRO C 248 -1.75 -51.44 -5.29
C PRO C 248 -0.31 -51.04 -5.59
N PRO C 249 0.29 -51.63 -6.63
CA PRO C 249 1.66 -51.27 -6.95
C PRO C 249 1.76 -49.88 -7.59
N ILE C 250 2.93 -49.25 -7.46
CA ILE C 250 3.25 -48.04 -8.17
C ILE C 250 3.60 -48.43 -9.61
N GLN C 251 2.98 -47.77 -10.60
CA GLN C 251 3.31 -48.03 -12.01
C GLN C 251 4.56 -47.27 -12.40
N LEU C 252 5.62 -47.99 -12.80
CA LEU C 252 6.88 -47.37 -13.20
C LEU C 252 7.30 -47.87 -14.58
N PRO C 253 8.03 -47.04 -15.35
CA PRO C 253 8.55 -47.51 -16.64
C PRO C 253 9.62 -48.57 -16.42
N ASP C 254 9.70 -49.55 -17.31
CA ASP C 254 10.68 -50.62 -17.14
C ASP C 254 12.14 -50.19 -17.34
N THR C 255 12.35 -48.98 -17.85
CA THR C 255 13.68 -48.36 -17.89
C THR C 255 14.31 -48.06 -16.51
N VAL C 256 13.54 -48.10 -15.41
CA VAL C 256 14.12 -48.00 -14.06
C VAL C 256 14.15 -49.34 -13.31
N LYS C 257 13.72 -50.41 -13.97
CA LYS C 257 13.64 -51.71 -13.30
C LYS C 257 14.99 -52.19 -12.78
N SER C 258 16.04 -51.95 -13.57
CA SER C 258 17.37 -52.41 -13.22
C SER C 258 17.83 -51.95 -11.84
N TRP C 259 17.53 -50.72 -11.46
CA TRP C 259 17.93 -50.22 -10.12
C TRP C 259 16.82 -50.24 -9.05
N VAL C 260 15.56 -50.17 -9.45
CA VAL C 260 14.46 -50.25 -8.47
C VAL C 260 14.30 -51.70 -7.97
N ASP C 261 14.14 -52.61 -8.90
CA ASP C 261 13.92 -54.02 -8.58
C ASP C 261 15.26 -54.65 -8.17
N GLY C 262 15.23 -55.49 -7.14
CA GLY C 262 16.47 -56.08 -6.60
C GLY C 262 17.33 -55.19 -5.68
N SER C 263 16.92 -53.95 -5.42
CA SER C 263 17.49 -53.16 -4.31
C SER C 263 16.96 -53.79 -3.03
N ASP C 264 17.73 -53.74 -1.93
CA ASP C 264 17.21 -54.10 -0.60
CA ASP C 264 17.21 -54.11 -0.60
C ASP C 264 16.33 -53.00 0.03
N ARG C 265 16.13 -51.91 -0.70
CA ARG C 265 15.17 -50.86 -0.35
C ARG C 265 13.99 -51.08 -1.26
N HIS C 266 12.97 -51.73 -0.71
CA HIS C 266 11.91 -52.31 -1.54
C HIS C 266 10.88 -51.28 -1.95
N THR C 267 10.38 -51.49 -3.16
CA THR C 267 9.28 -50.71 -3.71
C THR C 267 8.26 -51.75 -4.24
N HIS C 268 6.99 -51.51 -3.93
CA HIS C 268 5.92 -52.33 -4.51
C HIS C 268 5.59 -51.71 -5.85
N ALA C 269 6.22 -52.24 -6.91
CA ALA C 269 6.18 -51.63 -8.23
C ALA C 269 5.72 -52.61 -9.29
N HIS C 270 5.05 -52.08 -10.31
CA HIS C 270 4.75 -52.82 -11.52
C HIS C 270 5.41 -52.07 -12.68
N PHE C 271 6.26 -52.78 -13.43
CA PHE C 271 7.08 -52.16 -14.47
C PHE C 271 6.42 -52.32 -15.85
N VAL C 272 6.29 -51.20 -16.56
CA VAL C 272 5.51 -51.14 -17.80
C VAL C 272 6.44 -50.84 -18.95
N ALA C 273 6.16 -51.41 -20.13
CA ALA C 273 6.92 -51.08 -21.36
C ALA C 273 6.39 -49.73 -21.87
N GLY C 274 7.26 -48.82 -22.26
CA GLY C 274 6.85 -47.47 -22.61
C GLY C 274 6.55 -46.59 -21.40
N ASP C 275 6.13 -45.36 -21.70
CA ASP C 275 5.88 -44.37 -20.67
C ASP C 275 4.55 -44.57 -19.98
N VAL C 276 4.53 -44.26 -18.69
CA VAL C 276 3.34 -44.29 -17.86
C VAL C 276 2.73 -42.88 -17.88
N ASP C 277 1.41 -42.81 -18.02
CA ASP C 277 0.64 -41.59 -17.79
C ASP C 277 0.39 -41.40 -16.26
N HIS C 278 1.26 -40.59 -15.62
CA HIS C 278 1.12 -40.23 -14.20
C HIS C 278 -0.14 -39.41 -13.83
N LEU C 279 -0.59 -38.58 -14.79
CA LEU C 279 -1.90 -37.90 -14.80
C LEU C 279 -2.79 -38.60 -15.84
N ASN D 2 -18.94 -22.47 -25.20
CA ASN D 2 -17.86 -21.58 -24.64
C ASN D 2 -17.37 -20.64 -25.75
N ALA D 3 -16.83 -19.50 -25.37
CA ALA D 3 -16.66 -18.37 -26.27
C ALA D 3 -15.60 -18.61 -27.38
N MET D 4 -15.96 -18.22 -28.59
CA MET D 4 -15.03 -18.04 -29.72
C MET D 4 -13.63 -17.45 -29.38
N ALA D 5 -12.58 -18.23 -29.68
CA ALA D 5 -11.25 -17.95 -29.16
C ALA D 5 -10.34 -17.55 -30.32
N LEU D 6 -9.93 -16.28 -30.28
CA LEU D 6 -9.10 -15.67 -31.32
C LEU D 6 -7.62 -15.83 -30.93
N ALA D 7 -6.74 -15.53 -31.91
CA ALA D 7 -5.27 -15.69 -31.77
C ALA D 7 -4.52 -14.44 -31.28
N ALA D 8 -5.22 -13.31 -31.39
CA ALA D 8 -4.69 -11.97 -31.13
C ALA D 8 -5.87 -11.01 -31.09
N PRO D 9 -5.71 -9.80 -30.56
CA PRO D 9 -6.88 -8.92 -30.54
C PRO D 9 -7.41 -8.65 -31.97
N PRO D 10 -8.75 -8.70 -32.17
CA PRO D 10 -9.24 -8.54 -33.53
C PRO D 10 -8.94 -7.13 -34.08
N GLY D 11 -8.61 -7.07 -35.35
CA GLY D 11 -8.32 -5.81 -36.05
C GLY D 11 -9.44 -4.79 -35.94
N GLU D 12 -10.68 -5.27 -35.96
CA GLU D 12 -11.85 -4.39 -35.85
C GLU D 12 -12.01 -3.68 -34.48
N LEU D 13 -11.33 -4.19 -33.44
CA LEU D 13 -11.36 -3.63 -32.10
C LEU D 13 -10.05 -2.92 -31.70
N THR D 14 -9.04 -2.93 -32.56
CA THR D 14 -7.68 -2.67 -32.10
C THR D 14 -7.03 -1.53 -32.81
N LEU D 15 -6.34 -0.70 -32.05
CA LEU D 15 -5.57 0.43 -32.55
C LEU D 15 -4.19 0.32 -31.97
N ALA D 16 -3.17 0.51 -32.82
CA ALA D 16 -1.79 0.37 -32.41
C ALA D 16 -1.20 1.77 -32.13
N LEU D 17 -0.54 1.87 -30.98
CA LEU D 17 0.21 3.05 -30.64
C LEU D 17 1.66 2.70 -30.33
N THR D 18 2.43 3.78 -30.22
CA THR D 18 3.80 3.74 -29.75
C THR D 18 3.79 4.43 -28.36
N PRO D 19 4.62 3.95 -27.42
CA PRO D 19 4.64 4.60 -26.08
C PRO D 19 5.06 6.08 -26.07
N ASP D 20 5.87 6.49 -27.06
CA ASP D 20 6.35 7.91 -27.13
C ASP D 20 5.24 8.85 -27.69
N ASP D 21 4.35 8.29 -28.54
CA ASP D 21 3.25 9.09 -29.07
C ASP D 21 2.28 9.47 -27.93
N LYS D 22 1.95 10.75 -27.89
CA LYS D 22 1.09 11.32 -26.86
C LYS D 22 -0.38 11.44 -27.22
N THR D 23 -0.71 11.27 -28.49
CA THR D 23 -2.09 11.39 -28.95
C THR D 23 -2.29 10.50 -30.14
N LEU D 24 -3.54 10.11 -30.38
CA LEU D 24 -3.94 9.59 -31.66
C LEU D 24 -4.09 10.68 -32.67
N ASP D 25 -3.75 10.38 -33.91
CA ASP D 25 -4.02 11.30 -35.02
C ASP D 25 -5.53 11.39 -35.23
N PRO D 26 -6.01 12.42 -35.95
CA PRO D 26 -7.46 12.56 -36.10
C PRO D 26 -8.20 11.35 -36.66
N ALA D 27 -7.62 10.68 -37.67
CA ALA D 27 -8.27 9.51 -38.26
C ALA D 27 -8.37 8.33 -37.30
N SER D 28 -7.31 8.10 -36.52
CA SER D 28 -7.28 7.05 -35.48
C SER D 28 -8.22 7.36 -34.33
N LEU D 29 -8.27 8.60 -33.88
CA LEU D 29 -9.22 9.00 -32.84
C LEU D 29 -10.66 8.77 -33.32
N ASP D 30 -10.97 9.15 -34.56
CA ASP D 30 -12.29 8.90 -35.12
C ASP D 30 -12.64 7.42 -35.11
N ARG D 31 -11.68 6.60 -35.52
CA ARG D 31 -11.84 5.14 -35.50
C ARG D 31 -12.01 4.59 -34.08
N ALA D 32 -11.21 5.07 -33.14
CA ALA D 32 -11.34 4.72 -31.70
C ALA D 32 -12.75 4.95 -31.22
N LEU D 33 -13.29 6.13 -31.50
CA LEU D 33 -14.65 6.47 -31.12
C LEU D 33 -15.72 5.63 -31.83
N ALA D 34 -15.52 5.35 -33.12
CA ALA D 34 -16.46 4.50 -33.85
C ALA D 34 -16.49 3.08 -33.29
N ILE D 35 -15.34 2.56 -32.90
CA ILE D 35 -15.23 1.24 -32.26
C ILE D 35 -15.94 1.21 -30.94
N LEU D 36 -15.73 2.21 -30.10
CA LEU D 36 -16.42 2.28 -28.79
C LEU D 36 -17.92 2.38 -28.93
N ALA D 37 -18.40 3.17 -29.89
CA ALA D 37 -19.84 3.31 -30.09
C ALA D 37 -20.46 2.01 -30.60
N GLU D 38 -19.83 1.40 -31.59
CA GLU D 38 -20.37 0.20 -32.22
C GLU D 38 -20.17 -1.06 -31.35
N HIS D 39 -18.92 -1.31 -30.95
CA HIS D 39 -18.55 -2.53 -30.26
C HIS D 39 -18.46 -2.44 -28.73
N GLY D 40 -18.24 -1.25 -28.20
CA GLY D 40 -18.20 -1.05 -26.75
C GLY D 40 -16.88 -1.43 -26.09
N ILE D 41 -15.89 -1.82 -26.90
CA ILE D 41 -14.60 -2.28 -26.42
C ILE D 41 -13.54 -1.94 -27.46
N LEU D 42 -12.42 -1.40 -26.99
CA LEU D 42 -11.33 -0.92 -27.80
C LEU D 42 -10.05 -1.38 -27.15
N VAL D 43 -9.20 -2.04 -27.94
CA VAL D 43 -7.91 -2.49 -27.49
C VAL D 43 -6.80 -1.60 -28.08
N LEU D 44 -6.00 -1.01 -27.21
CA LEU D 44 -4.89 -0.15 -27.59
C LEU D 44 -3.59 -0.87 -27.30
N THR D 45 -2.85 -1.26 -28.34
CA THR D 45 -1.56 -1.91 -28.14
C THR D 45 -0.41 -0.85 -28.10
N GLY D 46 0.66 -1.24 -27.42
CA GLY D 46 1.89 -0.48 -27.35
C GLY D 46 1.77 0.82 -26.55
N MET D 47 0.93 0.82 -25.52
CA MET D 47 0.66 2.04 -24.74
C MET D 47 1.64 2.30 -23.62
N LEU D 48 2.03 1.25 -22.91
CA LEU D 48 2.79 1.40 -21.69
C LEU D 48 4.14 0.73 -21.74
N ARG D 49 5.16 1.45 -21.28
CA ARG D 49 6.52 0.92 -21.25
CA ARG D 49 6.52 0.93 -21.24
C ARG D 49 6.66 -0.21 -20.23
N THR D 50 7.57 -1.13 -20.55
CA THR D 50 7.91 -2.27 -19.72
C THR D 50 8.33 -1.85 -18.32
N ARG D 51 9.06 -0.75 -18.22
CA ARG D 51 9.52 -0.22 -16.94
C ARG D 51 8.35 0.01 -15.97
N LEU D 52 7.23 0.51 -16.49
CA LEU D 52 6.06 0.77 -15.67
C LEU D 52 5.30 -0.50 -15.34
N THR D 53 5.01 -1.30 -16.35
CA THR D 53 4.23 -2.53 -16.11
C THR D 53 5.00 -3.53 -15.23
N ASP D 54 6.32 -3.64 -15.41
CA ASP D 54 7.15 -4.47 -14.52
C ASP D 54 6.98 -4.04 -13.06
N GLN D 55 7.08 -2.75 -12.80
CA GLN D 55 7.00 -2.25 -11.42
C GLN D 55 5.62 -2.50 -10.81
N LEU D 56 4.58 -2.28 -11.60
CA LEU D 56 3.22 -2.48 -11.12
C LEU D 56 2.92 -3.95 -10.90
N ARG D 57 3.36 -4.80 -11.82
CA ARG D 57 3.19 -6.25 -11.68
C ARG D 57 3.86 -6.74 -10.41
N THR D 58 5.10 -6.31 -10.20
CA THR D 58 5.89 -6.72 -9.03
C THR D 58 5.21 -6.26 -7.75
N ALA D 59 4.75 -5.01 -7.72
CA ALA D 59 4.09 -4.48 -6.52
C ALA D 59 2.79 -5.24 -6.20
N MET D 60 1.99 -5.58 -7.21
CA MET D 60 0.74 -6.30 -6.98
C MET D 60 0.96 -7.74 -6.53
N LEU D 61 1.92 -8.44 -7.15
CA LEU D 61 2.29 -9.79 -6.71
C LEU D 61 2.89 -9.79 -5.29
N ASP D 62 3.70 -8.78 -4.96
CA ASP D 62 4.21 -8.63 -3.61
C ASP D 62 3.12 -8.37 -2.57
N ASP D 63 2.06 -7.67 -2.96
CA ASP D 63 0.92 -7.36 -2.06
C ASP D 63 -0.07 -8.48 -1.93
N LEU D 64 -0.07 -9.44 -2.84
CA LEU D 64 -1.08 -10.52 -2.84
C LEU D 64 -1.16 -11.25 -1.49
N PRO D 65 -0.01 -11.58 -0.88
CA PRO D 65 -0.10 -12.26 0.42
C PRO D 65 -0.90 -11.48 1.47
N GLU D 66 -0.68 -10.18 1.56
CA GLU D 66 -1.43 -9.33 2.49
C GLU D 66 -2.94 -9.38 2.17
N VAL D 67 -3.28 -9.34 0.89
CA VAL D 67 -4.68 -9.43 0.46
C VAL D 67 -5.30 -10.76 0.86
N LEU D 68 -4.57 -11.86 0.69
CA LEU D 68 -5.11 -13.18 1.00
C LEU D 68 -5.21 -13.48 2.50
N ARG D 69 -4.45 -12.75 3.31
CA ARG D 69 -4.49 -12.86 4.78
C ARG D 69 -5.67 -12.16 5.43
N GLN D 70 -6.44 -11.36 4.70
N GLN D 70 -6.44 -11.35 4.70
CA GLN D 70 -7.56 -10.65 5.31
CA GLN D 70 -7.59 -10.66 5.27
C GLN D 70 -8.66 -11.64 5.75
C GLN D 70 -8.65 -11.64 5.76
N GLN D 71 -9.49 -11.16 6.68
CA GLN D 71 -10.57 -11.95 7.30
C GLN D 71 -11.56 -12.45 6.25
N ASP D 72 -12.06 -11.53 5.43
CA ASP D 72 -12.91 -11.87 4.29
C ASP D 72 -12.23 -11.38 3.03
N VAL D 73 -11.73 -12.32 2.23
CA VAL D 73 -11.04 -11.96 1.00
C VAL D 73 -12.15 -11.56 0.02
N PRO D 74 -12.17 -10.28 -0.40
CA PRO D 74 -13.23 -9.83 -1.30
C PRO D 74 -13.02 -10.46 -2.70
N THR D 75 -14.09 -11.05 -3.23
CA THR D 75 -14.04 -11.70 -4.54
C THR D 75 -15.15 -11.20 -5.42
N ASN D 76 -14.92 -11.20 -6.73
CA ASN D 76 -15.94 -10.81 -7.68
C ASN D 76 -16.74 -12.04 -8.11
N PHE D 77 -17.92 -12.21 -7.52
CA PHE D 77 -18.92 -13.25 -7.84
C PHE D 77 -18.62 -14.66 -7.39
N VAL D 78 -17.43 -15.18 -7.73
CA VAL D 78 -17.09 -16.58 -7.52
C VAL D 78 -15.62 -16.71 -7.04
N PRO D 79 -15.27 -17.89 -6.48
CA PRO D 79 -13.91 -18.06 -5.97
C PRO D 79 -12.81 -17.79 -7.02
N GLY D 80 -11.76 -17.15 -6.55
CA GLY D 80 -10.52 -17.00 -7.29
C GLY D 80 -10.38 -15.69 -8.05
N HIS D 81 -11.44 -14.85 -8.05
CA HIS D 81 -11.38 -13.56 -8.69
C HIS D 81 -11.31 -12.51 -7.59
N VAL D 82 -10.09 -12.21 -7.15
CA VAL D 82 -9.90 -11.42 -5.94
C VAL D 82 -9.82 -9.93 -6.32
N GLN D 83 -10.52 -9.09 -5.58
CA GLN D 83 -10.41 -7.63 -5.70
C GLN D 83 -9.13 -7.21 -4.99
N GLN D 84 -8.28 -6.47 -5.67
CA GLN D 84 -7.04 -5.99 -5.09
C GLN D 84 -6.66 -4.63 -5.63
N ASP D 85 -6.53 -3.66 -4.73
CA ASP D 85 -6.08 -2.34 -5.14
C ASP D 85 -4.55 -2.31 -5.29
N PRO D 86 -4.05 -1.66 -6.36
CA PRO D 86 -2.62 -1.42 -6.44
C PRO D 86 -2.17 -0.37 -5.42
N PRO D 87 -0.87 -0.30 -5.12
CA PRO D 87 -0.43 0.67 -4.16
C PRO D 87 -0.62 2.09 -4.60
N VAL D 88 -0.87 2.96 -3.62
CA VAL D 88 -0.91 4.39 -3.86
C VAL D 88 0.27 5.04 -3.11
N ARG D 89 1.42 4.37 -3.13
CA ARG D 89 2.68 4.99 -2.76
C ARG D 89 3.15 5.83 -3.95
N GLU D 90 3.75 6.97 -3.63
CA GLU D 90 4.23 7.94 -4.59
C GLU D 90 5.12 7.32 -5.68
N SER D 91 6.02 6.43 -5.27
CA SER D 91 6.94 5.76 -6.20
C SER D 91 6.24 4.82 -7.20
N LEU D 92 4.97 4.47 -6.96
CA LEU D 92 4.21 3.60 -7.85
C LEU D 92 2.99 4.24 -8.49
N LEU D 93 2.91 5.58 -8.39
CA LEU D 93 1.87 6.34 -9.05
C LEU D 93 2.53 7.07 -10.22
N PHE D 94 2.16 6.66 -11.43
CA PHE D 94 2.82 7.12 -12.65
C PHE D 94 1.86 7.93 -13.48
N PRO D 95 2.27 9.16 -13.90
CA PRO D 95 1.40 9.96 -14.77
C PRO D 95 0.93 9.23 -16.03
N ASP D 96 1.78 8.42 -16.64
CA ASP D 96 1.40 7.70 -17.86
C ASP D 96 0.38 6.57 -17.63
N VAL D 97 0.18 6.16 -16.38
CA VAL D 97 -0.88 5.21 -16.02
C VAL D 97 -2.16 5.92 -15.55
N LEU D 98 -2.06 6.83 -14.56
CA LEU D 98 -3.24 7.51 -14.00
C LEU D 98 -3.82 8.56 -14.91
N LEU D 99 -2.94 9.25 -15.64
CA LEU D 99 -3.28 10.39 -16.49
C LEU D 99 -2.77 10.19 -17.90
N ASN D 100 -3.05 9.03 -18.46
CA ASN D 100 -2.52 8.67 -19.76
C ASN D 100 -3.10 9.58 -20.80
N PRO D 101 -2.24 10.25 -21.61
CA PRO D 101 -2.78 11.21 -22.57
C PRO D 101 -3.69 10.63 -23.65
N VAL D 102 -3.40 9.44 -24.14
CA VAL D 102 -4.27 8.80 -25.14
C VAL D 102 -5.60 8.37 -24.52
N VAL D 103 -5.56 7.76 -23.35
CA VAL D 103 -6.78 7.37 -22.64
C VAL D 103 -7.69 8.59 -22.45
N TYR D 104 -7.15 9.69 -21.92
CA TYR D 104 -7.96 10.88 -21.70
C TYR D 104 -8.41 11.58 -22.97
N GLN D 105 -7.62 11.48 -24.04
CA GLN D 105 -8.06 12.00 -25.35
C GLN D 105 -9.38 11.31 -25.73
N ILE D 106 -9.42 9.99 -25.55
CA ILE D 106 -10.60 9.22 -25.88
C ILE D 106 -11.74 9.52 -24.92
N THR D 107 -11.48 9.47 -23.61
CA THR D 107 -12.57 9.66 -22.65
C THR D 107 -13.10 11.11 -22.70
N HIS D 108 -12.25 12.11 -22.90
CA HIS D 108 -12.74 13.46 -23.14
C HIS D 108 -13.70 13.54 -24.34
N ALA D 109 -13.34 12.87 -25.44
CA ALA D 109 -14.16 12.91 -26.64
C ALA D 109 -15.48 12.16 -26.48
N VAL D 110 -15.51 11.10 -25.69
CA VAL D 110 -16.75 10.36 -25.45
C VAL D 110 -17.59 10.98 -24.34
N LEU D 111 -16.96 11.26 -23.19
CA LEU D 111 -17.68 11.63 -21.99
C LEU D 111 -17.70 13.14 -21.68
N GLY D 112 -16.84 13.91 -22.33
CA GLY D 112 -16.74 15.34 -22.08
C GLY D 112 -15.46 15.70 -21.36
N ALA D 113 -15.10 16.99 -21.45
CA ALA D 113 -13.86 17.52 -20.90
C ALA D 113 -13.77 17.40 -19.37
N ASP D 114 -14.92 17.32 -18.70
CA ASP D 114 -14.98 17.19 -17.26
C ASP D 114 -15.16 15.76 -16.78
N ALA D 115 -15.02 14.78 -17.68
CA ALA D 115 -14.97 13.40 -17.26
C ALA D 115 -13.81 13.19 -16.29
N ARG D 116 -13.96 12.25 -15.34
CA ARG D 116 -12.94 12.06 -14.31
C ARG D 116 -12.76 10.60 -13.96
N ASN D 117 -11.51 10.24 -13.67
CA ASN D 117 -11.21 8.92 -13.15
C ASN D 117 -11.63 8.89 -11.69
N ALA D 118 -12.39 7.86 -11.30
CA ALA D 118 -12.78 7.68 -9.91
C ALA D 118 -12.53 6.28 -9.33
N VAL D 119 -11.77 5.46 -10.04
CA VAL D 119 -11.41 4.10 -9.56
C VAL D 119 -9.94 3.89 -9.83
N TYR D 120 -9.25 3.36 -8.85
CA TYR D 120 -7.85 2.93 -9.00
C TYR D 120 -7.76 1.62 -8.25
N SER D 121 -8.08 0.54 -8.97
CA SER D 121 -8.30 -0.76 -8.33
C SER D 121 -7.69 -1.83 -9.19
N GLY D 122 -8.12 -3.06 -9.00
CA GLY D 122 -7.60 -4.22 -9.70
C GLY D 122 -8.28 -5.51 -9.43
N ASN D 123 -8.00 -6.51 -10.27
CA ASN D 123 -8.65 -7.85 -10.30
C ASN D 123 -7.47 -8.86 -10.36
N MET D 124 -7.22 -9.59 -9.28
CA MET D 124 -6.24 -10.67 -9.27
C MET D 124 -6.93 -12.04 -9.51
N ASN D 125 -6.73 -12.61 -10.70
CA ASN D 125 -7.37 -13.87 -11.06
C ASN D 125 -6.43 -15.03 -10.71
N LEU D 126 -6.78 -15.80 -9.66
CA LEU D 126 -5.90 -16.86 -9.14
C LEU D 126 -5.98 -18.18 -9.91
N PRO D 127 -4.89 -18.96 -9.92
CA PRO D 127 -4.95 -20.33 -10.46
C PRO D 127 -6.11 -21.13 -9.86
N GLY D 128 -6.89 -21.78 -10.72
CA GLY D 128 -8.03 -22.61 -10.28
C GLY D 128 -9.30 -21.83 -10.03
N SER D 129 -9.35 -20.56 -10.43
CA SER D 129 -10.53 -19.74 -10.23
C SER D 129 -11.71 -20.28 -11.06
N HIS D 130 -12.90 -19.87 -10.66
CA HIS D 130 -14.12 -20.35 -11.27
C HIS D 130 -14.60 -19.41 -12.40
N GLU D 131 -15.64 -19.82 -13.10
CA GLU D 131 -16.27 -18.98 -14.12
C GLU D 131 -17.22 -17.94 -13.50
N GLN D 132 -17.06 -16.68 -13.84
CA GLN D 132 -18.01 -15.65 -13.39
C GLN D 132 -19.26 -15.73 -14.25
N PRO D 133 -20.41 -15.31 -13.70
CA PRO D 133 -21.57 -15.09 -14.57
C PRO D 133 -21.33 -13.89 -15.51
N VAL D 134 -21.94 -13.90 -16.68
CA VAL D 134 -21.91 -12.76 -17.56
C VAL D 134 -22.65 -11.58 -16.87
N HIS D 135 -21.97 -10.44 -16.82
CA HIS D 135 -22.47 -9.27 -16.11
C HIS D 135 -21.95 -7.98 -16.77
N LEU D 136 -22.52 -6.86 -16.31
CA LEU D 136 -21.93 -5.55 -16.58
C LEU D 136 -21.37 -5.02 -15.28
N ASP D 137 -20.25 -4.30 -15.36
CA ASP D 137 -19.63 -3.73 -14.16
C ASP D 137 -20.38 -2.50 -13.68
N GLU D 138 -21.00 -1.76 -14.61
CA GLU D 138 -21.77 -0.57 -14.27
C GLU D 138 -23.10 -0.65 -14.99
N PRO D 139 -24.20 -0.33 -14.28
CA PRO D 139 -25.51 -0.50 -14.86
C PRO D 139 -25.94 0.63 -15.79
N HIS D 140 -26.97 0.36 -16.58
CA HIS D 140 -27.72 1.43 -17.24
C HIS D 140 -28.46 2.19 -16.15
N LEU D 141 -28.73 3.46 -16.40
CA LEU D 141 -29.24 4.37 -15.35
C LEU D 141 -30.73 4.24 -15.11
N TRP D 142 -31.48 3.80 -16.11
CA TRP D 142 -32.88 3.45 -15.94
C TRP D 142 -33.17 2.20 -16.75
N PRO D 143 -34.09 1.34 -16.27
CA PRO D 143 -34.43 0.15 -17.05
C PRO D 143 -35.20 0.50 -18.31
N GLY D 144 -34.96 -0.24 -19.38
CA GLY D 144 -35.77 -0.13 -20.62
C GLY D 144 -35.47 1.09 -21.47
N ILE D 145 -34.40 1.82 -21.18
CA ILE D 145 -34.10 3.09 -21.83
C ILE D 145 -32.75 2.96 -22.54
N SER D 146 -32.68 3.47 -23.75
CA SER D 146 -31.44 3.64 -24.49
C SER D 146 -30.83 4.99 -24.17
N HIS D 147 -29.64 5.03 -23.61
CA HIS D 147 -28.96 6.30 -23.35
C HIS D 147 -27.48 6.18 -23.64
N PRO D 148 -26.81 7.34 -23.79
CA PRO D 148 -25.38 7.25 -24.10
C PRO D 148 -24.54 6.78 -22.93
N PRO D 149 -23.24 6.52 -23.19
CA PRO D 149 -22.34 6.11 -22.11
C PRO D 149 -22.19 7.21 -21.05
N TYR D 150 -22.04 6.80 -19.80
CA TYR D 150 -21.62 7.68 -18.73
C TYR D 150 -20.33 7.23 -18.08
N CYS D 151 -19.78 6.09 -18.49
CA CYS D 151 -18.53 5.62 -17.92
C CYS D 151 -17.76 4.70 -18.83
N LEU D 152 -16.43 4.77 -18.73
CA LEU D 152 -15.52 3.92 -19.50
C LEU D 152 -14.53 3.26 -18.56
N CYS D 153 -14.51 1.93 -18.57
CA CYS D 153 -13.51 1.15 -17.86
C CYS D 153 -12.20 1.20 -18.63
N VAL D 154 -11.09 1.35 -17.91
CA VAL D 154 -9.75 1.43 -18.47
C VAL D 154 -8.96 0.32 -17.77
N ASP D 155 -8.71 -0.76 -18.49
CA ASP D 155 -8.13 -1.99 -17.93
C ASP D 155 -6.70 -2.14 -18.43
N VAL D 156 -5.79 -2.41 -17.51
CA VAL D 156 -4.37 -2.51 -17.79
C VAL D 156 -3.85 -3.88 -17.36
N PRO D 157 -3.70 -4.80 -18.32
CA PRO D 157 -3.12 -6.11 -17.94
C PRO D 157 -1.67 -5.94 -17.51
N LEU D 158 -1.27 -6.62 -16.44
CA LEU D 158 0.08 -6.46 -15.94
C LEU D 158 1.00 -7.64 -16.25
N ILE D 159 0.45 -8.67 -16.90
CA ILE D 159 1.21 -9.70 -17.59
C ILE D 159 0.49 -9.92 -18.91
N ASP D 160 1.13 -10.69 -19.81
CA ASP D 160 0.45 -11.14 -21.03
C ASP D 160 -0.78 -11.97 -20.62
N PHE D 161 -1.95 -11.55 -21.13
CA PHE D 161 -3.18 -12.27 -20.89
C PHE D 161 -3.32 -13.27 -22.01
N THR D 162 -3.63 -14.52 -21.65
CA THR D 162 -3.70 -15.61 -22.62
C THR D 162 -5.06 -16.30 -22.44
N LEU D 163 -5.41 -17.16 -23.40
CA LEU D 163 -6.61 -17.96 -23.29
C LEU D 163 -6.51 -18.92 -22.08
N GLU D 164 -5.30 -19.33 -21.73
CA GLU D 164 -5.09 -20.20 -20.58
C GLU D 164 -5.23 -19.48 -19.21
N ASN D 165 -4.70 -18.25 -19.08
CA ASN D 165 -4.60 -17.59 -17.76
C ASN D 165 -5.74 -16.62 -17.41
N GLY D 166 -6.83 -16.64 -18.18
CA GLY D 166 -8.03 -15.89 -17.86
C GLY D 166 -8.22 -14.58 -18.58
N SER D 167 -7.80 -14.49 -19.83
CA SER D 167 -8.20 -13.36 -20.66
C SER D 167 -9.72 -13.30 -20.68
N THR D 168 -10.28 -12.12 -20.49
CA THR D 168 -11.73 -11.96 -20.23
C THR D 168 -12.59 -12.23 -21.45
N GLU D 169 -13.74 -12.85 -21.26
CA GLU D 169 -14.72 -13.00 -22.33
C GLU D 169 -15.54 -11.71 -22.50
N TYR D 170 -15.55 -11.16 -23.71
CA TYR D 170 -16.28 -9.92 -24.01
C TYR D 170 -17.41 -10.18 -25.00
N TRP D 171 -18.53 -9.48 -24.79
CA TRP D 171 -19.69 -9.56 -25.70
C TRP D 171 -19.79 -8.25 -26.50
N PRO D 172 -19.17 -8.19 -27.69
CA PRO D 172 -19.16 -6.92 -28.46
C PRO D 172 -20.55 -6.45 -28.80
N GLY D 173 -20.75 -5.13 -28.67
CA GLY D 173 -22.03 -4.49 -29.01
C GLY D 173 -23.07 -4.58 -27.93
N SER D 174 -22.76 -5.24 -26.82
CA SER D 174 -23.74 -5.49 -25.77
C SER D 174 -24.04 -4.27 -24.88
N HIS D 175 -23.18 -3.28 -24.96
CA HIS D 175 -23.26 -2.09 -24.12
C HIS D 175 -24.51 -1.24 -24.31
N VAL D 176 -25.15 -1.35 -25.47
CA VAL D 176 -26.37 -0.62 -25.75
C VAL D 176 -27.64 -1.37 -25.40
N LEU D 177 -27.53 -2.60 -24.94
CA LEU D 177 -28.72 -3.43 -24.75
C LEU D 177 -29.28 -3.20 -23.35
N ASN D 178 -30.55 -2.85 -23.29
CA ASN D 178 -31.19 -2.56 -22.03
C ASN D 178 -32.68 -2.78 -22.08
N PRO D 179 -33.14 -3.96 -22.50
CA PRO D 179 -34.58 -4.23 -22.44
C PRO D 179 -35.02 -4.47 -20.99
N ASP D 180 -36.31 -4.41 -20.74
CA ASP D 180 -36.86 -4.70 -19.41
C ASP D 180 -36.54 -6.12 -18.95
N GLU D 181 -36.38 -6.29 -17.64
CA GLU D 181 -36.10 -7.60 -17.03
C GLU D 181 -34.84 -8.27 -17.62
N CYS D 182 -33.83 -7.47 -17.93
CA CYS D 182 -32.58 -7.96 -18.50
C CYS D 182 -31.47 -8.21 -17.47
N TYR D 183 -31.46 -7.43 -16.39
CA TYR D 183 -30.42 -7.48 -15.38
C TYR D 183 -31.00 -7.76 -14.02
N ASP D 184 -30.31 -8.56 -13.23
CA ASP D 184 -30.69 -8.76 -11.82
C ASP D 184 -30.01 -7.68 -10.98
N GLU D 185 -30.23 -7.73 -9.68
CA GLU D 185 -29.67 -6.74 -8.74
C GLU D 185 -28.13 -6.68 -8.69
N ARG D 186 -27.48 -7.79 -9.05
CA ARG D 186 -26.00 -7.85 -9.07
C ARG D 186 -25.39 -7.38 -10.42
N GLY D 187 -26.23 -7.00 -11.38
CA GLY D 187 -25.77 -6.63 -12.71
C GLY D 187 -25.49 -7.83 -13.64
N CYS D 188 -26.00 -9.01 -13.26
CA CYS D 188 -25.85 -10.20 -14.09
C CYS D 188 -26.95 -10.24 -15.13
N VAL D 189 -26.62 -10.74 -16.31
CA VAL D 189 -27.53 -10.77 -17.44
C VAL D 189 -28.42 -11.99 -17.36
N LEU D 190 -29.72 -11.79 -17.52
CA LEU D 190 -30.69 -12.87 -17.47
C LEU D 190 -30.41 -13.88 -18.59
N PRO D 191 -30.54 -15.19 -18.30
CA PRO D 191 -30.21 -16.21 -19.29
C PRO D 191 -30.92 -16.10 -20.62
N ALA D 192 -32.19 -15.74 -20.62
CA ALA D 192 -32.93 -15.59 -21.89
C ALA D 192 -32.31 -14.50 -22.77
N GLU D 193 -31.91 -13.38 -22.17
CA GLU D 193 -31.31 -12.29 -22.92
C GLU D 193 -29.91 -12.64 -23.44
N LEU D 194 -29.16 -13.40 -22.63
CA LEU D 194 -27.84 -13.87 -23.02
CA LEU D 194 -27.84 -13.88 -23.03
C LEU D 194 -27.92 -14.71 -24.29
N GLU D 195 -28.86 -15.65 -24.31
CA GLU D 195 -28.99 -16.59 -25.41
CA GLU D 195 -28.99 -16.58 -25.42
C GLU D 195 -29.55 -15.91 -26.67
N ARG D 196 -30.47 -14.97 -26.52
CA ARG D 196 -30.93 -14.16 -27.66
C ARG D 196 -29.76 -13.36 -28.26
N ARG D 197 -28.94 -12.77 -27.40
CA ARG D 197 -27.82 -12.02 -27.90
C ARG D 197 -26.78 -12.92 -28.58
N ARG D 198 -26.53 -14.09 -28.01
CA ARG D 198 -25.53 -15.01 -28.53
C ARG D 198 -25.79 -15.40 -29.99
N ALA D 199 -27.06 -15.56 -30.34
CA ALA D 199 -27.46 -15.93 -31.70
C ALA D 199 -27.11 -14.86 -32.74
N VAL D 200 -27.06 -13.60 -32.31
CA VAL D 200 -26.76 -12.48 -33.21
CA VAL D 200 -26.77 -12.48 -33.21
C VAL D 200 -25.30 -12.01 -33.16
N ALA D 201 -24.71 -12.01 -31.96
CA ALA D 201 -23.35 -11.49 -31.77
C ALA D 201 -22.69 -12.26 -30.63
N PRO D 202 -22.13 -13.45 -30.96
CA PRO D 202 -21.56 -14.28 -29.90
C PRO D 202 -20.33 -13.65 -29.24
N PRO D 203 -20.00 -14.07 -28.02
CA PRO D 203 -18.87 -13.46 -27.35
C PRO D 203 -17.53 -13.89 -27.95
N VAL D 204 -16.48 -13.15 -27.63
CA VAL D 204 -15.13 -13.46 -28.07
C VAL D 204 -14.17 -13.42 -26.91
N ARG D 205 -13.03 -14.09 -27.09
CA ARG D 205 -11.96 -14.03 -26.12
CA ARG D 205 -11.94 -13.99 -26.13
C ARG D 205 -10.63 -14.08 -26.86
N PHE D 206 -9.66 -13.31 -26.43
CA PHE D 206 -8.38 -13.24 -27.13
C PHE D 206 -7.22 -12.85 -26.25
N PRO D 207 -6.00 -13.27 -26.63
CA PRO D 207 -4.82 -12.84 -25.87
C PRO D 207 -4.63 -11.33 -26.00
N ILE D 208 -4.09 -10.73 -24.94
CA ILE D 208 -3.79 -9.32 -24.91
C ILE D 208 -2.40 -9.17 -24.27
N PRO D 209 -1.43 -8.59 -24.99
CA PRO D 209 -0.12 -8.45 -24.41
C PRO D 209 0.00 -7.35 -23.35
N VAL D 210 0.86 -7.58 -22.35
CA VAL D 210 1.21 -6.54 -21.40
C VAL D 210 1.76 -5.35 -22.19
N GLY D 211 1.43 -4.14 -21.75
CA GLY D 211 1.73 -2.94 -22.53
C GLY D 211 0.49 -2.37 -23.22
N SER D 212 -0.54 -3.21 -23.37
CA SER D 212 -1.83 -2.79 -23.89
C SER D 212 -2.71 -2.14 -22.84
N VAL D 213 -3.70 -1.40 -23.30
CA VAL D 213 -4.78 -0.87 -22.46
C VAL D 213 -6.10 -1.18 -23.15
N VAL D 214 -7.07 -1.70 -22.39
CA VAL D 214 -8.41 -1.94 -22.92
C VAL D 214 -9.34 -0.84 -22.39
N ILE D 215 -10.02 -0.15 -23.29
CA ILE D 215 -11.04 0.82 -22.91
C ILE D 215 -12.37 0.24 -23.31
N ARG D 216 -13.32 0.20 -22.39
CA ARG D 216 -14.65 -0.28 -22.72
C ARG D 216 -15.76 0.45 -22.01
N ASP D 217 -16.92 0.47 -22.64
CA ASP D 217 -18.13 0.98 -22.04
C ASP D 217 -18.35 0.18 -20.75
N GLY D 218 -18.63 0.89 -19.66
CA GLY D 218 -18.83 0.24 -18.37
C GLY D 218 -20.03 -0.70 -18.36
N ARG D 219 -20.92 -0.54 -19.35
CA ARG D 219 -22.10 -1.40 -19.46
C ARG D 219 -21.88 -2.65 -20.35
N LEU D 220 -20.66 -2.85 -20.83
CA LEU D 220 -20.39 -4.00 -21.70
C LEU D 220 -20.54 -5.32 -20.94
N TRP D 221 -21.23 -6.27 -21.53
CA TRP D 221 -21.36 -7.60 -20.95
C TRP D 221 -20.00 -8.31 -21.11
N HIS D 222 -19.60 -8.99 -20.04
CA HIS D 222 -18.36 -9.73 -20.04
C HIS D 222 -18.37 -10.70 -18.87
N ARG D 223 -17.37 -11.57 -18.84
CA ARG D 223 -17.15 -12.42 -17.66
C ARG D 223 -15.71 -12.78 -17.53
N GLY D 224 -15.22 -12.76 -16.28
CA GLY D 224 -13.93 -13.35 -15.97
C GLY D 224 -14.07 -14.86 -16.06
N VAL D 225 -12.98 -15.53 -16.41
CA VAL D 225 -12.99 -16.95 -16.64
C VAL D 225 -11.85 -17.62 -15.88
N PRO D 226 -11.85 -18.97 -15.82
CA PRO D 226 -10.80 -19.65 -15.06
C PRO D 226 -9.38 -19.36 -15.54
N ASN D 227 -8.50 -19.12 -14.57
CA ASN D 227 -7.06 -19.06 -14.80
C ASN D 227 -6.56 -20.47 -14.59
N LEU D 228 -6.19 -21.10 -15.69
CA LEU D 228 -5.69 -22.47 -15.68
C LEU D 228 -4.16 -22.55 -15.74
N SER D 229 -3.46 -21.44 -15.52
CA SER D 229 -1.99 -21.41 -15.38
C SER D 229 -1.61 -21.58 -13.93
N ALA D 230 -0.31 -21.66 -13.67
CA ALA D 230 0.23 -21.76 -12.31
C ALA D 230 0.52 -20.43 -11.62
N ALA D 231 0.21 -19.32 -12.27
CA ALA D 231 0.57 -17.99 -11.77
C ALA D 231 -0.65 -17.09 -11.71
N PRO D 232 -0.78 -16.26 -10.64
CA PRO D 232 -1.83 -15.25 -10.58
C PRO D 232 -1.77 -14.27 -11.77
N ARG D 233 -2.94 -13.82 -12.24
CA ARG D 233 -3.07 -12.95 -13.40
C ARG D 233 -3.56 -11.57 -12.93
N PRO D 234 -2.64 -10.61 -12.77
CA PRO D 234 -3.06 -9.30 -12.27
C PRO D 234 -3.54 -8.34 -13.35
N LEU D 235 -4.64 -7.65 -13.04
CA LEU D 235 -5.16 -6.56 -13.84
C LEU D 235 -5.23 -5.31 -12.98
N LEU D 236 -4.79 -4.17 -13.50
CA LEU D 236 -5.02 -2.87 -12.85
C LEU D 236 -6.21 -2.25 -13.56
N ALA D 237 -7.12 -1.63 -12.81
CA ALA D 237 -8.41 -1.17 -13.33
C ALA D 237 -8.74 0.25 -12.90
N MET D 238 -9.12 1.08 -13.86
CA MET D 238 -9.59 2.42 -13.60
C MET D 238 -10.94 2.56 -14.28
N THR D 239 -11.70 3.58 -13.89
CA THR D 239 -12.99 3.88 -14.51
C THR D 239 -13.23 5.38 -14.55
N HIS D 240 -13.41 5.89 -15.77
CA HIS D 240 -13.72 7.28 -16.00
C HIS D 240 -15.23 7.44 -16.04
N TYR D 241 -15.74 8.47 -15.36
CA TYR D 241 -17.16 8.78 -15.31
C TYR D 241 -17.44 10.21 -15.73
N THR D 242 -18.63 10.46 -16.27
CA THR D 242 -19.13 11.83 -16.43
C THR D 242 -19.06 12.52 -15.08
N GLU D 243 -18.86 13.82 -15.08
CA GLU D 243 -18.67 14.58 -13.84
C GLU D 243 -19.87 14.49 -12.88
N TRP D 244 -21.06 14.30 -13.41
CA TRP D 244 -22.27 14.26 -12.60
C TRP D 244 -22.57 12.90 -11.93
N PHE D 245 -21.80 11.86 -12.21
CA PHE D 245 -22.06 10.57 -11.62
C PHE D 245 -21.37 10.46 -10.25
N ASP D 246 -22.15 10.18 -9.21
CA ASP D 246 -21.64 10.17 -7.86
C ASP D 246 -20.75 8.95 -7.57
N MET D 247 -19.51 9.22 -7.15
CA MET D 247 -18.56 8.20 -6.73
C MET D 247 -17.77 8.69 -5.53
N PRO D 248 -17.34 7.78 -4.63
CA PRO D 248 -16.40 8.21 -3.61
C PRO D 248 -15.03 8.56 -4.25
N PRO D 249 -14.28 9.47 -3.61
CA PRO D 249 -12.99 9.83 -4.18
C PRO D 249 -11.96 8.73 -3.98
N ILE D 250 -10.95 8.71 -4.83
CA ILE D 250 -9.78 7.87 -4.66
C ILE D 250 -8.88 8.54 -3.61
N GLN D 251 -8.47 7.81 -2.59
CA GLN D 251 -7.56 8.31 -1.56
C GLN D 251 -6.12 8.26 -2.06
N LEU D 252 -5.47 9.41 -2.16
CA LEU D 252 -4.10 9.51 -2.64
C LEU D 252 -3.23 10.28 -1.66
N PRO D 253 -1.92 9.96 -1.59
CA PRO D 253 -1.05 10.72 -0.69
C PRO D 253 -0.86 12.13 -1.26
N ASP D 254 -0.73 13.14 -0.38
CA ASP D 254 -0.60 14.51 -0.87
C ASP D 254 0.75 14.80 -1.57
N THR D 255 1.70 13.87 -1.49
CA THR D 255 2.91 13.95 -2.31
C THR D 255 2.70 13.84 -3.83
N VAL D 256 1.52 13.41 -4.30
CA VAL D 256 1.22 13.45 -5.75
C VAL D 256 0.23 14.58 -6.12
N LYS D 257 -0.16 15.40 -5.15
CA LYS D 257 -1.16 16.43 -5.40
C LYS D 257 -0.71 17.43 -6.47
N SER D 258 0.57 17.78 -6.45
CA SER D 258 1.10 18.78 -7.37
C SER D 258 0.84 18.43 -8.83
N TRP D 259 0.95 17.16 -9.22
CA TRP D 259 0.70 16.78 -10.62
C TRP D 259 -0.69 16.17 -10.89
N VAL D 260 -1.32 15.56 -9.89
CA VAL D 260 -2.68 15.03 -10.08
C VAL D 260 -3.70 16.17 -10.13
N ASP D 261 -3.69 17.01 -9.10
CA ASP D 261 -4.63 18.11 -8.99
C ASP D 261 -4.20 19.24 -9.93
N GLY D 262 -5.16 19.87 -10.61
CA GLY D 262 -4.84 20.92 -11.60
C GLY D 262 -4.38 20.45 -12.98
N SER D 263 -4.27 19.13 -13.21
CA SER D 263 -4.18 18.59 -14.57
C SER D 263 -5.54 18.78 -15.23
N ASP D 264 -5.58 18.97 -16.56
CA ASP D 264 -6.86 18.92 -17.29
CA ASP D 264 -6.84 18.92 -17.32
C ASP D 264 -7.37 17.47 -17.54
N ARG D 265 -6.62 16.49 -17.03
CA ARG D 265 -7.05 15.09 -17.00
C ARG D 265 -7.48 14.85 -15.56
N HIS D 266 -8.79 14.88 -15.35
CA HIS D 266 -9.33 14.99 -14.00
C HIS D 266 -9.38 13.65 -13.30
N THR D 267 -9.17 13.72 -12.00
CA THR D 267 -9.29 12.61 -11.08
C THR D 267 -10.15 13.07 -9.91
N HIS D 268 -11.10 12.24 -9.50
CA HIS D 268 -11.88 12.51 -8.29
C HIS D 268 -11.06 11.95 -7.13
N ALA D 269 -10.25 12.81 -6.53
CA ALA D 269 -9.27 12.40 -5.52
C ALA D 269 -9.43 13.14 -4.23
N HIS D 270 -9.09 12.47 -3.13
CA HIS D 270 -8.92 13.11 -1.84
C HIS D 270 -7.46 12.90 -1.40
N PHE D 271 -6.76 14.00 -1.12
CA PHE D 271 -5.33 13.93 -0.81
C PHE D 271 -5.09 13.92 0.70
N VAL D 272 -4.28 12.95 1.14
CA VAL D 272 -4.10 12.65 2.55
C VAL D 272 -2.66 12.96 2.95
N ALA D 273 -2.48 13.48 4.17
CA ALA D 273 -1.13 13.71 4.72
C ALA D 273 -0.58 12.37 5.19
N GLY D 274 0.67 12.10 4.90
CA GLY D 274 1.23 10.76 5.20
C GLY D 274 0.78 9.70 4.17
N ASP D 275 1.04 8.46 4.53
CA ASP D 275 0.85 7.33 3.63
C ASP D 275 -0.62 6.90 3.67
N VAL D 276 -1.14 6.45 2.53
CA VAL D 276 -2.45 5.81 2.47
C VAL D 276 -2.22 4.31 2.56
N ASP D 277 -3.00 3.61 3.39
CA ASP D 277 -3.12 2.14 3.28
C ASP D 277 -4.14 1.76 2.17
N HIS D 278 -3.64 1.51 0.97
CA HIS D 278 -4.45 0.95 -0.16
C HIS D 278 -5.21 -0.39 0.10
N LEU D 279 -4.66 -1.24 0.98
CA LEU D 279 -5.28 -2.52 1.47
C LEU D 279 -5.86 -2.40 2.90
N ALA E 3 -21.01 33.70 1.14
CA ALA E 3 -20.26 34.84 0.49
C ALA E 3 -19.85 34.50 -0.96
N MET E 4 -20.30 35.32 -1.91
CA MET E 4 -19.93 35.20 -3.33
C MET E 4 -18.96 36.30 -3.78
N ALA E 5 -19.09 37.50 -3.22
CA ALA E 5 -18.03 38.54 -3.26
C ALA E 5 -16.69 37.98 -2.72
N LEU E 6 -15.58 38.36 -3.35
CA LEU E 6 -14.27 37.87 -2.93
C LEU E 6 -13.72 38.66 -1.74
N ALA E 7 -13.08 37.95 -0.80
CA ALA E 7 -12.49 38.54 0.39
C ALA E 7 -10.99 38.74 0.28
N ALA E 8 -10.38 38.24 -0.79
CA ALA E 8 -8.94 38.34 -0.97
C ALA E 8 -8.62 38.15 -2.43
N PRO E 9 -7.38 38.52 -2.83
CA PRO E 9 -7.01 38.23 -4.22
C PRO E 9 -7.09 36.72 -4.50
N PRO E 10 -7.60 36.33 -5.67
CA PRO E 10 -7.67 34.89 -5.95
C PRO E 10 -6.29 34.23 -5.98
N GLY E 11 -6.21 33.03 -5.42
CA GLY E 11 -4.93 32.30 -5.29
C GLY E 11 -4.25 32.10 -6.62
N GLU E 12 -5.04 31.88 -7.68
CA GLU E 12 -4.50 31.68 -9.02
CA GLU E 12 -4.50 31.68 -9.02
C GLU E 12 -3.83 32.91 -9.65
N LEU E 13 -4.07 34.11 -9.09
CA LEU E 13 -3.45 35.35 -9.54
C LEU E 13 -2.40 35.93 -8.60
N THR E 14 -2.14 35.23 -7.50
CA THR E 14 -1.42 35.84 -6.37
C THR E 14 -0.13 35.11 -6.06
N LEU E 15 0.90 35.87 -5.77
CA LEU E 15 2.16 35.36 -5.24
C LEU E 15 2.46 36.15 -3.97
N ALA E 16 2.74 35.43 -2.90
CA ALA E 16 2.91 36.06 -1.58
C ALA E 16 4.36 36.18 -1.23
N LEU E 17 4.78 37.38 -0.87
CA LEU E 17 6.19 37.66 -0.58
C LEU E 17 6.29 38.36 0.75
N THR E 18 7.52 38.67 1.14
CA THR E 18 7.83 39.58 2.23
C THR E 18 8.67 40.75 1.63
N PRO E 19 8.76 41.91 2.32
CA PRO E 19 9.63 43.00 1.81
C PRO E 19 11.15 42.65 1.77
N ASP E 20 11.58 41.61 2.49
CA ASP E 20 12.97 41.12 2.42
C ASP E 20 13.29 40.27 1.18
N ASP E 21 12.28 39.75 0.50
CA ASP E 21 12.49 38.96 -0.71
C ASP E 21 12.92 39.92 -1.82
N LYS E 22 14.15 39.75 -2.31
CA LYS E 22 14.74 40.60 -3.33
C LYS E 22 14.69 39.95 -4.71
N THR E 23 14.52 38.64 -4.74
CA THR E 23 14.31 37.93 -5.98
C THR E 23 13.38 36.77 -5.75
N LEU E 24 12.62 36.43 -6.77
CA LEU E 24 11.86 35.20 -6.79
C LEU E 24 12.78 34.06 -7.15
N ASP E 25 12.57 32.91 -6.53
CA ASP E 25 13.28 31.70 -6.91
C ASP E 25 12.77 31.27 -8.30
N PRO E 26 13.50 30.38 -8.98
CA PRO E 26 13.09 30.01 -10.35
C PRO E 26 11.65 29.51 -10.50
N ALA E 27 11.17 28.68 -9.58
CA ALA E 27 9.81 28.15 -9.66
C ALA E 27 8.74 29.23 -9.49
N SER E 28 8.98 30.17 -8.56
CA SER E 28 8.08 31.32 -8.35
C SER E 28 8.08 32.28 -9.53
N LEU E 29 9.27 32.56 -10.08
CA LEU E 29 9.35 33.40 -11.27
C LEU E 29 8.58 32.77 -12.43
N ASP E 30 8.74 31.47 -12.63
CA ASP E 30 8.01 30.75 -13.68
C ASP E 30 6.51 30.88 -13.51
N ARG E 31 6.05 30.73 -12.27
CA ARG E 31 4.63 30.89 -11.93
C ARG E 31 4.15 32.32 -12.17
N ALA E 32 4.93 33.31 -11.74
CA ALA E 32 4.63 34.72 -12.00
C ALA E 32 4.39 34.98 -13.48
N LEU E 33 5.30 34.48 -14.31
CA LEU E 33 5.19 34.63 -15.75
C LEU E 33 4.01 33.86 -16.35
N ALA E 34 3.73 32.66 -15.85
CA ALA E 34 2.58 31.88 -16.34
C ALA E 34 1.26 32.60 -16.04
N ILE E 35 1.18 33.22 -14.88
CA ILE E 35 0.00 34.00 -14.48
C ILE E 35 -0.19 35.20 -15.41
N LEU E 36 0.89 35.95 -15.66
CA LEU E 36 0.82 37.09 -16.56
C LEU E 36 0.44 36.73 -17.98
N ALA E 37 0.98 35.63 -18.49
CA ALA E 37 0.67 35.20 -19.86
C ALA E 37 -0.79 34.74 -19.96
N GLU E 38 -1.25 33.95 -18.99
CA GLU E 38 -2.60 33.41 -19.06
C GLU E 38 -3.66 34.44 -18.67
N HIS E 39 -3.49 35.06 -17.51
CA HIS E 39 -4.51 35.94 -16.93
C HIS E 39 -4.30 37.42 -17.18
N GLY E 40 -3.06 37.83 -17.41
CA GLY E 40 -2.75 39.24 -17.70
C GLY E 40 -2.65 40.12 -16.48
N ILE E 41 -2.75 39.52 -15.30
CA ILE E 41 -2.73 40.24 -14.03
C ILE E 41 -2.16 39.34 -12.94
N LEU E 42 -1.25 39.92 -12.15
CA LEU E 42 -0.53 39.25 -11.11
C LEU E 42 -0.54 40.15 -9.89
N VAL E 43 -0.96 39.61 -8.76
CA VAL E 43 -0.96 40.33 -7.50
C VAL E 43 0.17 39.81 -6.61
N LEU E 44 1.05 40.71 -6.21
CA LEU E 44 2.18 40.39 -5.36
C LEU E 44 1.94 40.98 -3.98
N THR E 45 1.69 40.13 -3.00
CA THR E 45 1.38 40.61 -1.64
C THR E 45 2.67 40.72 -0.81
N GLY E 46 2.64 41.62 0.16
CA GLY E 46 3.75 41.79 1.10
C GLY E 46 5.05 42.31 0.50
N MET E 47 4.93 43.18 -0.51
CA MET E 47 6.11 43.71 -1.21
C MET E 47 6.75 44.93 -0.53
N LEU E 48 5.93 45.83 -0.02
CA LEU E 48 6.41 47.14 0.40
C LEU E 48 6.16 47.39 1.88
N ARG E 49 7.17 47.94 2.55
CA ARG E 49 7.08 48.27 3.95
C ARG E 49 6.11 49.42 4.21
N THR E 50 5.47 49.35 5.39
CA THR E 50 4.55 50.36 5.88
C THR E 50 5.16 51.74 5.89
N ARG E 51 6.44 51.84 6.24
CA ARG E 51 7.14 53.13 6.29
C ARG E 51 7.05 53.86 4.94
N LEU E 52 7.16 53.12 3.85
CA LEU E 52 7.12 53.72 2.52
C LEU E 52 5.71 54.05 2.11
N THR E 53 4.78 53.10 2.24
CA THR E 53 3.40 53.35 1.83
C THR E 53 2.73 54.43 2.67
N ASP E 54 3.02 54.48 3.98
CA ASP E 54 2.53 55.57 4.83
C ASP E 54 2.96 56.94 4.28
N GLN E 55 4.23 57.07 3.95
CA GLN E 55 4.76 58.37 3.48
C GLN E 55 4.13 58.77 2.15
N LEU E 56 3.98 57.81 1.25
CA LEU E 56 3.41 58.09 -0.07
C LEU E 56 1.93 58.43 0.04
N ARG E 57 1.20 57.68 0.87
CA ARG E 57 -0.22 57.94 1.09
C ARG E 57 -0.42 59.35 1.64
N THR E 58 0.38 59.68 2.66
CA THR E 58 0.30 61.00 3.31
C THR E 58 0.60 62.12 2.31
N ALA E 59 1.65 61.96 1.51
CA ALA E 59 2.01 62.99 0.54
C ALA E 59 0.90 63.20 -0.50
N MET E 60 0.29 62.12 -0.99
CA MET E 60 -0.76 62.24 -1.99
C MET E 60 -2.05 62.87 -1.43
N LEU E 61 -2.45 62.44 -0.24
CA LEU E 61 -3.60 63.05 0.44
C LEU E 61 -3.35 64.52 0.78
N ASP E 62 -2.15 64.87 1.19
CA ASP E 62 -1.79 66.27 1.42
C ASP E 62 -1.84 67.13 0.14
N ASP E 63 -1.53 66.54 -1.01
CA ASP E 63 -1.55 67.26 -2.29
C ASP E 63 -2.96 67.38 -2.90
N LEU E 64 -3.87 66.51 -2.48
CA LEU E 64 -5.18 66.45 -3.11
C LEU E 64 -5.95 67.78 -3.09
N PRO E 65 -5.91 68.53 -1.96
CA PRO E 65 -6.64 69.78 -1.97
C PRO E 65 -6.22 70.74 -3.09
N GLU E 66 -4.91 70.86 -3.34
CA GLU E 66 -4.43 71.70 -4.42
C GLU E 66 -4.92 71.21 -5.76
N VAL E 67 -4.92 69.89 -5.97
CA VAL E 67 -5.46 69.32 -7.21
C VAL E 67 -6.94 69.67 -7.40
N LEU E 68 -7.73 69.57 -6.33
CA LEU E 68 -9.17 69.79 -6.43
C LEU E 68 -9.56 71.26 -6.59
N ARG E 69 -8.67 72.17 -6.19
CA ARG E 69 -8.88 73.60 -6.36
C ARG E 69 -8.71 74.13 -7.76
N GLN E 70 -8.12 73.33 -8.69
CA GLN E 70 -7.96 73.92 -10.04
C GLN E 70 -9.31 74.07 -10.76
N GLN E 71 -9.31 74.89 -11.80
CA GLN E 71 -10.47 75.20 -12.66
C GLN E 71 -11.09 73.94 -13.22
N ASP E 72 -10.30 73.12 -13.91
CA ASP E 72 -10.78 71.87 -14.51
C ASP E 72 -10.00 70.71 -13.92
N VAL E 73 -10.66 69.96 -13.04
CA VAL E 73 -10.02 68.87 -12.35
C VAL E 73 -9.87 67.74 -13.37
N PRO E 74 -8.62 67.38 -13.72
CA PRO E 74 -8.40 66.35 -14.72
C PRO E 74 -8.86 64.97 -14.25
N THR E 75 -9.67 64.30 -15.06
CA THR E 75 -10.24 63.01 -14.70
C THR E 75 -9.99 61.95 -15.75
N ASN E 76 -9.98 60.71 -15.33
CA ASN E 76 -9.94 59.57 -16.25
C ASN E 76 -11.36 59.16 -16.61
N PHE E 77 -11.82 59.60 -17.78
CA PHE E 77 -13.13 59.23 -18.38
C PHE E 77 -14.38 59.85 -17.77
N VAL E 78 -14.55 59.74 -16.45
CA VAL E 78 -15.78 60.17 -15.79
C VAL E 78 -15.46 60.85 -14.44
N PRO E 79 -16.44 61.59 -13.87
CA PRO E 79 -16.18 62.27 -12.61
C PRO E 79 -15.70 61.38 -11.47
N GLY E 80 -14.74 61.91 -10.73
CA GLY E 80 -14.29 61.32 -9.47
C GLY E 80 -13.06 60.45 -9.58
N HIS E 81 -12.59 60.20 -10.80
CA HIS E 81 -11.37 59.44 -11.01
C HIS E 81 -10.29 60.45 -11.43
N VAL E 82 -9.64 61.04 -10.43
CA VAL E 82 -8.81 62.20 -10.61
C VAL E 82 -7.38 61.74 -10.95
N GLN E 83 -6.78 62.36 -11.97
CA GLN E 83 -5.40 62.11 -12.33
C GLN E 83 -4.55 62.89 -11.35
N GLN E 84 -3.61 62.23 -10.70
CA GLN E 84 -2.74 62.93 -9.73
C GLN E 84 -1.37 62.26 -9.71
N ASP E 85 -0.35 63.03 -10.04
CA ASP E 85 1.02 62.53 -9.96
C ASP E 85 1.52 62.60 -8.52
N PRO E 86 2.20 61.55 -8.05
CA PRO E 86 2.86 61.65 -6.75
C PRO E 86 4.06 62.59 -6.82
N PRO E 87 4.52 63.09 -5.66
CA PRO E 87 5.65 64.01 -5.70
C PRO E 87 6.92 63.34 -6.19
N VAL E 88 7.76 64.12 -6.84
CA VAL E 88 9.10 63.68 -7.22
C VAL E 88 10.12 64.50 -6.43
N ARG E 89 9.82 64.75 -5.16
CA ARG E 89 10.79 65.23 -4.20
C ARG E 89 11.67 64.06 -3.79
N GLU E 90 12.95 64.35 -3.59
CA GLU E 90 13.96 63.36 -3.25
C GLU E 90 13.57 62.51 -2.03
N SER E 91 13.00 63.15 -1.00
CA SER E 91 12.58 62.46 0.21
C SER E 91 11.42 61.49 0.01
N LEU E 92 10.73 61.56 -1.13
CA LEU E 92 9.60 60.65 -1.44
C LEU E 92 9.83 59.75 -2.66
N LEU E 93 11.09 59.69 -3.11
CA LEU E 93 11.46 58.78 -4.19
C LEU E 93 12.28 57.65 -3.59
N PHE E 94 11.71 56.46 -3.59
CA PHE E 94 12.26 55.31 -2.87
C PHE E 94 12.70 54.23 -3.84
N PRO E 95 13.96 53.75 -3.73
CA PRO E 95 14.40 52.66 -4.60
C PRO E 95 13.50 51.43 -4.64
N ASP E 96 12.93 51.05 -3.51
CA ASP E 96 12.06 49.87 -3.45
C ASP E 96 10.71 50.08 -4.14
N VAL E 97 10.33 51.32 -4.43
CA VAL E 97 9.15 51.63 -5.22
C VAL E 97 9.47 51.81 -6.72
N LEU E 98 10.42 52.70 -7.05
CA LEU E 98 10.76 53.00 -8.45
C LEU E 98 11.54 51.88 -9.14
N LEU E 99 12.39 51.21 -8.36
CA LEU E 99 13.32 50.21 -8.87
C LEU E 99 13.22 48.91 -8.08
N ASN E 100 12.00 48.45 -7.91
CA ASN E 100 11.77 47.28 -7.07
C ASN E 100 12.41 46.07 -7.72
N PRO E 101 13.27 45.34 -6.98
CA PRO E 101 13.97 44.22 -7.60
C PRO E 101 13.08 43.06 -8.09
N VAL E 102 12.01 42.75 -7.36
CA VAL E 102 11.08 41.71 -7.81
C VAL E 102 10.30 42.14 -9.04
N VAL E 103 9.80 43.37 -9.03
CA VAL E 103 9.08 43.91 -10.19
C VAL E 103 9.96 43.83 -11.44
N TYR E 104 11.18 44.34 -11.35
CA TYR E 104 12.09 44.31 -12.51
C TYR E 104 12.54 42.92 -12.92
N GLN E 105 12.63 41.98 -11.96
CA GLN E 105 12.92 40.59 -12.32
C GLN E 105 11.82 40.09 -13.28
N ILE E 106 10.58 40.39 -12.95
CA ILE E 106 9.44 39.99 -13.78
C ILE E 106 9.44 40.73 -15.11
N THR E 107 9.56 42.06 -15.08
CA THR E 107 9.47 42.84 -16.31
C THR E 107 10.68 42.55 -17.24
N HIS E 108 11.88 42.35 -16.69
CA HIS E 108 13.00 41.89 -17.51
C HIS E 108 12.70 40.57 -18.21
N ALA E 109 12.10 39.62 -17.50
CA ALA E 109 11.80 38.31 -18.08
C ALA E 109 10.71 38.36 -19.14
N VAL E 110 9.74 39.27 -19.00
CA VAL E 110 8.67 39.42 -19.98
C VAL E 110 9.09 40.31 -21.15
N LEU E 111 9.64 41.49 -20.84
CA LEU E 111 9.87 42.53 -21.83
C LEU E 111 11.32 42.64 -22.33
N GLY E 112 12.26 42.04 -21.63
CA GLY E 112 13.68 42.11 -21.99
C GLY E 112 14.47 42.96 -21.02
N ALA E 113 15.79 42.76 -21.04
CA ALA E 113 16.70 43.39 -20.08
C ALA E 113 16.77 44.91 -20.22
N ASP E 114 16.41 45.44 -21.39
CA ASP E 114 16.38 46.88 -21.62
C ASP E 114 15.00 47.49 -21.46
N ALA E 115 14.05 46.74 -20.91
CA ALA E 115 12.76 47.33 -20.57
C ALA E 115 12.97 48.49 -19.59
N ARG E 116 12.08 49.47 -19.63
CA ARG E 116 12.23 50.67 -18.81
C ARG E 116 10.92 51.21 -18.29
N ASN E 117 10.95 51.73 -17.07
CA ASN E 117 9.82 52.44 -16.52
C ASN E 117 9.76 53.82 -17.18
N ALA E 118 8.59 54.20 -17.67
CA ALA E 118 8.40 55.53 -18.25
C ALA E 118 7.17 56.29 -17.72
N VAL E 119 6.54 55.82 -16.64
CA VAL E 119 5.41 56.50 -16.03
C VAL E 119 5.61 56.52 -14.52
N TYR E 120 5.35 57.68 -13.91
CA TYR E 120 5.31 57.81 -12.46
C TYR E 120 4.13 58.70 -12.16
N SER E 121 2.97 58.07 -12.01
CA SER E 121 1.70 58.80 -11.96
C SER E 121 0.79 58.20 -10.92
N GLY E 122 -0.49 58.57 -10.97
CA GLY E 122 -1.44 58.08 -9.98
C GLY E 122 -2.88 58.40 -10.32
N ASN E 123 -3.78 57.69 -9.64
CA ASN E 123 -5.24 57.70 -9.87
C ASN E 123 -5.85 57.89 -8.46
N MET E 124 -6.43 59.06 -8.18
CA MET E 124 -7.13 59.33 -6.93
C MET E 124 -8.66 59.12 -7.14
N ASN E 125 -9.20 58.04 -6.57
CA ASN E 125 -10.61 57.72 -6.74
C ASN E 125 -11.41 58.33 -5.58
N LEU E 126 -12.19 59.39 -5.87
CA LEU E 126 -12.90 60.13 -4.81
C LEU E 126 -14.23 59.52 -4.41
N PRO E 127 -14.66 59.76 -3.16
CA PRO E 127 -16.02 59.38 -2.74
C PRO E 127 -17.08 59.89 -3.74
N GLY E 128 -17.99 59.00 -4.16
CA GLY E 128 -19.05 59.37 -5.09
C GLY E 128 -18.66 59.42 -6.56
N SER E 129 -17.50 58.83 -6.87
CA SER E 129 -17.04 58.70 -8.24
C SER E 129 -17.98 57.83 -9.06
N HIS E 130 -17.90 58.01 -10.37
CA HIS E 130 -18.79 57.30 -11.29
C HIS E 130 -18.10 56.03 -11.79
N GLU E 131 -18.84 55.22 -12.55
CA GLU E 131 -18.31 54.02 -13.19
C GLU E 131 -17.55 54.43 -14.47
N GLN E 132 -16.30 53.96 -14.62
CA GLN E 132 -15.56 54.17 -15.85
C GLN E 132 -16.06 53.16 -16.88
N PRO E 133 -15.94 53.48 -18.18
CA PRO E 133 -16.15 52.42 -19.16
C PRO E 133 -15.00 51.42 -19.09
N VAL E 134 -15.29 50.16 -19.43
CA VAL E 134 -14.23 49.17 -19.56
C VAL E 134 -13.29 49.59 -20.69
N HIS E 135 -11.99 49.61 -20.40
CA HIS E 135 -10.98 50.09 -21.34
C HIS E 135 -9.65 49.38 -21.11
N LEU E 136 -8.74 49.60 -22.05
CA LEU E 136 -7.33 49.24 -21.82
C LEU E 136 -6.57 50.55 -21.69
N ASP E 137 -5.55 50.55 -20.83
CA ASP E 137 -4.72 51.75 -20.64
C ASP E 137 -3.74 51.93 -21.79
N GLU E 138 -3.31 50.84 -22.40
CA GLU E 138 -2.39 50.89 -23.54
C GLU E 138 -2.93 50.00 -24.64
N PRO E 139 -2.92 50.48 -25.89
CA PRO E 139 -3.53 49.74 -26.96
C PRO E 139 -2.65 48.61 -27.52
N HIS E 140 -3.28 47.71 -28.26
CA HIS E 140 -2.56 46.81 -29.14
C HIS E 140 -1.96 47.67 -30.25
N LEU E 141 -0.86 47.23 -30.84
CA LEU E 141 -0.09 48.07 -31.75
C LEU E 141 -0.64 48.17 -33.17
N TRP E 142 -1.40 47.16 -33.59
CA TRP E 142 -2.16 47.20 -34.83
C TRP E 142 -3.50 46.51 -34.55
N PRO E 143 -4.57 46.94 -35.25
CA PRO E 143 -5.85 46.28 -35.09
C PRO E 143 -5.87 44.89 -35.72
N GLY E 144 -6.54 43.94 -35.08
CA GLY E 144 -6.75 42.60 -35.65
C GLY E 144 -5.55 41.68 -35.60
N ILE E 145 -4.51 42.05 -34.86
CA ILE E 145 -3.24 41.32 -34.83
C ILE E 145 -3.01 40.82 -33.40
N SER E 146 -2.61 39.56 -33.29
CA SER E 146 -2.19 38.98 -32.03
C SER E 146 -0.68 39.19 -31.86
N HIS E 147 -0.27 39.88 -30.79
CA HIS E 147 1.17 40.02 -30.54
C HIS E 147 1.48 39.97 -29.07
N PRO E 148 2.74 39.74 -28.71
CA PRO E 148 3.07 39.68 -27.28
C PRO E 148 3.02 41.03 -26.59
N PRO E 149 3.14 41.04 -25.26
CA PRO E 149 3.11 42.31 -24.52
C PRO E 149 4.31 43.21 -24.89
N TYR E 150 4.07 44.51 -24.90
CA TYR E 150 5.13 45.50 -24.97
C TYR E 150 5.14 46.42 -23.75
N CYS E 151 4.19 46.25 -22.83
CA CYS E 151 4.16 47.07 -21.63
C CYS E 151 3.45 46.39 -20.48
N LEU E 152 3.92 46.68 -19.27
CA LEU E 152 3.33 46.15 -18.03
C LEU E 152 3.07 47.31 -17.07
N CYS E 153 1.81 47.45 -16.65
CA CYS E 153 1.44 48.41 -15.62
C CYS E 153 1.83 47.85 -14.25
N VAL E 154 2.37 48.72 -13.41
CA VAL E 154 2.83 48.36 -12.06
C VAL E 154 2.06 49.31 -11.13
N ASP E 155 1.07 48.77 -10.44
CA ASP E 155 0.10 49.55 -9.65
C ASP E 155 0.35 49.31 -8.18
N VAL E 156 0.41 50.39 -7.42
CA VAL E 156 0.74 50.37 -6.00
C VAL E 156 -0.40 51.02 -5.21
N PRO E 157 -1.28 50.20 -4.61
CA PRO E 157 -2.32 50.82 -3.78
C PRO E 157 -1.70 51.45 -2.54
N LEU E 158 -2.17 52.62 -2.17
CA LEU E 158 -1.57 53.33 -1.05
C LEU E 158 -2.44 53.30 0.22
N ILE E 159 -3.61 52.67 0.12
CA ILE E 159 -4.39 52.22 1.27
C ILE E 159 -4.90 50.83 0.92
N ASP E 160 -5.48 50.15 1.89
CA ASP E 160 -6.18 48.90 1.62
C ASP E 160 -7.32 49.18 0.62
N PHE E 161 -7.32 48.46 -0.49
CA PHE E 161 -8.37 48.59 -1.48
C PHE E 161 -9.43 47.57 -1.12
N THR E 162 -10.68 47.99 -1.13
CA THR E 162 -11.80 47.15 -0.72
C THR E 162 -12.86 47.21 -1.81
N LEU E 163 -13.84 46.32 -1.72
CA LEU E 163 -14.98 46.35 -2.64
C LEU E 163 -15.79 47.61 -2.45
N GLU E 164 -15.78 48.18 -1.26
CA GLU E 164 -16.47 49.44 -0.99
C GLU E 164 -15.76 50.68 -1.58
N ASN E 165 -14.43 50.76 -1.48
CA ASN E 165 -13.70 52.01 -1.79
C ASN E 165 -13.10 52.09 -3.20
N GLY E 166 -13.50 51.18 -4.09
CA GLY E 166 -13.18 51.28 -5.52
C GLY E 166 -11.98 50.43 -5.95
N SER E 167 -11.80 49.24 -5.35
CA SER E 167 -10.91 48.26 -5.93
C SER E 167 -11.31 48.04 -7.39
N THR E 168 -10.33 48.02 -8.27
CA THR E 168 -10.57 48.04 -9.72
C THR E 168 -11.16 46.71 -10.22
N GLU E 169 -12.08 46.79 -11.16
CA GLU E 169 -12.59 45.60 -11.83
C GLU E 169 -11.62 45.17 -12.94
N TYR E 170 -11.18 43.92 -12.91
CA TYR E 170 -10.25 43.37 -13.89
C TYR E 170 -10.90 42.26 -14.69
N TRP E 171 -10.58 42.18 -15.98
CA TRP E 171 -11.10 41.13 -16.87
C TRP E 171 -9.97 40.14 -17.21
N PRO E 172 -9.85 39.05 -16.44
CA PRO E 172 -8.74 38.10 -16.67
C PRO E 172 -8.75 37.53 -18.07
N GLY E 173 -7.53 37.45 -18.64
CA GLY E 173 -7.34 36.84 -19.94
C GLY E 173 -7.65 37.78 -21.10
N SER E 174 -8.09 39.02 -20.81
CA SER E 174 -8.56 39.91 -21.85
C SER E 174 -7.45 40.58 -22.64
N HIS E 175 -6.23 40.51 -22.10
CA HIS E 175 -5.06 41.19 -22.67
C HIS E 175 -4.65 40.70 -24.06
N VAL E 176 -5.05 39.47 -24.41
CA VAL E 176 -4.75 38.91 -25.72
C VAL E 176 -5.83 39.16 -26.76
N LEU E 177 -6.95 39.79 -26.39
CA LEU E 177 -8.07 39.91 -27.31
C LEU E 177 -7.89 41.16 -28.15
N ASN E 178 -7.93 41.01 -29.47
CA ASN E 178 -7.78 42.16 -30.37
C ASN E 178 -8.46 41.91 -31.70
N PRO E 179 -9.77 41.56 -31.68
CA PRO E 179 -10.48 41.43 -32.94
C PRO E 179 -10.78 42.81 -33.54
N ASP E 180 -11.15 42.84 -34.81
CA ASP E 180 -11.50 44.08 -35.49
C ASP E 180 -12.71 44.77 -34.85
N GLU E 181 -12.73 46.10 -34.89
CA GLU E 181 -13.83 46.91 -34.37
C GLU E 181 -14.12 46.61 -32.88
N CYS E 182 -13.07 46.38 -32.11
CA CYS E 182 -13.18 46.05 -30.69
C CYS E 182 -12.98 47.28 -29.79
N TYR E 183 -12.15 48.22 -30.22
CA TYR E 183 -11.74 49.35 -29.43
C TYR E 183 -12.07 50.64 -30.14
N ASP E 184 -12.56 51.63 -29.40
CA ASP E 184 -12.73 52.96 -29.96
C ASP E 184 -11.42 53.72 -29.78
N GLU E 185 -11.40 54.95 -30.23
CA GLU E 185 -10.20 55.79 -30.21
C GLU E 185 -9.66 56.11 -28.81
N ARG E 186 -10.51 55.99 -27.77
CA ARG E 186 -10.08 56.22 -26.38
C ARG E 186 -9.61 54.95 -25.67
N GLY E 187 -9.55 53.83 -26.40
CA GLY E 187 -9.23 52.54 -25.81
C GLY E 187 -10.37 51.85 -25.06
N CYS E 188 -11.61 52.31 -25.26
CA CYS E 188 -12.77 51.67 -24.61
C CYS E 188 -13.22 50.48 -25.44
N VAL E 189 -13.65 49.43 -24.75
CA VAL E 189 -14.05 48.18 -25.36
C VAL E 189 -15.51 48.31 -25.78
N LEU E 190 -15.80 47.90 -27.01
CA LEU E 190 -17.13 47.94 -27.54
C LEU E 190 -18.10 47.07 -26.70
N PRO E 191 -19.32 47.58 -26.44
CA PRO E 191 -20.21 46.86 -25.51
C PRO E 191 -20.58 45.46 -25.97
N ALA E 192 -20.74 45.22 -27.26
CA ALA E 192 -21.01 43.88 -27.77
C ALA E 192 -19.88 42.90 -27.43
N GLU E 193 -18.63 43.34 -27.57
CA GLU E 193 -17.50 42.51 -27.25
C GLU E 193 -17.37 42.22 -25.76
N LEU E 194 -17.70 43.22 -24.95
CA LEU E 194 -17.68 43.09 -23.50
C LEU E 194 -18.64 41.99 -23.06
N GLU E 195 -19.85 42.01 -23.58
CA GLU E 195 -20.88 41.06 -23.18
C GLU E 195 -20.59 39.65 -23.69
N ARG E 196 -20.04 39.52 -24.89
CA ARG E 196 -19.57 38.22 -25.38
CA ARG E 196 -19.57 38.22 -25.37
C ARG E 196 -18.46 37.67 -24.48
N ARG E 197 -17.53 38.51 -24.10
CA ARG E 197 -16.43 38.07 -23.23
C ARG E 197 -16.94 37.70 -21.85
N ARG E 198 -17.90 38.45 -21.31
CA ARG E 198 -18.43 38.21 -19.96
C ARG E 198 -18.99 36.80 -19.81
N ALA E 199 -19.65 36.30 -20.85
CA ALA E 199 -20.22 34.95 -20.84
C ALA E 199 -19.16 33.84 -20.74
N VAL E 200 -17.95 34.11 -21.21
CA VAL E 200 -16.85 33.15 -21.25
C VAL E 200 -15.89 33.33 -20.06
N ALA E 201 -15.59 34.57 -19.68
CA ALA E 201 -14.59 34.85 -18.65
C ALA E 201 -14.99 36.15 -17.96
N PRO E 202 -15.90 36.06 -16.97
CA PRO E 202 -16.41 37.28 -16.36
C PRO E 202 -15.35 38.03 -15.58
N PRO E 203 -15.55 39.33 -15.36
CA PRO E 203 -14.57 40.09 -14.59
C PRO E 203 -14.57 39.71 -13.13
N VAL E 204 -13.49 40.10 -12.44
CA VAL E 204 -13.35 39.89 -11.00
C VAL E 204 -12.99 41.20 -10.33
N ARG E 205 -13.30 41.28 -9.05
CA ARG E 205 -12.98 42.46 -8.26
C ARG E 205 -12.72 41.95 -6.85
N PHE E 206 -11.67 42.43 -6.21
CA PHE E 206 -11.26 41.87 -4.91
C PHE E 206 -10.46 42.86 -4.06
N PRO E 207 -10.47 42.67 -2.74
CA PRO E 207 -9.61 43.50 -1.92
C PRO E 207 -8.14 43.26 -2.19
N ILE E 208 -7.36 44.34 -2.07
CA ILE E 208 -5.93 44.27 -2.21
C ILE E 208 -5.34 45.10 -1.07
N PRO E 209 -4.55 44.46 -0.19
CA PRO E 209 -3.98 45.21 0.93
C PRO E 209 -2.85 46.16 0.53
N VAL E 210 -2.74 47.28 1.23
CA VAL E 210 -1.59 48.17 1.06
C VAL E 210 -0.33 47.35 1.41
N GLY E 211 0.74 47.59 0.68
CA GLY E 211 1.94 46.75 0.73
C GLY E 211 2.04 45.87 -0.51
N SER E 212 0.92 45.65 -1.20
CA SER E 212 0.91 44.84 -2.42
C SER E 212 1.33 45.66 -3.64
N VAL E 213 1.69 44.94 -4.69
CA VAL E 213 1.93 45.52 -6.02
C VAL E 213 1.18 44.68 -7.03
N VAL E 214 0.44 45.31 -7.93
CA VAL E 214 -0.25 44.62 -9.00
C VAL E 214 0.55 44.86 -10.29
N ILE E 215 0.94 43.78 -10.96
CA ILE E 215 1.54 43.87 -12.27
C ILE E 215 0.53 43.34 -13.27
N ARG E 216 0.28 44.11 -14.32
CA ARG E 216 -0.61 43.63 -15.35
C ARG E 216 -0.22 44.07 -16.75
N ASP E 217 -0.62 43.27 -17.73
CA ASP E 217 -0.46 43.64 -19.12
C ASP E 217 -1.16 44.97 -19.34
N GLY E 218 -0.48 45.90 -19.99
CA GLY E 218 -1.06 47.22 -20.28
C GLY E 218 -2.33 47.17 -21.09
N ARG E 219 -2.52 46.06 -21.80
CA ARG E 219 -3.71 45.86 -22.64
C ARG E 219 -4.88 45.18 -21.93
N LEU E 220 -4.73 44.91 -20.64
CA LEU E 220 -5.80 44.24 -19.88
C LEU E 220 -7.02 45.14 -19.77
N TRP E 221 -8.19 44.56 -20.04
CA TRP E 221 -9.44 45.31 -19.88
C TRP E 221 -9.71 45.45 -18.39
N HIS E 222 -10.14 46.65 -18.01
CA HIS E 222 -10.46 46.93 -16.62
C HIS E 222 -11.30 48.19 -16.56
N ARG E 223 -11.84 48.47 -15.39
CA ARG E 223 -12.49 49.76 -15.16
C ARG E 223 -12.39 50.15 -13.70
N GLY E 224 -12.18 51.43 -13.47
CA GLY E 224 -12.37 52.00 -12.16
C GLY E 224 -13.85 52.04 -11.88
N VAL E 225 -14.21 51.91 -10.60
CA VAL E 225 -15.60 51.85 -10.19
C VAL E 225 -15.85 52.82 -9.02
N PRO E 226 -17.13 53.02 -8.66
CA PRO E 226 -17.44 53.98 -7.60
C PRO E 226 -16.79 53.68 -6.26
N ASN E 227 -16.22 54.73 -5.66
CA ASN E 227 -15.71 54.68 -4.29
C ASN E 227 -16.92 55.09 -3.42
N LEU E 228 -17.45 54.13 -2.69
CA LEU E 228 -18.59 54.35 -1.83
C LEU E 228 -18.23 54.57 -0.34
N SER E 229 -16.94 54.79 -0.04
CA SER E 229 -16.47 55.16 1.29
C SER E 229 -16.45 56.67 1.42
N ALA E 230 -16.12 57.15 2.61
CA ALA E 230 -15.95 58.59 2.88
C ALA E 230 -14.54 59.15 2.64
N ALA E 231 -13.62 58.33 2.16
CA ALA E 231 -12.21 58.70 2.05
C ALA E 231 -11.70 58.46 0.62
N PRO E 232 -10.89 59.39 0.09
CA PRO E 232 -10.24 59.18 -1.21
C PRO E 232 -9.35 57.90 -1.22
N ARG E 233 -9.30 57.22 -2.37
CA ARG E 233 -8.56 55.99 -2.55
C ARG E 233 -7.37 56.24 -3.50
N PRO E 234 -6.17 56.43 -2.94
CA PRO E 234 -5.03 56.72 -3.82
C PRO E 234 -4.32 55.50 -4.37
N LEU E 235 -3.99 55.54 -5.65
CA LEU E 235 -3.16 54.54 -6.33
C LEU E 235 -1.96 55.25 -6.93
N LEU E 236 -0.76 54.69 -6.74
CA LEU E 236 0.43 55.14 -7.45
C LEU E 236 0.64 54.18 -8.62
N ALA E 237 0.97 54.72 -9.79
CA ALA E 237 1.00 53.91 -11.03
C ALA E 237 2.29 54.14 -11.81
N MET E 238 2.90 53.04 -12.24
CA MET E 238 4.07 53.07 -13.09
C MET E 238 3.77 52.16 -14.28
N THR E 239 4.55 52.30 -15.35
CA THR E 239 4.40 51.45 -16.53
C THR E 239 5.74 51.18 -17.18
N HIS E 240 6.09 49.90 -17.28
CA HIS E 240 7.31 49.46 -17.91
C HIS E 240 7.03 49.16 -19.37
N TYR E 241 7.92 49.62 -20.25
CA TYR E 241 7.81 49.39 -21.70
C TYR E 241 9.06 48.76 -22.28
N THR E 242 8.88 48.01 -23.37
CA THR E 242 10.03 47.56 -24.17
C THR E 242 10.82 48.81 -24.57
N GLU E 243 12.12 48.66 -24.76
CA GLU E 243 12.97 49.82 -25.04
C GLU E 243 12.63 50.55 -26.32
N TRP E 244 12.05 49.82 -27.28
CA TRP E 244 11.71 50.41 -28.58
C TRP E 244 10.40 51.18 -28.64
N PHE E 245 9.61 51.18 -27.56
CA PHE E 245 8.34 51.91 -27.57
C PHE E 245 8.60 53.34 -27.11
N ASP E 246 8.23 54.30 -27.95
CA ASP E 246 8.53 55.69 -27.70
C ASP E 246 7.64 56.29 -26.59
N MET E 247 8.28 56.85 -25.56
CA MET E 247 7.58 57.57 -24.49
C MET E 247 8.35 58.82 -24.09
N PRO E 248 7.63 59.84 -23.61
CA PRO E 248 8.36 60.97 -23.00
C PRO E 248 9.03 60.54 -21.70
N PRO E 249 10.16 61.18 -21.34
CA PRO E 249 10.82 60.80 -20.12
C PRO E 249 10.08 61.30 -18.88
N ILE E 250 10.27 60.63 -17.76
CA ILE E 250 9.81 61.09 -16.46
C ILE E 250 10.77 62.18 -15.98
N GLN E 251 10.24 63.33 -15.56
CA GLN E 251 11.06 64.40 -15.01
C GLN E 251 11.39 64.13 -13.55
N LEU E 252 12.68 63.99 -13.23
CA LEU E 252 13.14 63.72 -11.86
C LEU E 252 14.20 64.74 -11.43
N PRO E 253 14.30 65.04 -10.13
CA PRO E 253 15.37 65.93 -9.67
C PRO E 253 16.73 65.24 -9.81
N ASP E 254 17.77 65.99 -10.12
CA ASP E 254 19.10 65.40 -10.27
C ASP E 254 19.72 64.89 -8.96
N THR E 255 19.11 65.23 -7.82
CA THR E 255 19.49 64.62 -6.54
C THR E 255 19.20 63.10 -6.42
N VAL E 256 18.42 62.52 -7.33
CA VAL E 256 18.28 61.04 -7.38
C VAL E 256 19.03 60.39 -8.55
N LYS E 257 19.76 61.18 -9.32
CA LYS E 257 20.45 60.68 -10.50
C LYS E 257 21.46 59.58 -10.16
N SER E 258 22.16 59.76 -9.06
CA SER E 258 23.22 58.83 -8.66
C SER E 258 22.72 57.39 -8.54
N TRP E 259 21.51 57.18 -8.02
CA TRP E 259 20.98 55.80 -7.91
C TRP E 259 19.97 55.39 -9.02
N VAL E 260 19.28 56.35 -9.62
CA VAL E 260 18.36 56.02 -10.72
C VAL E 260 19.15 55.69 -11.99
N ASP E 261 20.02 56.61 -12.39
CA ASP E 261 20.81 56.45 -13.60
C ASP E 261 21.95 55.46 -13.33
N GLY E 262 22.23 54.60 -14.30
CA GLY E 262 23.24 53.54 -14.11
C GLY E 262 22.83 52.30 -13.32
N SER E 263 21.59 52.24 -12.81
CA SER E 263 21.02 50.98 -12.32
C SER E 263 20.73 50.12 -13.55
N ASP E 264 20.82 48.79 -13.41
CA ASP E 264 20.34 47.87 -14.48
C ASP E 264 18.81 47.72 -14.50
N ARG E 265 18.13 48.44 -13.61
CA ARG E 265 16.67 48.58 -13.63
C ARG E 265 16.40 49.95 -14.21
N HIS E 266 16.07 49.95 -15.50
CA HIS E 266 16.12 51.20 -16.27
C HIS E 266 14.85 52.03 -16.07
N THR E 267 15.08 53.34 -16.08
CA THR E 267 14.04 54.33 -16.06
C THR E 267 14.33 55.29 -17.22
N HIS E 268 13.29 55.63 -17.98
CA HIS E 268 13.42 56.65 -19.00
C HIS E 268 13.18 57.98 -18.31
N ALA E 269 14.29 58.62 -17.89
CA ALA E 269 14.24 59.80 -17.03
C ALA E 269 14.98 60.96 -17.62
N HIS E 270 14.52 62.16 -17.30
CA HIS E 270 15.24 63.40 -17.56
C HIS E 270 15.48 64.07 -16.19
N PHE E 271 16.75 64.34 -15.88
CA PHE E 271 17.13 64.89 -14.59
C PHE E 271 17.25 66.41 -14.62
N VAL E 272 16.59 67.06 -13.67
CA VAL E 272 16.47 68.53 -13.61
C VAL E 272 17.27 69.06 -12.41
N ALA E 273 17.92 70.20 -12.60
CA ALA E 273 18.78 70.79 -11.57
C ALA E 273 18.08 71.26 -10.30
N GLY E 274 16.91 71.87 -10.44
CA GLY E 274 16.11 72.21 -9.25
C GLY E 274 15.21 71.06 -8.85
N ASP E 275 14.14 71.41 -8.10
CA ASP E 275 13.00 70.50 -7.92
C ASP E 275 12.12 70.50 -9.17
N VAL E 276 11.37 69.42 -9.38
CA VAL E 276 10.40 69.36 -10.47
C VAL E 276 8.98 69.61 -9.92
N MET F 4 -22.75 -16.82 -5.67
CA MET F 4 -24.09 -17.18 -5.15
C MET F 4 -24.17 -17.24 -3.62
N ALA F 5 -23.08 -17.67 -2.96
CA ALA F 5 -22.95 -17.57 -1.51
C ALA F 5 -23.15 -16.14 -0.98
N LEU F 6 -23.82 -15.97 0.15
CA LEU F 6 -24.07 -14.64 0.70
C LEU F 6 -22.86 -14.12 1.49
N ALA F 7 -22.57 -12.82 1.36
CA ALA F 7 -21.46 -12.17 2.06
C ALA F 7 -21.91 -11.37 3.26
N ALA F 8 -23.22 -11.24 3.47
CA ALA F 8 -23.74 -10.44 4.58
C ALA F 8 -25.18 -10.85 4.85
N PRO F 9 -25.72 -10.48 6.01
CA PRO F 9 -27.13 -10.76 6.24
C PRO F 9 -28.00 -10.11 5.16
N PRO F 10 -29.01 -10.82 4.64
CA PRO F 10 -29.85 -10.20 3.62
C PRO F 10 -30.60 -8.97 4.16
N GLY F 11 -30.70 -7.95 3.31
CA GLY F 11 -31.31 -6.66 3.69
C GLY F 11 -32.74 -6.83 4.18
N GLU F 12 -33.47 -7.76 3.58
CA GLU F 12 -34.86 -8.02 3.97
C GLU F 12 -35.05 -8.62 5.37
N LEU F 13 -33.98 -9.15 5.98
CA LEU F 13 -34.00 -9.69 7.34
C LEU F 13 -33.27 -8.83 8.36
N THR F 14 -32.73 -7.69 7.95
CA THR F 14 -31.73 -6.99 8.76
C THR F 14 -32.16 -5.59 9.11
N LEU F 15 -31.89 -5.20 10.36
CA LEU F 15 -32.01 -3.84 10.82
C LEU F 15 -30.66 -3.44 11.43
N ALA F 16 -30.14 -2.29 11.02
CA ALA F 16 -28.84 -1.83 11.49
C ALA F 16 -29.00 -0.82 12.60
N LEU F 17 -28.29 -1.05 13.69
CA LEU F 17 -28.33 -0.17 14.85
C LEU F 17 -26.92 0.21 15.24
N THR F 18 -26.82 1.03 16.29
CA THR F 18 -25.59 1.29 17.03
C THR F 18 -25.83 0.85 18.50
N PRO F 19 -24.75 0.61 19.29
CA PRO F 19 -24.97 0.31 20.71
C PRO F 19 -25.62 1.45 21.56
N ASP F 20 -25.62 2.68 21.06
CA ASP F 20 -26.31 3.82 21.72
C ASP F 20 -27.83 3.85 21.49
N ASP F 21 -28.33 3.13 20.47
CA ASP F 21 -29.77 3.08 20.22
C ASP F 21 -30.42 2.24 21.30
N LYS F 22 -31.27 2.86 22.11
CA LYS F 22 -31.93 2.23 23.25
C LYS F 22 -33.37 1.85 22.93
N THR F 23 -33.95 2.45 21.91
CA THR F 23 -35.25 2.04 21.41
C THR F 23 -35.27 2.24 19.90
N LEU F 24 -36.06 1.43 19.22
CA LEU F 24 -36.37 1.63 17.84
C LEU F 24 -37.45 2.68 17.73
N ASP F 25 -37.35 3.53 16.70
CA ASP F 25 -38.40 4.47 16.40
C ASP F 25 -39.61 3.68 15.87
N PRO F 26 -40.80 4.30 15.84
CA PRO F 26 -41.99 3.56 15.42
C PRO F 26 -41.90 2.85 14.07
N ALA F 27 -41.32 3.51 13.06
CA ALA F 27 -41.21 2.90 11.72
C ALA F 27 -40.27 1.68 11.70
N SER F 28 -39.15 1.77 12.44
CA SER F 28 -38.22 0.66 12.58
C SER F 28 -38.81 -0.51 13.37
N LEU F 29 -39.51 -0.20 14.45
CA LEU F 29 -40.20 -1.24 15.22
C LEU F 29 -41.21 -1.96 14.36
N ASP F 30 -42.00 -1.22 13.59
CA ASP F 30 -42.98 -1.82 12.68
C ASP F 30 -42.33 -2.77 11.69
N ARG F 31 -41.20 -2.32 11.13
CA ARG F 31 -40.44 -3.15 10.20
C ARG F 31 -39.88 -4.41 10.88
N ALA F 32 -39.31 -4.24 12.08
CA ALA F 32 -38.83 -5.39 12.88
C ALA F 32 -39.91 -6.45 13.05
N LEU F 33 -41.10 -6.00 13.44
CA LEU F 33 -42.24 -6.90 13.62
C LEU F 33 -42.72 -7.53 12.32
N ALA F 34 -42.73 -6.77 11.23
CA ALA F 34 -43.15 -7.34 9.93
C ALA F 34 -42.19 -8.44 9.47
N ILE F 35 -40.89 -8.24 9.72
CA ILE F 35 -39.87 -9.23 9.38
C ILE F 35 -40.08 -10.51 10.20
N LEU F 36 -40.28 -10.36 11.51
CA LEU F 36 -40.51 -11.52 12.37
C LEU F 36 -41.76 -12.29 12.01
N ALA F 37 -42.84 -11.60 11.68
CA ALA F 37 -44.09 -12.27 11.32
C ALA F 37 -43.94 -13.00 9.98
N GLU F 38 -43.35 -12.34 8.99
CA GLU F 38 -43.24 -12.94 7.67
C GLU F 38 -42.13 -14.01 7.59
N HIS F 39 -40.92 -13.64 8.01
CA HIS F 39 -39.74 -14.49 7.85
C HIS F 39 -39.36 -15.31 9.07
N GLY F 40 -39.75 -14.87 10.26
CA GLY F 40 -39.45 -15.62 11.49
C GLY F 40 -38.06 -15.42 12.04
N ILE F 41 -37.30 -14.53 11.41
CA ILE F 41 -35.92 -14.26 11.79
C ILE F 41 -35.56 -12.83 11.44
N LEU F 42 -34.92 -12.16 12.40
CA LEU F 42 -34.55 -10.76 12.31
C LEU F 42 -33.12 -10.66 12.81
N VAL F 43 -32.26 -10.05 12.00
CA VAL F 43 -30.87 -9.83 12.35
C VAL F 43 -30.66 -8.34 12.67
N LEU F 44 -30.18 -8.08 13.88
CA LEU F 44 -29.93 -6.73 14.35
C LEU F 44 -28.43 -6.52 14.45
N THR F 45 -27.88 -5.68 13.57
CA THR F 45 -26.44 -5.42 13.57
C THR F 45 -26.08 -4.24 14.47
N GLY F 46 -24.86 -4.26 14.98
CA GLY F 46 -24.31 -3.15 15.77
C GLY F 46 -24.99 -2.93 17.13
N MET F 47 -25.46 -4.00 17.75
CA MET F 47 -26.19 -3.93 19.01
C MET F 47 -25.30 -3.88 20.26
N LEU F 48 -24.21 -4.65 20.28
CA LEU F 48 -23.43 -4.87 21.49
C LEU F 48 -22.00 -4.41 21.35
N ARG F 49 -21.50 -3.73 22.38
CA ARG F 49 -20.14 -3.24 22.42
C ARG F 49 -19.13 -4.38 22.50
N THR F 50 -17.97 -4.13 21.90
CA THR F 50 -16.82 -5.02 21.89
C THR F 50 -16.41 -5.43 23.29
N ARG F 51 -16.47 -4.49 24.24
CA ARG F 51 -16.09 -4.76 25.61
C ARG F 51 -16.88 -5.91 26.22
N LEU F 52 -18.17 -5.98 25.89
CA LEU F 52 -19.03 -7.04 26.40
C LEU F 52 -18.79 -8.35 25.67
N THR F 53 -18.81 -8.32 24.35
CA THR F 53 -18.63 -9.55 23.59
C THR F 53 -17.25 -10.18 23.79
N ASP F 54 -16.19 -9.34 23.89
CA ASP F 54 -14.85 -9.84 24.22
C ASP F 54 -14.86 -10.62 25.53
N GLN F 55 -15.47 -10.05 26.57
CA GLN F 55 -15.46 -10.69 27.89
C GLN F 55 -16.23 -12.02 27.88
N LEU F 56 -17.37 -12.03 27.19
CA LEU F 56 -18.19 -13.23 27.12
C LEU F 56 -17.51 -14.32 26.31
N ARG F 57 -16.92 -13.93 25.18
CA ARG F 57 -16.17 -14.87 24.34
C ARG F 57 -15.04 -15.51 25.13
N THR F 58 -14.27 -14.66 25.81
CA THR F 58 -13.11 -15.12 26.60
C THR F 58 -13.55 -16.07 27.70
N ALA F 59 -14.63 -15.73 28.42
CA ALA F 59 -15.10 -16.59 29.50
C ALA F 59 -15.56 -17.97 28.98
N MET F 60 -16.27 -17.99 27.85
CA MET F 60 -16.75 -19.27 27.31
C MET F 60 -15.62 -20.13 26.76
N LEU F 61 -14.68 -19.53 26.04
CA LEU F 61 -13.50 -20.27 25.58
C LEU F 61 -12.63 -20.77 26.72
N ASP F 62 -12.48 -19.97 27.79
CA ASP F 62 -11.77 -20.42 28.99
C ASP F 62 -12.45 -21.60 29.69
N ASP F 63 -13.78 -21.65 29.64
CA ASP F 63 -14.54 -22.75 30.27
C ASP F 63 -14.57 -24.04 29.43
N LEU F 64 -14.33 -23.93 28.13
CA LEU F 64 -14.51 -25.06 27.25
C LEU F 64 -13.67 -26.29 27.63
N PRO F 65 -12.40 -26.12 28.03
CA PRO F 65 -11.65 -27.34 28.38
C PRO F 65 -12.32 -28.15 29.52
N GLU F 66 -12.78 -27.47 30.55
CA GLU F 66 -13.45 -28.14 31.65
C GLU F 66 -14.75 -28.82 31.15
N VAL F 67 -15.50 -28.17 30.27
CA VAL F 67 -16.70 -28.75 29.68
C VAL F 67 -16.38 -30.04 28.92
N LEU F 68 -15.28 -30.03 28.14
CA LEU F 68 -14.96 -31.20 27.34
C LEU F 68 -14.39 -32.36 28.12
N ARG F 69 -13.86 -32.09 29.32
CA ARG F 69 -13.35 -33.11 30.23
C ARG F 69 -14.44 -33.90 30.97
N GLN F 70 -15.69 -33.46 30.93
CA GLN F 70 -16.75 -34.15 31.67
CA GLN F 70 -16.76 -34.14 31.65
C GLN F 70 -17.03 -35.52 31.05
N GLN F 71 -17.65 -36.38 31.85
CA GLN F 71 -17.94 -37.78 31.51
C GLN F 71 -18.79 -37.90 30.24
N ASP F 72 -19.93 -37.20 30.22
CA ASP F 72 -20.78 -37.19 29.02
C ASP F 72 -20.94 -35.76 28.55
N VAL F 73 -20.28 -35.44 27.45
CA VAL F 73 -20.33 -34.08 26.91
C VAL F 73 -21.68 -33.92 26.25
N PRO F 74 -22.54 -33.04 26.78
CA PRO F 74 -23.86 -32.85 26.13
C PRO F 74 -23.72 -32.18 24.76
N THR F 75 -24.31 -32.79 23.75
CA THR F 75 -24.25 -32.28 22.38
CA THR F 75 -24.22 -32.30 22.38
C THR F 75 -25.62 -32.21 21.79
N ASN F 76 -25.85 -31.25 20.89
CA ASN F 76 -27.15 -31.11 20.23
C ASN F 76 -27.11 -31.94 18.94
N PHE F 77 -27.76 -33.11 19.00
CA PHE F 77 -28.01 -34.02 17.86
C PHE F 77 -26.82 -34.81 17.34
N VAL F 78 -25.70 -34.14 17.05
CA VAL F 78 -24.56 -34.78 16.39
C VAL F 78 -23.24 -34.23 16.98
N PRO F 79 -22.10 -34.94 16.73
CA PRO F 79 -20.85 -34.51 17.30
C PRO F 79 -20.47 -33.06 16.96
N GLY F 80 -19.93 -32.39 17.97
CA GLY F 80 -19.29 -31.09 17.79
C GLY F 80 -20.16 -29.91 18.10
N HIS F 81 -21.45 -30.13 18.39
CA HIS F 81 -22.36 -29.02 18.74
C HIS F 81 -22.63 -29.11 20.22
N VAL F 82 -21.75 -28.52 21.02
CA VAL F 82 -21.73 -28.75 22.46
C VAL F 82 -22.67 -27.73 23.14
N GLN F 83 -23.49 -28.20 24.08
CA GLN F 83 -24.29 -27.35 24.92
CA GLN F 83 -24.30 -27.26 24.87
C GLN F 83 -23.39 -26.79 26.01
N GLN F 84 -23.32 -25.49 26.16
CA GLN F 84 -22.44 -24.88 27.16
C GLN F 84 -23.09 -23.59 27.67
N ASP F 85 -23.33 -23.55 28.97
CA ASP F 85 -23.87 -22.35 29.60
C ASP F 85 -22.74 -21.34 29.84
N PRO F 86 -22.98 -20.05 29.54
CA PRO F 86 -22.02 -19.04 29.95
C PRO F 86 -22.03 -18.85 31.46
N PRO F 87 -20.98 -18.25 32.02
CA PRO F 87 -20.96 -18.08 33.47
C PRO F 87 -22.04 -17.15 33.95
N VAL F 88 -22.50 -17.41 35.16
CA VAL F 88 -23.44 -16.52 35.84
C VAL F 88 -22.74 -15.94 37.07
N ARG F 89 -21.46 -15.60 36.90
CA ARG F 89 -20.76 -14.75 37.85
C ARG F 89 -21.20 -13.32 37.61
N GLU F 90 -21.31 -12.58 38.71
CA GLU F 90 -21.76 -11.19 38.71
C GLU F 90 -20.99 -10.31 37.70
N SER F 91 -19.67 -10.47 37.65
CA SER F 91 -18.82 -9.70 36.75
C SER F 91 -19.05 -10.01 35.26
N LEU F 92 -19.76 -11.09 34.93
CA LEU F 92 -20.05 -11.44 33.54
C LEU F 92 -21.55 -11.42 33.19
N LEU F 93 -22.36 -10.84 34.07
CA LEU F 93 -23.78 -10.65 33.82
C LEU F 93 -24.01 -9.17 33.56
N PHE F 94 -24.37 -8.85 32.32
CA PHE F 94 -24.43 -7.47 31.85
C PHE F 94 -25.86 -7.10 31.50
N PRO F 95 -26.37 -5.97 32.06
CA PRO F 95 -27.73 -5.53 31.71
C PRO F 95 -27.99 -5.40 30.21
N ASP F 96 -27.02 -4.93 29.44
CA ASP F 96 -27.22 -4.79 27.99
C ASP F 96 -27.30 -6.11 27.21
N VAL F 97 -26.89 -7.21 27.85
CA VAL F 97 -27.05 -8.54 27.29
C VAL F 97 -28.33 -9.24 27.79
N LEU F 98 -28.52 -9.32 29.11
CA LEU F 98 -29.69 -10.00 29.70
C LEU F 98 -30.99 -9.25 29.54
N LEU F 99 -30.89 -7.91 29.60
CA LEU F 99 -32.05 -7.01 29.64
C LEU F 99 -31.92 -5.93 28.58
N ASN F 100 -31.59 -6.35 27.36
CA ASN F 100 -31.32 -5.38 26.30
C ASN F 100 -32.60 -4.63 25.96
N PRO F 101 -32.54 -3.29 25.99
CA PRO F 101 -33.77 -2.53 25.76
C PRO F 101 -34.43 -2.70 24.39
N VAL F 102 -33.63 -2.83 23.33
CA VAL F 102 -34.19 -3.05 21.99
C VAL F 102 -34.79 -4.46 21.87
N VAL F 103 -34.09 -5.45 22.38
CA VAL F 103 -34.61 -6.82 22.37
C VAL F 103 -35.97 -6.88 23.07
N TYR F 104 -36.05 -6.34 24.28
CA TYR F 104 -37.31 -6.35 25.03
C TYR F 104 -38.41 -5.48 24.41
N GLN F 105 -38.04 -4.41 23.73
CA GLN F 105 -39.03 -3.62 22.99
C GLN F 105 -39.72 -4.52 21.96
N ILE F 106 -38.93 -5.31 21.25
CA ILE F 106 -39.46 -6.22 20.25
C ILE F 106 -40.25 -7.36 20.90
N THR F 107 -39.67 -8.02 21.90
CA THR F 107 -40.37 -9.16 22.52
C THR F 107 -41.66 -8.72 23.25
N HIS F 108 -41.64 -7.55 23.92
CA HIS F 108 -42.88 -7.00 24.49
C HIS F 108 -43.97 -6.81 23.41
N ALA F 109 -43.59 -6.27 22.26
CA ALA F 109 -44.55 -6.01 21.19
C ALA F 109 -45.09 -7.28 20.56
N VAL F 110 -44.28 -8.34 20.48
CA VAL F 110 -44.73 -9.62 19.93
C VAL F 110 -45.45 -10.48 20.97
N LEU F 111 -44.84 -10.64 22.13
CA LEU F 111 -45.30 -11.60 23.13
C LEU F 111 -46.11 -11.04 24.28
N GLY F 112 -46.07 -9.72 24.47
CA GLY F 112 -46.78 -9.06 25.57
C GLY F 112 -45.82 -8.55 26.62
N ALA F 113 -46.33 -7.62 27.43
CA ALA F 113 -45.52 -6.91 28.43
C ALA F 113 -45.00 -7.82 29.53
N ASP F 114 -45.66 -8.95 29.75
CA ASP F 114 -45.23 -9.92 30.78
CA ASP F 114 -45.25 -9.91 30.78
C ASP F 114 -44.40 -11.07 30.19
N ALA F 115 -43.95 -10.95 28.94
CA ALA F 115 -43.00 -11.90 28.40
C ALA F 115 -41.74 -11.92 29.27
N ARG F 116 -41.08 -13.08 29.35
CA ARG F 116 -39.91 -13.23 30.22
C ARG F 116 -38.84 -14.11 29.61
N ASN F 117 -37.59 -13.73 29.87
CA ASN F 117 -36.46 -14.55 29.51
C ASN F 117 -36.39 -15.72 30.48
N ALA F 118 -36.27 -16.93 29.95
CA ALA F 118 -36.12 -18.12 30.80
C ALA F 118 -34.96 -19.05 30.39
N VAL F 119 -34.06 -18.58 29.51
CA VAL F 119 -32.89 -19.35 29.10
C VAL F 119 -31.68 -18.42 29.13
N TYR F 120 -30.58 -18.92 29.69
CA TYR F 120 -29.29 -18.24 29.61
C TYR F 120 -28.27 -19.33 29.37
N SER F 121 -28.09 -19.64 28.09
CA SER F 121 -27.34 -20.84 27.71
C SER F 121 -26.45 -20.50 26.53
N GLY F 122 -25.98 -21.54 25.85
CA GLY F 122 -25.05 -21.37 24.73
C GLY F 122 -24.84 -22.64 23.94
N ASN F 123 -24.31 -22.45 22.72
CA ASN F 123 -24.02 -23.49 21.73
C ASN F 123 -22.55 -23.27 21.31
N MET F 124 -21.66 -24.17 21.70
CA MET F 124 -20.26 -24.14 21.26
C MET F 124 -20.05 -25.09 20.07
N ASN F 125 -19.87 -24.53 18.87
CA ASN F 125 -19.71 -25.34 17.67
C ASN F 125 -18.21 -25.57 17.42
N LEU F 126 -17.76 -26.82 17.65
CA LEU F 126 -16.32 -27.15 17.58
C LEU F 126 -15.81 -27.40 16.17
N PRO F 127 -14.52 -27.15 15.93
CA PRO F 127 -13.88 -27.58 14.66
C PRO F 127 -14.14 -29.05 14.36
N GLY F 128 -14.53 -29.33 13.13
CA GLY F 128 -14.81 -30.72 12.69
C GLY F 128 -16.20 -31.21 13.04
N SER F 129 -17.08 -30.33 13.49
CA SER F 129 -18.43 -30.71 13.86
C SER F 129 -19.20 -31.22 12.65
N HIS F 130 -20.25 -31.98 12.93
CA HIS F 130 -21.09 -32.59 11.89
C HIS F 130 -22.29 -31.70 11.57
N GLU F 131 -23.06 -32.11 10.57
CA GLU F 131 -24.29 -31.42 10.19
C GLU F 131 -25.46 -31.86 11.09
N GLN F 132 -26.17 -30.91 11.69
CA GLN F 132 -27.36 -31.24 12.45
C GLN F 132 -28.52 -31.50 11.50
N PRO F 133 -29.51 -32.30 11.93
CA PRO F 133 -30.76 -32.33 11.19
C PRO F 133 -31.50 -31.01 11.33
N VAL F 134 -32.28 -30.66 10.32
CA VAL F 134 -33.15 -29.50 10.39
C VAL F 134 -34.22 -29.76 11.48
N HIS F 135 -34.35 -28.80 12.38
CA HIS F 135 -35.23 -28.91 13.54
C HIS F 135 -35.75 -27.54 13.96
N LEU F 136 -36.73 -27.56 14.87
CA LEU F 136 -37.13 -26.37 15.60
C LEU F 136 -36.66 -26.55 17.04
N ASP F 137 -36.25 -25.46 17.67
CA ASP F 137 -35.82 -25.50 19.07
C ASP F 137 -37.01 -25.60 20.01
N GLU F 138 -38.15 -25.02 19.62
CA GLU F 138 -39.36 -25.06 20.43
C GLU F 138 -40.52 -25.47 19.56
N PRO F 139 -41.37 -26.37 20.04
CA PRO F 139 -42.45 -26.90 19.21
C PRO F 139 -43.67 -25.99 19.13
N HIS F 140 -44.51 -26.26 18.17
CA HIS F 140 -45.88 -25.76 18.15
C HIS F 140 -46.62 -26.43 19.30
N LEU F 141 -47.62 -25.75 19.83
CA LEU F 141 -48.32 -26.20 21.05
C LEU F 141 -49.37 -27.23 20.85
N TRP F 142 -49.93 -27.30 19.64
CA TRP F 142 -50.79 -28.41 19.26
C TRP F 142 -50.44 -28.83 17.84
N PRO F 143 -50.53 -30.13 17.54
CA PRO F 143 -50.26 -30.55 16.15
C PRO F 143 -51.37 -30.11 15.19
N GLY F 144 -50.98 -29.71 13.98
CA GLY F 144 -51.97 -29.39 12.93
C GLY F 144 -52.68 -28.06 13.07
N ILE F 145 -52.23 -27.21 13.97
CA ILE F 145 -52.88 -25.95 14.31
C ILE F 145 -51.95 -24.79 14.02
N SER F 146 -52.49 -23.75 13.41
CA SER F 146 -51.78 -22.49 13.22
CA SER F 146 -51.78 -22.49 13.20
C SER F 146 -52.04 -21.59 14.41
N HIS F 147 -51.01 -21.17 15.12
CA HIS F 147 -51.18 -20.24 16.24
C HIS F 147 -50.05 -19.23 16.28
N PRO F 148 -50.24 -18.12 17.02
CA PRO F 148 -49.17 -17.13 17.06
C PRO F 148 -47.96 -17.58 17.85
N PRO F 149 -46.86 -16.80 17.78
CA PRO F 149 -45.67 -17.13 18.54
C PRO F 149 -45.92 -17.11 20.06
N TYR F 150 -45.26 -18.01 20.76
CA TYR F 150 -45.18 -17.95 22.22
C TYR F 150 -43.74 -17.82 22.72
N CYS F 151 -42.76 -17.83 21.81
CA CYS F 151 -41.37 -17.68 22.23
C CYS F 151 -40.50 -17.12 21.14
N LEU F 152 -39.49 -16.35 21.55
CA LEU F 152 -38.50 -15.78 20.64
C LEU F 152 -37.11 -16.11 21.15
N CYS F 153 -36.31 -16.79 20.33
CA CYS F 153 -34.91 -17.04 20.61
C CYS F 153 -34.13 -15.75 20.37
N VAL F 154 -33.19 -15.46 21.26
CA VAL F 154 -32.35 -14.27 21.19
C VAL F 154 -30.91 -14.80 21.21
N ASP F 155 -30.27 -14.78 20.04
CA ASP F 155 -28.99 -15.43 19.83
C ASP F 155 -27.92 -14.36 19.66
N VAL F 156 -26.81 -14.52 20.39
CA VAL F 156 -25.74 -13.57 20.44
C VAL F 156 -24.43 -14.24 20.01
N PRO F 157 -24.01 -14.04 18.75
CA PRO F 157 -22.72 -14.60 18.36
C PRO F 157 -21.59 -13.91 19.11
N LEU F 158 -20.62 -14.69 19.56
CA LEU F 158 -19.54 -14.13 20.35
C LEU F 158 -18.22 -14.03 19.58
N ILE F 159 -18.21 -14.49 18.33
CA ILE F 159 -17.20 -14.13 17.34
C ILE F 159 -17.94 -13.86 16.04
N ASP F 160 -17.23 -13.34 15.04
CA ASP F 160 -17.79 -13.23 13.68
C ASP F 160 -18.17 -14.62 13.19
N PHE F 161 -19.42 -14.80 12.81
CA PHE F 161 -19.90 -16.06 12.26
C PHE F 161 -19.71 -15.97 10.76
N THR F 162 -19.15 -17.01 10.17
CA THR F 162 -18.84 -17.03 8.73
C THR F 162 -19.41 -18.31 8.14
N LEU F 163 -19.44 -18.38 6.80
CA LEU F 163 -19.84 -19.60 6.12
C LEU F 163 -18.88 -20.76 6.43
N GLU F 164 -17.63 -20.44 6.71
N GLU F 164 -17.62 -20.45 6.71
CA GLU F 164 -16.66 -21.45 7.07
CA GLU F 164 -16.64 -21.48 7.07
C GLU F 164 -16.81 -21.99 8.51
C GLU F 164 -16.72 -21.99 8.53
N ASN F 165 -17.10 -21.13 9.49
CA ASN F 165 -17.04 -21.52 10.93
C ASN F 165 -18.39 -21.92 11.56
N GLY F 166 -19.41 -22.11 10.74
CA GLY F 166 -20.68 -22.65 11.20
C GLY F 166 -21.81 -21.67 11.47
N SER F 167 -21.86 -20.61 10.69
CA SER F 167 -23.05 -19.75 10.69
C SER F 167 -24.27 -20.65 10.39
N THR F 168 -25.32 -20.46 11.17
CA THR F 168 -26.47 -21.37 11.16
C THR F 168 -27.31 -21.27 9.87
N GLU F 169 -27.79 -22.40 9.37
CA GLU F 169 -28.72 -22.41 8.27
C GLU F 169 -30.14 -22.14 8.77
N TYR F 170 -30.81 -21.13 8.20
CA TYR F 170 -32.17 -20.76 8.58
C TYR F 170 -33.13 -20.98 7.43
N TRP F 171 -34.34 -21.42 7.76
CA TRP F 171 -35.42 -21.60 6.78
C TRP F 171 -36.47 -20.50 6.94
N PRO F 172 -36.35 -19.40 6.17
CA PRO F 172 -37.27 -18.27 6.34
C PRO F 172 -38.71 -18.67 6.10
N GLY F 173 -39.59 -18.16 6.97
CA GLY F 173 -41.02 -18.37 6.84
C GLY F 173 -41.50 -19.69 7.39
N SER F 174 -40.58 -20.52 7.90
CA SER F 174 -40.93 -21.89 8.31
C SER F 174 -41.64 -21.95 9.66
N HIS F 175 -41.57 -20.86 10.42
CA HIS F 175 -42.12 -20.78 11.76
C HIS F 175 -43.62 -20.96 11.86
N VAL F 176 -44.35 -20.70 10.77
CA VAL F 176 -45.79 -20.87 10.73
C VAL F 176 -46.24 -22.24 10.25
N LEU F 177 -45.32 -23.11 9.87
CA LEU F 177 -45.71 -24.38 9.24
C LEU F 177 -45.92 -25.41 10.33
N ASN F 178 -47.09 -26.05 10.32
CA ASN F 178 -47.40 -27.05 11.33
C ASN F 178 -48.41 -28.06 10.83
N PRO F 179 -48.11 -28.73 9.70
CA PRO F 179 -49.02 -29.79 9.24
C PRO F 179 -48.85 -31.03 10.11
N ASP F 180 -49.81 -31.95 10.02
CA ASP F 180 -49.74 -33.22 10.75
C ASP F 180 -48.53 -34.05 10.32
N GLU F 181 -48.02 -34.84 11.26
CA GLU F 181 -46.89 -35.75 11.03
C GLU F 181 -45.65 -35.02 10.48
N CYS F 182 -45.41 -33.79 10.94
CA CYS F 182 -44.30 -32.97 10.44
C CYS F 182 -43.04 -33.05 11.31
N TYR F 183 -43.23 -33.23 12.61
CA TYR F 183 -42.15 -33.16 13.59
C TYR F 183 -42.07 -34.44 14.37
N ASP F 184 -40.86 -34.93 14.61
CA ASP F 184 -40.68 -36.09 15.48
C ASP F 184 -40.54 -35.57 16.91
N GLU F 185 -40.36 -36.48 17.85
CA GLU F 185 -40.30 -36.14 19.27
C GLU F 185 -39.12 -35.24 19.66
N ARG F 186 -38.06 -35.20 18.84
CA ARG F 186 -36.90 -34.33 19.09
C ARG F 186 -37.01 -32.96 18.42
N GLY F 187 -38.15 -32.67 17.80
CA GLY F 187 -38.33 -31.45 17.04
C GLY F 187 -37.73 -31.44 15.64
N CYS F 188 -37.30 -32.60 15.12
CA CYS F 188 -36.74 -32.67 13.77
C CYS F 188 -37.85 -32.72 12.72
N VAL F 189 -37.60 -32.05 11.59
CA VAL F 189 -38.58 -31.92 10.54
C VAL F 189 -38.49 -33.14 9.64
N LEU F 190 -39.64 -33.73 9.33
CA LEU F 190 -39.72 -34.90 8.48
C LEU F 190 -39.15 -34.60 7.09
N PRO F 191 -38.38 -35.54 6.51
CA PRO F 191 -37.70 -35.24 5.23
C PRO F 191 -38.63 -34.86 4.08
N ALA F 192 -39.80 -35.47 3.99
CA ALA F 192 -40.77 -35.10 2.95
C ALA F 192 -41.20 -33.63 3.07
N GLU F 193 -41.44 -33.17 4.29
CA GLU F 193 -41.83 -31.79 4.52
C GLU F 193 -40.70 -30.79 4.21
N LEU F 194 -39.49 -31.20 4.54
CA LEU F 194 -38.30 -30.40 4.26
CA LEU F 194 -38.29 -30.42 4.26
C LEU F 194 -38.18 -30.13 2.76
N GLU F 195 -38.29 -31.20 1.97
CA GLU F 195 -38.12 -31.09 0.54
C GLU F 195 -39.27 -30.35 -0.16
N ARG F 196 -40.50 -30.52 0.31
CA ARG F 196 -41.60 -29.71 -0.17
C ARG F 196 -41.37 -28.22 0.13
N ARG F 197 -40.91 -27.91 1.33
CA ARG F 197 -40.66 -26.54 1.68
C ARG F 197 -39.51 -25.95 0.88
N ARG F 198 -38.45 -26.74 0.64
CA ARG F 198 -37.27 -26.27 -0.10
C ARG F 198 -37.63 -25.73 -1.47
N ALA F 199 -38.56 -26.39 -2.14
CA ALA F 199 -39.01 -25.99 -3.49
C ALA F 199 -39.68 -24.61 -3.51
N VAL F 200 -40.28 -24.22 -2.40
CA VAL F 200 -41.04 -22.97 -2.28
C VAL F 200 -40.21 -21.85 -1.63
N ALA F 201 -39.42 -22.19 -0.60
CA ALA F 201 -38.68 -21.19 0.16
C ALA F 201 -37.41 -21.82 0.69
N PRO F 202 -36.35 -21.87 -0.15
CA PRO F 202 -35.15 -22.57 0.24
C PRO F 202 -34.43 -21.90 1.43
N PRO F 203 -33.61 -22.66 2.16
CA PRO F 203 -32.92 -22.06 3.29
C PRO F 203 -31.84 -21.09 2.88
N VAL F 204 -31.40 -20.27 3.82
CA VAL F 204 -30.30 -19.33 3.62
C VAL F 204 -29.27 -19.48 4.72
N ARG F 205 -28.05 -19.06 4.44
CA ARG F 205 -26.98 -19.08 5.38
C ARG F 205 -26.07 -17.91 5.07
N PHE F 206 -25.66 -17.17 6.09
CA PHE F 206 -24.91 -15.92 5.85
C PHE F 206 -24.01 -15.55 7.01
N PRO F 207 -22.94 -14.79 6.74
CA PRO F 207 -22.12 -14.28 7.84
C PRO F 207 -22.90 -13.33 8.72
N ILE F 208 -22.57 -13.35 10.01
CA ILE F 208 -23.14 -12.46 10.99
C ILE F 208 -21.99 -11.94 11.87
N PRO F 209 -21.76 -10.63 11.88
CA PRO F 209 -20.65 -10.11 12.69
C PRO F 209 -20.94 -10.12 14.21
N VAL F 210 -19.89 -10.33 15.00
CA VAL F 210 -19.98 -10.16 16.45
C VAL F 210 -20.44 -8.73 16.72
N GLY F 211 -21.28 -8.56 17.73
CA GLY F 211 -21.97 -7.30 17.98
C GLY F 211 -23.43 -7.37 17.57
N SER F 212 -23.78 -8.32 16.70
CA SER F 212 -25.15 -8.51 16.26
C SER F 212 -25.96 -9.35 17.27
N VAL F 213 -27.26 -9.25 17.13
CA VAL F 213 -28.22 -10.11 17.85
C VAL F 213 -29.22 -10.64 16.84
N VAL F 214 -29.48 -11.94 16.88
CA VAL F 214 -30.49 -12.55 16.04
C VAL F 214 -31.70 -12.84 16.91
N ILE F 215 -32.86 -12.33 16.50
CA ILE F 215 -34.11 -12.65 17.15
C ILE F 215 -34.90 -13.52 16.19
N ARG F 216 -35.38 -14.66 16.67
CA ARG F 216 -36.18 -15.50 15.80
C ARG F 216 -37.28 -16.24 16.54
N ASP F 217 -38.34 -16.56 15.80
CA ASP F 217 -39.41 -17.39 16.32
C ASP F 217 -38.78 -18.71 16.76
N GLY F 218 -39.13 -19.15 17.96
CA GLY F 218 -38.58 -20.39 18.48
C GLY F 218 -38.96 -21.61 17.65
N ARG F 219 -39.99 -21.47 16.82
CA ARG F 219 -40.43 -22.55 15.94
C ARG F 219 -39.76 -22.55 14.56
N LEU F 220 -38.85 -21.63 14.33
CA LEU F 220 -38.16 -21.54 13.03
C LEU F 220 -37.31 -22.78 12.77
N TRP F 221 -37.44 -23.35 11.59
CA TRP F 221 -36.61 -24.47 11.18
C TRP F 221 -35.19 -23.93 10.92
N HIS F 222 -34.21 -24.67 11.40
CA HIS F 222 -32.81 -24.31 11.21
C HIS F 222 -31.96 -25.53 11.49
N ARG F 223 -30.67 -25.41 11.19
CA ARG F 223 -29.70 -26.43 11.57
C ARG F 223 -28.34 -25.83 11.75
N GLY F 224 -27.64 -26.29 12.79
CA GLY F 224 -26.22 -26.03 12.92
C GLY F 224 -25.48 -26.84 11.88
N VAL F 225 -24.35 -26.32 11.41
CA VAL F 225 -23.60 -26.95 10.34
C VAL F 225 -22.11 -27.04 10.72
N PRO F 226 -21.32 -27.76 9.90
CA PRO F 226 -19.91 -27.93 10.26
C PRO F 226 -19.10 -26.66 10.41
N ASN F 227 -18.31 -26.62 11.49
CA ASN F 227 -17.32 -25.57 11.69
C ASN F 227 -16.05 -26.13 11.06
N LEU F 228 -15.67 -25.55 9.93
CA LEU F 228 -14.49 -25.96 9.20
C LEU F 228 -13.26 -25.07 9.46
N SER F 229 -13.33 -24.20 10.48
CA SER F 229 -12.17 -23.43 10.96
C SER F 229 -11.42 -24.20 12.03
N ALA F 230 -10.33 -23.65 12.50
CA ALA F 230 -9.53 -24.20 13.62
C ALA F 230 -9.93 -23.70 15.00
N ALA F 231 -10.99 -22.88 15.08
CA ALA F 231 -11.37 -22.24 16.34
C ALA F 231 -12.83 -22.53 16.68
N PRO F 232 -13.12 -22.83 17.97
CA PRO F 232 -14.51 -23.00 18.41
C PRO F 232 -15.35 -21.74 18.16
N ARG F 233 -16.62 -21.93 17.82
CA ARG F 233 -17.55 -20.85 17.48
C ARG F 233 -18.60 -20.74 18.58
N PRO F 234 -18.42 -19.80 19.52
CA PRO F 234 -19.38 -19.70 20.62
C PRO F 234 -20.59 -18.82 20.30
N LEU F 235 -21.75 -19.30 20.71
CA LEU F 235 -23.01 -18.56 20.66
C LEU F 235 -23.56 -18.51 22.07
N LEU F 236 -24.02 -17.33 22.50
CA LEU F 236 -24.78 -17.18 23.73
C LEU F 236 -26.24 -17.14 23.34
N ALA F 237 -27.09 -17.84 24.09
CA ALA F 237 -28.51 -18.03 23.70
C ALA F 237 -29.45 -17.74 24.83
N MET F 238 -30.47 -16.94 24.54
CA MET F 238 -31.54 -16.67 25.47
C MET F 238 -32.84 -16.99 24.76
N THR F 239 -33.91 -17.13 25.51
CA THR F 239 -35.24 -17.37 24.93
C THR F 239 -36.32 -16.70 25.78
N HIS F 240 -37.07 -15.81 25.14
CA HIS F 240 -38.16 -15.12 25.78
C HIS F 240 -39.44 -15.91 25.50
N TYR F 241 -40.26 -16.07 26.54
CA TYR F 241 -41.53 -16.78 26.45
C TYR F 241 -42.69 -15.94 26.97
N THR F 242 -43.89 -16.20 26.46
CA THR F 242 -45.11 -15.69 27.08
C THR F 242 -45.11 -16.13 28.55
N GLU F 243 -45.71 -15.33 29.41
CA GLU F 243 -45.65 -15.58 30.85
CA GLU F 243 -45.62 -15.60 30.85
C GLU F 243 -46.28 -16.92 31.26
N TRP F 244 -47.25 -17.39 30.48
CA TRP F 244 -47.95 -18.63 30.80
C TRP F 244 -47.23 -19.93 30.39
N PHE F 245 -46.10 -19.84 29.68
CA PHE F 245 -45.41 -21.05 29.26
C PHE F 245 -44.47 -21.53 30.36
N ASP F 246 -44.65 -22.78 30.79
CA ASP F 246 -43.92 -23.30 31.93
C ASP F 246 -42.44 -23.59 31.57
N MET F 247 -41.53 -23.00 32.32
CA MET F 247 -40.11 -23.22 32.21
C MET F 247 -39.46 -23.23 33.59
N PRO F 248 -38.36 -24.00 33.75
CA PRO F 248 -37.62 -23.86 34.98
C PRO F 248 -36.93 -22.49 35.04
N PRO F 249 -36.71 -21.95 36.26
CA PRO F 249 -36.06 -20.66 36.33
C PRO F 249 -34.58 -20.75 36.02
N ILE F 250 -34.00 -19.64 35.59
CA ILE F 250 -32.55 -19.50 35.46
C ILE F 250 -31.99 -19.29 36.86
N GLN F 251 -30.97 -20.05 37.23
CA GLN F 251 -30.29 -19.87 38.52
C GLN F 251 -29.29 -18.72 38.42
N LEU F 252 -29.49 -17.68 39.22
CA LEU F 252 -28.61 -16.52 39.23
C LEU F 252 -28.12 -16.21 40.64
N PRO F 253 -26.92 -15.63 40.78
CA PRO F 253 -26.46 -15.22 42.09
C PRO F 253 -27.30 -14.07 42.62
N ASP F 254 -27.53 -14.03 43.92
CA ASP F 254 -28.34 -12.95 44.49
C ASP F 254 -27.66 -11.57 44.45
N THR F 255 -26.38 -11.52 44.13
CA THR F 255 -25.69 -10.25 43.86
C THR F 255 -26.18 -9.49 42.61
N VAL F 256 -26.95 -10.12 41.72
CA VAL F 256 -27.59 -9.39 40.60
C VAL F 256 -29.09 -9.17 40.81
N LYS F 257 -29.63 -9.59 41.96
CA LYS F 257 -31.06 -9.49 42.19
C LYS F 257 -31.58 -8.06 42.11
N SER F 258 -30.78 -7.13 42.64
CA SER F 258 -31.18 -5.72 42.70
C SER F 258 -31.55 -5.16 41.34
N TRP F 259 -30.83 -5.51 40.28
CA TRP F 259 -31.18 -5.00 38.93
C TRP F 259 -31.97 -5.97 38.04
N VAL F 260 -31.84 -7.28 38.26
CA VAL F 260 -32.63 -8.26 37.49
C VAL F 260 -34.09 -8.24 37.94
N ASP F 261 -34.31 -8.42 39.24
CA ASP F 261 -35.64 -8.47 39.81
C ASP F 261 -36.21 -7.05 39.90
N GLY F 262 -37.48 -6.89 39.59
CA GLY F 262 -38.10 -5.56 39.57
C GLY F 262 -37.83 -4.67 38.34
N SER F 263 -37.05 -5.14 37.37
CA SER F 263 -37.01 -4.51 36.04
C SER F 263 -38.34 -4.82 35.35
N ASP F 264 -38.82 -3.92 34.48
CA ASP F 264 -39.97 -4.27 33.60
C ASP F 264 -39.59 -5.15 32.40
N ARG F 265 -38.31 -5.51 32.32
CA ARG F 265 -37.81 -6.51 31.38
C ARG F 265 -37.63 -7.78 32.21
N HIS F 266 -38.61 -8.66 32.11
CA HIS F 266 -38.73 -9.75 33.08
C HIS F 266 -37.81 -10.92 32.76
N THR F 267 -37.35 -11.54 33.83
CA THR F 267 -36.58 -12.75 33.78
C THR F 267 -37.21 -13.76 34.74
N HIS F 268 -37.36 -15.00 34.33
CA HIS F 268 -37.79 -16.07 35.23
C HIS F 268 -36.55 -16.59 35.91
N ALA F 269 -36.26 -16.04 37.09
CA ALA F 269 -35.00 -16.30 37.81
C ALA F 269 -35.23 -16.83 39.20
N HIS F 270 -34.29 -17.64 39.67
CA HIS F 270 -34.19 -18.04 41.06
C HIS F 270 -32.83 -17.55 41.57
N PHE F 271 -32.84 -16.75 42.64
CA PHE F 271 -31.63 -16.10 43.14
C PHE F 271 -31.01 -16.90 44.30
N VAL F 272 -29.73 -17.20 44.19
CA VAL F 272 -29.04 -18.13 45.07
C VAL F 272 -27.96 -17.36 45.83
N ALA F 273 -27.73 -17.75 47.10
CA ALA F 273 -26.66 -17.17 47.91
C ALA F 273 -25.34 -17.80 47.45
N GLY F 274 -24.30 -16.99 47.29
CA GLY F 274 -23.05 -17.49 46.72
C GLY F 274 -23.08 -17.69 45.22
N ASP F 275 -22.03 -18.29 44.71
CA ASP F 275 -21.87 -18.54 43.28
C ASP F 275 -22.67 -19.74 42.84
N VAL F 276 -23.18 -19.66 41.62
CA VAL F 276 -23.86 -20.78 40.96
C VAL F 276 -22.82 -21.50 40.12
N ASP F 277 -22.83 -22.83 40.19
CA ASP F 277 -22.09 -23.66 39.21
C ASP F 277 -22.89 -23.80 37.88
N HIS F 278 -22.48 -23.05 36.85
CA HIS F 278 -23.00 -23.18 35.47
C HIS F 278 -22.52 -24.47 34.77
NI NI G . 2.60 31.41 21.23
S SO4 H . -0.71 34.33 24.23
O1 SO4 H . -0.67 34.02 25.69
O2 SO4 H . -1.98 34.96 23.81
O3 SO4 H . 0.38 35.27 23.95
O4 SO4 H . -0.52 33.12 23.37
S SO4 I . 6.11 29.38 50.97
O1 SO4 I . 6.23 29.24 52.45
O2 SO4 I . 5.15 30.47 50.64
O3 SO4 I . 7.46 29.67 50.41
O4 SO4 I . 5.59 28.13 50.38
S SO4 J . -15.38 27.68 43.39
O1 SO4 J . -14.03 28.05 43.84
O2 SO4 J . -16.25 28.87 43.47
O3 SO4 J . -15.32 27.17 42.00
O4 SO4 J . -15.89 26.62 44.29
I IOD K . 63.38 -19.76 -32.51
NI NI L . 44.15 -20.70 -26.14
S SO4 M . 42.69 -24.74 -22.83
O1 SO4 M . 43.33 -23.41 -22.96
O2 SO4 M . 41.26 -24.69 -22.49
O3 SO4 M . 42.83 -25.43 -24.13
O4 SO4 M . 43.34 -25.49 -21.73
S SO4 N . 14.83 -25.89 -23.92
O1 SO4 N . 15.50 -24.77 -23.23
O2 SO4 N . 13.39 -25.58 -23.97
O3 SO4 N . 15.34 -26.05 -25.29
O4 SO4 N . 15.08 -27.16 -23.21
S SO4 O . 21.93 -8.55 -10.34
O1 SO4 O . 20.93 -7.91 -11.24
O2 SO4 O . 21.30 -8.88 -9.04
O3 SO4 O . 23.07 -7.64 -10.10
O4 SO4 O . 22.40 -9.81 -10.97
NI NI P . -3.27 -35.39 4.97
S SO4 Q . -0.62 -31.05 3.18
O1 SO4 Q . -0.13 -29.82 3.85
O2 SO4 Q . -1.96 -30.94 2.59
O3 SO4 Q . 0.26 -31.40 2.04
O4 SO4 Q . -0.65 -32.16 4.16
S SO4 R . 12.26 -39.20 -20.22
O1 SO4 R . 11.89 -37.80 -19.88
O2 SO4 R . 11.02 -39.96 -20.53
O3 SO4 R . 13.16 -39.21 -21.40
O4 SO4 R . 13.00 -39.77 -19.07
S SO4 S . 23.50 -29.54 -5.91
O1 SO4 S . 23.55 -28.13 -5.46
O2 SO4 S . 22.18 -29.80 -6.48
O3 SO4 S . 24.48 -29.84 -6.96
O4 SO4 S . 23.79 -30.44 -4.76
S SO4 T . 16.27 -33.99 22.08
O1 SO4 T . 16.72 -32.59 22.25
O2 SO4 T . 15.15 -34.32 23.01
O3 SO4 T . 15.79 -34.20 20.69
O4 SO4 T . 17.41 -34.92 22.32
NI NI U . -16.56 -7.61 -14.45
S SO4 V . -11.78 -10.00 -15.24
O1 SO4 V . -10.63 -9.09 -14.96
O2 SO4 V . -12.96 -9.28 -15.79
O3 SO4 V . -11.35 -11.02 -16.22
O4 SO4 V . -12.20 -10.71 -14.00
S SO4 W . 7.09 5.59 -1.20
O1 SO4 W . 5.82 5.83 -0.48
O2 SO4 W . 8.17 6.36 -0.53
O3 SO4 W . 6.98 6.08 -2.60
O4 SO4 W . 7.42 4.15 -1.17
S SO4 X . -13.49 -2.79 -39.59
O1 SO4 X . -14.47 -3.83 -39.18
O2 SO4 X . -13.93 -1.46 -39.08
O3 SO4 X . -13.44 -2.73 -41.07
O4 SO4 X . -12.16 -3.14 -39.06
S SO4 Y . 11.66 0.30 -21.03
S SO4 Y . 9.45 -0.52 -23.62
O1 SO4 Y . 10.44 0.54 -20.26
O1 SO4 Y . 8.24 -1.08 -23.02
O2 SO4 Y . 12.30 1.59 -21.34
O2 SO4 Y . 10.28 0.12 -22.57
O3 SO4 Y . 11.33 -0.41 -22.29
O3 SO4 Y . 9.09 0.47 -24.64
O4 SO4 Y . 12.61 -0.54 -20.26
O4 SO4 Y . 10.21 -1.63 -24.22
NI NI Z . -7.44 52.40 -16.55
S SO4 AA . -8.45 52.60 -11.28
O1 SO4 AA . -7.29 53.11 -10.52
O2 SO4 AA . -9.15 53.75 -11.90
O3 SO4 AA . -8.00 51.73 -12.38
O4 SO4 AA . -9.39 51.86 -10.40
S SO4 BA . 12.69 67.05 -0.05
O1 SO4 BA . 11.36 66.87 0.57
O2 SO4 BA . 12.65 68.12 -1.08
O3 SO4 BA . 13.14 65.79 -0.70
O4 SO4 BA . 13.64 67.43 1.02
S SO4 CA . -2.08 28.00 -8.83
O1 SO4 CA . -3.14 28.22 -7.81
O2 SO4 CA . -1.85 29.25 -9.60
O3 SO4 CA . -0.82 27.60 -8.14
O4 SO4 CA . -2.49 26.93 -9.77
S SO4 DA . 6.38 46.22 7.57
O1 SO4 DA . 7.58 46.87 8.15
O2 SO4 DA . 5.39 47.25 7.20
O3 SO4 DA . 5.75 45.29 8.56
O4 SO4 DA . 6.78 45.43 6.38
I IOD EA . -19.01 -33.67 20.95
NI NI FA . -31.26 -25.52 17.12
S SO4 GA . -26.39 -23.52 16.14
O1 SO4 GA . -25.99 -22.65 17.26
O2 SO4 GA . -27.87 -23.45 15.92
O3 SO4 GA . -25.69 -23.08 14.90
O4 SO4 GA . -26.06 -24.93 16.46
S SO4 HA . -17.06 -12.55 39.97
O1 SO4 HA . -16.13 -11.73 40.77
O2 SO4 HA . -18.20 -11.73 39.52
O3 SO4 HA . -16.34 -13.09 38.80
O4 SO4 HA . -17.54 -13.67 40.82
S SO4 IA . -35.81 -8.19 48.07
O1 SO4 IA . -34.87 -7.08 48.08
O2 SO4 IA . -37.19 -7.64 47.99
O3 SO4 IA . -35.64 -9.06 49.27
O4 SO4 IA . -35.51 -8.97 46.86
S SO4 JA . -37.34 -4.71 2.48
O1 SO4 JA . -38.02 -4.10 3.64
O2 SO4 JA . -37.48 -3.83 1.30
O3 SO4 JA . -37.94 -6.04 2.18
O4 SO4 JA . -35.90 -4.86 2.80
S SO4 KA . -17.68 -0.60 20.40
O1 SO4 KA . -19.01 0.00 20.23
O2 SO4 KA . -17.24 -0.46 21.81
O3 SO4 KA . -16.71 0.07 19.50
O4 SO4 KA . -17.73 -2.04 20.06
#